data_9JOX
#
_entry.id   9JOX
#
_cell.length_a   1.00
_cell.length_b   1.00
_cell.length_c   1.00
_cell.angle_alpha   90.00
_cell.angle_beta   90.00
_cell.angle_gamma   90.00
#
_symmetry.space_group_name_H-M   'P 1'
#
loop_
_entity.id
_entity.type
_entity.pdbx_description
1 polymer 'Chloride pumping rhodopsin'
2 non-polymer RETINAL
3 non-polymer 'CHLORIDE ION'
4 non-polymer 1,2-DIACYL-SN-GLYCERO-3-PHOSPHOCHOLINE
5 non-polymer 'DIUNDECYL PHOSPHATIDYL CHOLINE'
6 non-polymer DODECANE
7 non-polymer HEXADECANE
8 non-polymer Octadecane
9 non-polymer TETRADECANE
10 water water
#
_entity_poly.entity_id   1
_entity_poly.type   'polypeptide(L)'
_entity_poly.pdbx_seq_one_letter_code
;GSSGSSGMKNIESLFDYSAGQFEFIDHLLTMGVGVHFAALIFFLVVSQFVAPKYRIATALSCIVMVSAGLILNSQAVMWT
DAYAYVDGSYQLQDLTFSNGYRYVNWMATIPCLLLQLLIVLNLKGKELFSTATWLILAAWGMIITGYVGQLYEVDDIAQL
MIWGAVSTAFFVVMNWIVGTKIFKNRATMLGGTDSTITKVFWLMMFAWTLYPIAYLVPAFMNNADGVVLRQLLFTIADIS
SKVIYGLMITYIAIQQSAAAGYVPAQQALGRIGMDSKAA
;
_entity_poly.pdbx_strand_id   A,B,C,D,E
#
# COMPACT_ATOMS: atom_id res chain seq x y z
N MET A 8 17.97 -30.99 3.67
CA MET A 8 18.19 -29.63 3.08
C MET A 8 18.40 -29.73 1.58
N LYS A 9 18.02 -28.65 0.88
CA LYS A 9 17.96 -28.65 -0.58
C LYS A 9 18.86 -27.58 -1.18
N ASN A 10 19.05 -26.49 -0.46
CA ASN A 10 19.85 -25.38 -0.95
C ASN A 10 21.08 -25.27 -0.07
N ILE A 11 22.21 -24.92 -0.69
CA ILE A 11 23.43 -24.71 0.05
C ILE A 11 23.40 -23.46 0.95
N GLU A 12 22.44 -22.55 0.75
CA GLU A 12 22.36 -21.42 1.66
C GLU A 12 22.19 -21.94 3.09
N SER A 13 21.36 -22.97 3.23
CA SER A 13 21.06 -23.54 4.54
C SER A 13 22.20 -24.39 5.11
N LEU A 14 23.29 -24.63 4.38
CA LEU A 14 24.37 -25.43 4.93
C LEU A 14 25.39 -24.62 5.72
N PHE A 15 25.50 -23.30 5.54
CA PHE A 15 26.64 -22.59 6.09
C PHE A 15 26.26 -21.67 7.24
N ASP A 16 27.32 -21.19 7.92
CA ASP A 16 27.25 -20.06 8.82
C ASP A 16 27.86 -18.85 8.14
N TYR A 17 27.55 -17.65 8.65
CA TYR A 17 28.01 -16.45 7.95
C TYR A 17 28.56 -15.48 8.99
N SER A 18 29.68 -14.87 8.66
CA SER A 18 30.17 -13.66 9.30
C SER A 18 29.14 -12.53 9.25
N ALA A 19 29.18 -11.65 10.26
CA ALA A 19 28.34 -10.45 10.24
C ALA A 19 28.46 -9.68 8.93
N GLY A 20 29.65 -9.64 8.35
CA GLY A 20 29.85 -8.91 7.11
C GLY A 20 29.16 -9.59 5.93
N GLN A 21 29.41 -10.88 5.74
CA GLN A 21 28.70 -11.64 4.73
C GLN A 21 27.18 -11.57 4.94
N PHE A 22 26.76 -11.86 6.15
CA PHE A 22 25.34 -11.85 6.38
C PHE A 22 24.77 -10.46 6.12
N GLU A 23 25.47 -9.40 6.52
CA GLU A 23 24.90 -8.06 6.38
C GLU A 23 24.86 -7.63 4.91
N PHE A 24 25.90 -8.00 4.16
CA PHE A 24 25.97 -7.66 2.74
C PHE A 24 24.76 -8.24 2.01
N ILE A 25 24.51 -9.52 2.19
CA ILE A 25 23.37 -10.15 1.55
C ILE A 25 22.07 -9.45 1.98
N ASP A 26 21.91 -9.08 3.24
CA ASP A 26 20.68 -8.36 3.58
C ASP A 26 20.61 -7.00 2.90
N HIS A 27 21.77 -6.34 2.71
CA HIS A 27 21.80 -5.07 2.01
C HIS A 27 21.37 -5.27 0.55
N LEU A 28 21.93 -6.25 -0.15
CA LEU A 28 21.50 -6.49 -1.52
C LEU A 28 20.00 -6.78 -1.60
N LEU A 29 19.48 -7.73 -0.83
CA LEU A 29 18.08 -8.04 -0.94
C LEU A 29 17.25 -6.79 -0.67
N THR A 30 17.60 -5.99 0.31
CA THR A 30 16.74 -4.86 0.63
C THR A 30 16.69 -3.83 -0.49
N MET A 31 17.80 -3.67 -1.17
CA MET A 31 17.89 -2.69 -2.23
C MET A 31 17.03 -3.10 -3.41
N GLY A 32 17.20 -4.34 -3.84
CA GLY A 32 16.33 -4.94 -4.84
C GLY A 32 14.85 -4.63 -4.63
N VAL A 33 14.36 -4.80 -3.43
CA VAL A 33 12.94 -4.56 -3.24
C VAL A 33 12.56 -3.15 -3.63
N GLY A 34 13.38 -2.17 -3.29
CA GLY A 34 12.95 -0.79 -3.44
C GLY A 34 13.15 -0.26 -4.87
N VAL A 35 14.21 -0.71 -5.53
CA VAL A 35 14.34 -0.43 -6.94
C VAL A 35 13.11 -0.92 -7.73
N HIS A 36 12.59 -2.12 -7.47
CA HIS A 36 11.45 -2.60 -8.23
C HIS A 36 10.21 -1.79 -7.93
N PHE A 37 9.91 -1.51 -6.68
CA PHE A 37 8.74 -0.69 -6.39
C PHE A 37 8.94 0.76 -6.86
N ALA A 38 10.15 1.25 -6.91
CA ALA A 38 10.36 2.61 -7.39
C ALA A 38 10.11 2.68 -8.89
N ALA A 39 10.79 1.84 -9.65
CA ALA A 39 10.54 1.76 -11.08
C ALA A 39 9.05 1.62 -11.37
N LEU A 40 8.28 0.93 -10.56
CA LEU A 40 6.84 0.91 -10.78
C LEU A 40 6.29 2.33 -10.89
N ILE A 41 6.56 3.22 -9.96
CA ILE A 41 5.94 4.53 -10.02
C ILE A 41 6.39 5.22 -11.32
N PHE A 42 7.64 5.08 -11.68
CA PHE A 42 8.07 5.73 -12.89
C PHE A 42 7.32 5.24 -14.14
N PHE A 43 7.17 3.93 -14.31
CA PHE A 43 6.44 3.41 -15.45
C PHE A 43 5.00 3.92 -15.46
N LEU A 44 4.40 4.14 -14.29
CA LEU A 44 3.03 4.61 -14.29
C LEU A 44 3.00 6.05 -14.81
N VAL A 45 3.86 6.91 -14.29
CA VAL A 45 3.86 8.32 -14.69
C VAL A 45 4.16 8.54 -16.17
N VAL A 46 5.11 7.82 -16.75
CA VAL A 46 5.44 8.09 -18.14
C VAL A 46 4.60 7.24 -19.10
N SER A 47 3.73 6.38 -18.60
CA SER A 47 2.91 5.62 -19.54
C SER A 47 2.07 6.54 -20.43
N GLN A 48 1.75 7.73 -19.93
CA GLN A 48 0.86 8.64 -20.64
C GLN A 48 1.49 9.25 -21.89
N PHE A 49 2.80 9.15 -22.04
CA PHE A 49 3.44 9.62 -23.24
C PHE A 49 3.60 8.50 -24.24
N VAL A 50 3.01 7.35 -24.04
CA VAL A 50 3.19 6.30 -25.03
C VAL A 50 1.88 6.21 -25.79
N ALA A 51 1.94 6.12 -27.11
CA ALA A 51 0.71 5.90 -27.87
C ALA A 51 0.00 4.60 -27.49
N PRO A 52 -1.34 4.57 -27.46
CA PRO A 52 -2.14 3.40 -27.09
C PRO A 52 -1.75 2.07 -27.72
N LYS A 53 -1.37 2.13 -29.01
CA LYS A 53 -0.88 0.99 -29.75
C LYS A 53 0.30 0.30 -29.02
N TYR A 54 1.09 1.05 -28.23
CA TYR A 54 2.23 0.48 -27.53
C TYR A 54 2.11 0.49 -26.01
N ARG A 55 1.02 1.00 -25.46
CA ARG A 55 0.90 1.14 -24.03
C ARG A 55 0.91 -0.19 -23.26
N ILE A 56 0.54 -1.28 -23.91
CA ILE A 56 0.55 -2.59 -23.28
C ILE A 56 1.99 -2.93 -22.90
N ALA A 57 2.96 -2.49 -23.67
CA ALA A 57 4.35 -2.82 -23.42
C ALA A 57 4.76 -2.22 -22.10
N THR A 58 4.31 -1.00 -21.83
CA THR A 58 4.61 -0.34 -20.57
C THR A 58 3.82 -1.01 -19.44
N ALA A 59 2.58 -1.42 -19.69
CA ALA A 59 1.80 -2.04 -18.64
C ALA A 59 2.46 -3.37 -18.24
N LEU A 60 3.02 -4.10 -19.19
CA LEU A 60 3.74 -5.32 -18.86
C LEU A 60 4.94 -5.05 -17.93
N SER A 61 5.63 -3.94 -18.08
CA SER A 61 6.68 -3.63 -17.11
C SER A 61 6.10 -3.45 -15.71
N CYS A 62 4.94 -2.81 -15.59
CA CYS A 62 4.35 -2.65 -14.28
C CYS A 62 4.08 -4.03 -13.66
N ILE A 63 3.55 -4.97 -14.43
CA ILE A 63 3.32 -6.29 -13.86
C ILE A 63 4.64 -6.82 -13.29
N VAL A 64 5.68 -6.86 -14.12
CA VAL A 64 6.94 -7.44 -13.70
C VAL A 64 7.48 -6.69 -12.49
N MET A 65 7.42 -5.37 -12.43
CA MET A 65 7.96 -4.72 -11.24
C MET A 65 7.24 -5.18 -9.97
N VAL A 66 5.91 -5.28 -9.97
CA VAL A 66 5.21 -5.63 -8.73
C VAL A 66 5.49 -7.09 -8.32
N SER A 67 5.39 -8.00 -9.27
CA SER A 67 5.65 -9.40 -9.02
C SER A 67 7.06 -9.65 -8.46
N ALA A 68 8.08 -9.23 -9.16
CA ALA A 68 9.45 -9.37 -8.71
C ALA A 68 9.68 -8.58 -7.42
N GLY A 69 9.15 -7.39 -7.29
CA GLY A 69 9.28 -6.71 -6.02
C GLY A 69 8.80 -7.53 -4.85
N LEU A 70 7.57 -8.08 -4.95
CA LEU A 70 7.02 -8.83 -3.82
C LEU A 70 7.80 -10.12 -3.50
N ILE A 71 8.40 -10.78 -4.48
CA ILE A 71 9.24 -11.92 -4.22
C ILE A 71 10.45 -11.46 -3.45
N LEU A 72 11.15 -10.45 -3.95
CA LEU A 72 12.31 -10.00 -3.24
C LEU A 72 11.93 -9.66 -1.81
N ASN A 73 10.74 -9.11 -1.61
CA ASN A 73 10.44 -8.70 -0.27
C ASN A 73 10.29 -9.90 0.66
N SER A 74 9.72 -10.99 0.16
CA SER A 74 9.69 -12.25 0.88
C SER A 74 11.08 -12.80 1.14
N GLN A 75 11.93 -12.95 0.10
CA GLN A 75 13.24 -13.47 0.35
C GLN A 75 13.88 -12.68 1.48
N ALA A 76 13.68 -11.38 1.50
CA ALA A 76 14.46 -10.56 2.40
C ALA A 76 14.00 -10.77 3.84
N VAL A 77 12.70 -10.93 4.05
CA VAL A 77 12.20 -11.30 5.36
C VAL A 77 12.62 -12.69 5.81
N MET A 78 12.60 -13.65 4.92
CA MET A 78 12.98 -14.99 5.21
C MET A 78 14.44 -15.01 5.64
N TRP A 79 15.31 -14.21 5.04
CA TRP A 79 16.73 -14.26 5.34
C TRP A 79 16.98 -13.85 6.80
N THR A 80 16.31 -12.81 7.20
CA THR A 80 16.51 -12.31 8.53
C THR A 80 15.84 -13.23 9.55
N ASP A 81 14.76 -13.94 9.15
CA ASP A 81 14.02 -14.83 10.04
C ASP A 81 14.68 -16.19 10.18
N ALA A 82 15.35 -16.65 9.15
CA ALA A 82 15.95 -17.96 9.20
C ALA A 82 17.22 -17.98 10.03
N TYR A 83 17.88 -16.83 10.24
CA TYR A 83 19.17 -16.86 10.92
C TYR A 83 19.19 -15.94 12.13
N ALA A 84 20.07 -16.29 13.10
CA ALA A 84 20.28 -15.51 14.30
C ALA A 84 21.73 -15.41 14.58
N TYR A 85 22.13 -14.30 15.23
CA TYR A 85 23.53 -14.09 15.57
C TYR A 85 23.81 -14.75 16.91
N VAL A 86 24.71 -15.73 16.92
CA VAL A 86 24.86 -16.59 18.09
C VAL A 86 26.30 -17.08 18.10
N ASP A 87 27.08 -16.55 19.07
CA ASP A 87 28.51 -16.86 19.20
C ASP A 87 29.29 -16.32 18.00
N GLY A 88 29.06 -15.02 17.72
CA GLY A 88 29.82 -14.30 16.71
C GLY A 88 29.66 -14.82 15.28
N SER A 89 28.56 -15.53 14.99
CA SER A 89 28.22 -15.85 13.62
C SER A 89 26.71 -16.00 13.48
N TYR A 90 26.26 -15.83 12.24
CA TYR A 90 24.86 -16.02 11.93
C TYR A 90 24.68 -17.51 11.63
N GLN A 91 23.69 -18.11 12.30
CA GLN A 91 23.44 -19.52 12.16
C GLN A 91 21.95 -19.80 12.00
N LEU A 92 21.65 -20.88 11.28
CA LEU A 92 20.29 -21.23 10.96
C LEU A 92 19.51 -21.57 12.20
N GLN A 93 18.18 -21.31 12.16
CA GLN A 93 17.31 -21.44 13.30
C GLN A 93 15.86 -21.77 12.95
N ASP A 94 15.47 -23.04 12.85
CA ASP A 94 14.05 -23.44 12.90
C ASP A 94 13.21 -23.14 11.65
N LEU A 95 13.78 -22.40 10.70
CA LEU A 95 13.21 -22.18 9.38
C LEU A 95 14.35 -22.39 8.40
N THR A 96 14.07 -22.65 7.13
CA THR A 96 15.12 -22.86 6.14
C THR A 96 14.99 -21.76 5.08
N PHE A 97 16.06 -21.57 4.31
CA PHE A 97 16.10 -20.57 3.28
C PHE A 97 16.32 -21.27 1.94
N SER A 98 15.55 -20.89 0.90
CA SER A 98 15.71 -21.39 -0.46
C SER A 98 15.61 -20.27 -1.48
N ASN A 99 16.01 -20.58 -2.73
CA ASN A 99 15.86 -19.68 -3.85
C ASN A 99 14.66 -20.04 -4.72
N GLY A 100 14.05 -21.17 -4.46
CA GLY A 100 12.94 -21.64 -5.25
C GLY A 100 11.86 -20.59 -5.44
N TYR A 101 11.72 -19.65 -4.50
CA TYR A 101 10.79 -18.55 -4.70
C TYR A 101 10.98 -17.86 -6.07
N ARG A 102 12.24 -17.60 -6.44
CA ARG A 102 12.50 -16.94 -7.69
C ARG A 102 12.03 -17.84 -8.83
N TYR A 103 12.43 -19.11 -8.79
CA TYR A 103 12.17 -19.97 -9.93
C TYR A 103 10.67 -19.93 -10.24
N VAL A 104 9.85 -20.14 -9.23
CA VAL A 104 8.43 -20.25 -9.50
C VAL A 104 7.89 -18.92 -10.01
N ASN A 105 8.40 -17.82 -9.53
CA ASN A 105 7.99 -16.52 -10.04
C ASN A 105 8.32 -16.27 -11.52
N TRP A 106 9.49 -16.70 -12.02
CA TRP A 106 9.76 -16.70 -13.46
C TRP A 106 8.66 -17.31 -14.33
N MET A 107 7.88 -18.25 -13.82
CA MET A 107 6.79 -18.76 -14.66
C MET A 107 5.86 -17.66 -15.11
N ALA A 108 5.73 -16.58 -14.33
CA ALA A 108 4.88 -15.46 -14.71
C ALA A 108 5.67 -14.30 -15.38
N THR A 109 6.85 -14.00 -14.89
CA THR A 109 7.52 -12.79 -15.35
C THR A 109 8.22 -13.00 -16.68
N ILE A 110 8.77 -14.18 -16.99
CA ILE A 110 9.48 -14.33 -18.25
C ILE A 110 8.54 -14.12 -19.44
N PRO A 111 7.34 -14.71 -19.48
CA PRO A 111 6.35 -14.35 -20.51
C PRO A 111 6.19 -12.84 -20.68
N CYS A 112 5.97 -12.09 -19.58
CA CYS A 112 5.80 -10.65 -19.67
C CYS A 112 7.02 -9.98 -20.31
N LEU A 113 8.22 -10.30 -19.88
CA LEU A 113 9.39 -9.74 -20.52
C LEU A 113 9.38 -9.99 -22.03
N LEU A 114 9.03 -11.22 -22.45
CA LEU A 114 9.16 -11.55 -23.87
C LEU A 114 8.05 -10.86 -24.68
N LEU A 115 6.85 -10.81 -24.13
CA LEU A 115 5.75 -10.19 -24.82
C LEU A 115 6.00 -8.69 -25.02
N GLN A 116 6.59 -7.99 -24.07
CA GLN A 116 6.80 -6.57 -24.30
C GLN A 116 7.81 -6.31 -25.42
N LEU A 117 8.76 -7.20 -25.68
CA LEU A 117 9.66 -7.04 -26.82
C LEU A 117 8.92 -7.25 -28.15
N LEU A 118 8.09 -8.27 -28.25
CA LEU A 118 7.34 -8.48 -29.49
C LEU A 118 6.48 -7.27 -29.82
N ILE A 119 5.83 -6.66 -28.81
CA ILE A 119 4.93 -5.53 -29.07
C ILE A 119 5.72 -4.36 -29.71
N VAL A 120 6.90 -4.03 -29.21
CA VAL A 120 7.58 -2.87 -29.77
C VAL A 120 8.28 -3.25 -31.06
N LEU A 121 8.52 -4.54 -31.34
CA LEU A 121 9.06 -4.95 -32.62
C LEU A 121 7.97 -4.84 -33.69
N ASN A 122 6.77 -4.48 -33.25
CA ASN A 122 5.68 -4.23 -34.17
C ASN A 122 5.09 -5.50 -34.76
N LEU A 123 5.29 -6.68 -34.14
CA LEU A 123 4.60 -7.86 -34.64
C LEU A 123 3.11 -7.65 -34.38
N LYS A 124 2.28 -8.28 -35.23
CA LYS A 124 0.84 -8.16 -35.13
C LYS A 124 0.15 -9.48 -35.47
N GLY A 125 -1.05 -9.67 -34.90
CA GLY A 125 -1.96 -10.76 -35.19
C GLY A 125 -1.31 -12.14 -35.13
N LYS A 126 -1.55 -12.96 -36.16
CA LYS A 126 -1.13 -14.34 -36.22
C LYS A 126 0.32 -14.46 -35.75
N GLU A 127 1.19 -13.57 -36.27
CA GLU A 127 2.61 -13.67 -36.03
C GLU A 127 2.85 -13.39 -34.55
N LEU A 128 2.13 -12.40 -34.02
CA LEU A 128 2.24 -12.11 -32.61
C LEU A 128 1.82 -13.36 -31.81
N PHE A 129 0.58 -13.81 -31.99
CA PHE A 129 0.06 -14.89 -31.16
C PHE A 129 0.88 -16.17 -31.32
N SER A 130 1.43 -16.41 -32.52
CA SER A 130 2.18 -17.65 -32.72
C SER A 130 3.50 -17.57 -31.96
N THR A 131 4.26 -16.49 -32.17
CA THR A 131 5.56 -16.35 -31.52
C THR A 131 5.36 -16.37 -30.01
N ALA A 132 4.33 -15.64 -29.52
CA ALA A 132 4.02 -15.62 -28.11
C ALA A 132 3.93 -17.05 -27.57
N THR A 133 3.04 -17.86 -28.14
CA THR A 133 2.92 -19.26 -27.74
C THR A 133 4.23 -20.06 -27.75
N TRP A 134 5.04 -20.00 -28.80
CA TRP A 134 6.27 -20.77 -28.79
C TRP A 134 7.22 -20.32 -27.70
N LEU A 135 7.35 -18.98 -27.53
CA LEU A 135 8.28 -18.43 -26.56
C LEU A 135 7.81 -18.80 -25.13
N ILE A 136 6.51 -18.69 -24.87
CA ILE A 136 6.04 -19.04 -23.55
C ILE A 136 6.31 -20.51 -23.22
N LEU A 137 5.95 -21.44 -24.09
CA LEU A 137 6.22 -22.86 -23.80
C LEU A 137 7.73 -23.11 -23.71
N ALA A 138 8.54 -22.52 -24.59
CA ALA A 138 9.96 -22.74 -24.38
C ALA A 138 10.31 -22.34 -22.94
N ALA A 139 9.82 -21.17 -22.49
CA ALA A 139 10.24 -20.59 -21.22
C ALA A 139 9.79 -21.47 -20.06
N TRP A 140 8.51 -21.84 -20.03
CA TRP A 140 8.06 -22.80 -19.03
C TRP A 140 8.93 -24.04 -19.02
N GLY A 141 9.37 -24.49 -20.19
CA GLY A 141 10.27 -25.62 -20.28
C GLY A 141 11.58 -25.40 -19.56
N MET A 142 12.23 -24.30 -19.89
CA MET A 142 13.47 -23.93 -19.21
C MET A 142 13.29 -23.83 -17.67
N ILE A 143 12.15 -23.34 -17.22
CA ILE A 143 12.01 -22.96 -15.81
C ILE A 143 11.71 -24.20 -14.98
N ILE A 144 10.75 -25.00 -15.45
CA ILE A 144 10.39 -26.22 -14.74
C ILE A 144 11.57 -27.18 -14.64
N THR A 145 12.34 -27.36 -15.73
CA THR A 145 13.48 -28.25 -15.62
C THR A 145 14.55 -27.64 -14.72
N GLY A 146 14.71 -26.30 -14.74
CA GLY A 146 15.63 -25.69 -13.80
C GLY A 146 15.24 -25.94 -12.33
N TYR A 147 13.95 -25.88 -12.04
CA TYR A 147 13.51 -25.96 -10.66
C TYR A 147 13.86 -27.34 -10.10
N VAL A 148 13.53 -28.37 -10.85
CA VAL A 148 13.90 -29.74 -10.53
C VAL A 148 15.43 -29.90 -10.37
N GLY A 149 16.21 -29.56 -11.39
CA GLY A 149 17.65 -29.48 -11.20
C GLY A 149 18.06 -28.96 -9.82
N GLN A 150 17.57 -27.79 -9.36
CA GLN A 150 18.21 -27.09 -8.24
C GLN A 150 17.84 -27.78 -6.93
N LEU A 151 16.86 -28.69 -6.98
CA LEU A 151 16.60 -29.65 -5.91
C LEU A 151 17.73 -30.64 -5.65
N TYR A 152 18.80 -30.66 -6.46
CA TYR A 152 19.90 -31.58 -6.22
C TYR A 152 21.18 -30.84 -5.86
N GLU A 153 21.10 -29.60 -5.41
CA GLU A 153 22.34 -28.84 -5.37
C GLU A 153 23.19 -29.30 -4.18
N VAL A 154 22.54 -29.88 -3.17
CA VAL A 154 23.22 -30.34 -1.97
C VAL A 154 23.59 -31.82 -2.16
N ASP A 155 22.62 -32.62 -2.60
CA ASP A 155 22.80 -34.06 -2.72
C ASP A 155 23.64 -34.42 -3.96
N ASP A 156 23.11 -34.21 -5.18
CA ASP A 156 23.60 -34.93 -6.35
C ASP A 156 24.01 -34.00 -7.51
N ILE A 157 25.20 -33.40 -7.42
CA ILE A 157 25.67 -32.44 -8.44
C ILE A 157 25.62 -33.02 -9.87
N ALA A 158 25.72 -34.34 -10.01
CA ALA A 158 25.50 -34.95 -11.30
C ALA A 158 24.13 -34.56 -11.83
N GLN A 159 23.09 -34.83 -11.04
CA GLN A 159 21.70 -34.54 -11.40
C GLN A 159 21.52 -33.05 -11.67
N LEU A 160 22.13 -32.20 -10.83
CA LEU A 160 22.13 -30.77 -11.11
C LEU A 160 22.49 -30.52 -12.58
N MET A 161 23.66 -31.01 -13.00
CA MET A 161 24.16 -30.74 -14.35
C MET A 161 23.29 -31.43 -15.40
N ILE A 162 22.61 -32.51 -15.07
CA ILE A 162 21.88 -33.16 -16.14
C ILE A 162 20.71 -32.25 -16.46
N TRP A 163 19.94 -31.91 -15.42
CA TRP A 163 18.74 -31.10 -15.63
C TRP A 163 19.14 -29.70 -16.13
N GLY A 164 20.30 -29.24 -15.68
CA GLY A 164 20.90 -28.04 -16.22
C GLY A 164 20.88 -28.05 -17.74
N ALA A 165 21.31 -29.18 -18.32
CA ALA A 165 21.61 -29.29 -19.74
C ALA A 165 20.31 -29.22 -20.53
N VAL A 166 19.32 -29.97 -20.05
CA VAL A 166 17.99 -29.88 -20.62
C VAL A 166 17.46 -28.44 -20.50
N SER A 167 17.58 -27.83 -19.32
CA SER A 167 17.10 -26.46 -19.17
C SER A 167 17.73 -25.59 -20.26
N THR A 168 19.06 -25.66 -20.37
CA THR A 168 19.78 -24.88 -21.38
C THR A 168 19.37 -25.19 -22.83
N ALA A 169 18.88 -26.40 -23.12
CA ALA A 169 18.32 -26.64 -24.44
C ALA A 169 17.27 -25.59 -24.74
N PHE A 170 16.20 -25.58 -23.93
CA PHE A 170 15.10 -24.62 -24.07
C PHE A 170 15.60 -23.16 -24.11
N PHE A 171 16.59 -22.82 -23.30
CA PHE A 171 17.18 -21.51 -23.37
C PHE A 171 17.54 -21.19 -24.82
N VAL A 172 18.30 -22.08 -25.45
CA VAL A 172 18.90 -21.80 -26.74
C VAL A 172 17.82 -21.57 -27.80
N VAL A 173 16.83 -22.44 -27.82
CA VAL A 173 15.68 -22.22 -28.67
C VAL A 173 15.12 -20.81 -28.46
N MET A 174 14.87 -20.45 -27.21
CA MET A 174 14.26 -19.18 -26.90
C MET A 174 15.16 -18.04 -27.39
N ASN A 175 16.48 -18.11 -27.12
CA ASN A 175 17.35 -17.03 -27.58
C ASN A 175 17.32 -16.96 -29.10
N TRP A 176 17.15 -18.11 -29.74
CA TRP A 176 17.22 -18.19 -31.19
C TRP A 176 16.04 -17.44 -31.79
N ILE A 177 14.82 -17.92 -31.53
CA ILE A 177 13.60 -17.16 -31.86
C ILE A 177 13.70 -15.64 -31.57
N VAL A 178 14.18 -15.24 -30.40
CA VAL A 178 14.17 -13.82 -30.12
C VAL A 178 15.06 -13.12 -31.14
N GLY A 179 16.28 -13.62 -31.34
CA GLY A 179 17.22 -12.94 -32.22
C GLY A 179 16.70 -12.92 -33.65
N THR A 180 16.12 -14.04 -34.10
CA THR A 180 15.51 -14.08 -35.42
C THR A 180 14.62 -12.85 -35.55
N LYS A 181 13.60 -12.75 -34.68
CA LYS A 181 12.59 -11.73 -34.80
C LYS A 181 13.23 -10.35 -34.75
N ILE A 182 14.25 -10.18 -33.90
CA ILE A 182 14.79 -8.84 -33.72
C ILE A 182 15.43 -8.41 -35.03
N PHE A 183 16.28 -9.28 -35.59
CA PHE A 183 17.16 -8.90 -36.67
C PHE A 183 16.36 -8.84 -37.97
N LYS A 184 15.31 -9.64 -38.06
CA LYS A 184 14.35 -9.56 -39.14
C LYS A 184 13.46 -8.30 -39.09
N ASN A 185 13.19 -7.73 -37.91
CA ASN A 185 12.22 -6.62 -37.85
C ASN A 185 12.87 -5.28 -37.49
N ARG A 186 14.18 -5.27 -37.30
CA ARG A 186 14.89 -4.09 -36.88
C ARG A 186 14.71 -2.95 -37.88
N ALA A 187 14.43 -3.28 -39.15
CA ALA A 187 14.49 -2.30 -40.22
C ALA A 187 13.19 -1.50 -40.28
N THR A 188 12.10 -2.14 -39.89
CA THR A 188 10.78 -1.52 -39.83
C THR A 188 10.62 -0.62 -38.60
N MET A 189 11.65 -0.51 -37.75
CA MET A 189 11.53 0.24 -36.52
C MET A 189 11.55 1.74 -36.83
N LEU A 190 10.70 2.49 -36.13
CA LEU A 190 10.52 3.92 -36.32
C LEU A 190 11.41 4.73 -35.38
N GLY A 191 11.55 6.02 -35.71
CA GLY A 191 12.18 7.00 -34.83
C GLY A 191 13.65 6.74 -34.53
N GLY A 192 14.31 5.92 -35.37
CA GLY A 192 15.71 5.59 -35.16
C GLY A 192 15.94 4.64 -33.98
N THR A 193 15.05 3.66 -33.85
CA THR A 193 15.08 2.76 -32.70
C THR A 193 15.70 1.43 -33.08
N ASP A 194 16.02 1.27 -34.37
CA ASP A 194 16.84 0.16 -34.87
C ASP A 194 18.18 0.09 -34.13
N SER A 195 18.83 1.24 -33.89
CA SER A 195 20.01 1.28 -33.05
C SER A 195 19.64 0.78 -31.65
N THR A 196 18.56 1.34 -31.08
CA THR A 196 18.26 1.06 -29.69
C THR A 196 17.92 -0.42 -29.52
N ILE A 197 17.19 -0.99 -30.47
CA ILE A 197 16.72 -2.34 -30.25
C ILE A 197 17.90 -3.29 -30.18
N THR A 198 19.03 -2.92 -30.77
CA THR A 198 20.17 -3.82 -30.83
C THR A 198 20.84 -3.83 -29.45
N LYS A 199 21.05 -2.64 -28.86
CA LYS A 199 21.45 -2.53 -27.49
C LYS A 199 20.55 -3.36 -26.57
N VAL A 200 19.24 -3.27 -26.73
CA VAL A 200 18.39 -4.11 -25.90
C VAL A 200 18.78 -5.59 -26.02
N PHE A 201 18.89 -6.11 -27.24
CA PHE A 201 19.25 -7.51 -27.41
C PHE A 201 20.59 -7.86 -26.74
N TRP A 202 21.54 -6.94 -26.73
CA TRP A 202 22.75 -7.23 -26.01
C TRP A 202 22.45 -7.31 -24.53
N LEU A 203 21.84 -6.25 -23.97
CA LEU A 203 21.49 -6.23 -22.56
C LEU A 203 20.91 -7.58 -22.17
N MET A 204 19.95 -8.04 -22.97
CA MET A 204 19.30 -9.31 -22.69
C MET A 204 20.32 -10.44 -22.57
N MET A 205 21.23 -10.53 -23.54
CA MET A 205 22.19 -11.62 -23.58
C MET A 205 23.03 -11.65 -22.30
N PHE A 206 23.66 -10.51 -21.96
CA PHE A 206 24.37 -10.40 -20.70
C PHE A 206 23.46 -10.76 -19.52
N ALA A 207 22.43 -9.96 -19.29
CA ALA A 207 21.68 -10.14 -18.05
C ALA A 207 21.15 -11.57 -17.98
N TRP A 208 20.61 -12.12 -19.08
CA TRP A 208 19.94 -13.41 -18.93
C TRP A 208 20.94 -14.51 -18.62
N THR A 209 22.21 -14.28 -18.91
CA THR A 209 23.20 -15.35 -18.76
C THR A 209 23.60 -15.50 -17.31
N LEU A 210 23.68 -14.38 -16.56
CA LEU A 210 23.98 -14.47 -15.16
C LEU A 210 23.15 -15.56 -14.49
N TYR A 211 21.90 -15.79 -14.89
CA TYR A 211 21.10 -16.73 -14.14
C TYR A 211 21.74 -18.11 -14.16
N PRO A 212 21.98 -18.76 -15.32
CA PRO A 212 22.65 -20.05 -15.34
C PRO A 212 24.03 -20.10 -14.67
N ILE A 213 24.80 -19.01 -14.71
CA ILE A 213 25.98 -18.98 -13.85
C ILE A 213 25.59 -19.14 -12.37
N ALA A 214 24.71 -18.28 -11.84
CA ALA A 214 24.24 -18.45 -10.48
C ALA A 214 23.80 -19.88 -10.20
N TYR A 215 23.19 -20.54 -11.19
CA TYR A 215 22.71 -21.90 -10.98
C TYR A 215 23.85 -22.87 -10.76
N LEU A 216 25.02 -22.58 -11.32
CA LEU A 216 26.18 -23.47 -11.18
C LEU A 216 27.07 -23.21 -9.97
N VAL A 217 26.95 -22.10 -9.26
CA VAL A 217 27.83 -21.87 -8.13
C VAL A 217 27.99 -23.10 -7.23
N PRO A 218 26.94 -23.85 -6.83
CA PRO A 218 27.17 -25.04 -6.03
C PRO A 218 28.28 -25.93 -6.57
N ALA A 219 28.37 -26.04 -7.89
CA ALA A 219 29.34 -26.90 -8.55
C ALA A 219 30.78 -26.37 -8.49
N PHE A 220 30.98 -25.05 -8.62
CA PHE A 220 32.32 -24.48 -8.54
C PHE A 220 32.59 -23.56 -7.32
N MET A 221 31.65 -23.37 -6.37
CA MET A 221 31.98 -22.65 -5.13
C MET A 221 31.03 -22.99 -3.97
N ASN A 222 31.14 -24.21 -3.44
CA ASN A 222 30.22 -24.69 -2.41
C ASN A 222 30.70 -24.19 -1.04
N ASN A 223 30.43 -22.91 -0.76
CA ASN A 223 30.73 -22.29 0.51
C ASN A 223 30.09 -20.91 0.59
N ALA A 224 30.19 -20.30 1.77
CA ALA A 224 29.52 -19.06 2.10
C ALA A 224 29.90 -17.91 1.15
N ASP A 225 31.13 -17.93 0.62
CA ASP A 225 31.47 -16.95 -0.39
C ASP A 225 30.74 -17.24 -1.70
N GLY A 226 30.59 -18.50 -2.07
CA GLY A 226 29.71 -18.82 -3.18
C GLY A 226 28.30 -18.27 -2.93
N VAL A 227 27.79 -18.46 -1.72
CA VAL A 227 26.47 -18.00 -1.40
C VAL A 227 26.42 -16.49 -1.58
N VAL A 228 27.48 -15.79 -1.19
CA VAL A 228 27.45 -14.35 -1.35
C VAL A 228 27.41 -13.99 -2.83
N LEU A 229 28.16 -14.72 -3.63
CA LEU A 229 28.25 -14.48 -5.05
C LEU A 229 26.92 -14.71 -5.73
N ARG A 230 26.33 -15.86 -5.48
CA ARG A 230 25.03 -16.10 -6.07
C ARG A 230 24.05 -14.97 -5.72
N GLN A 231 23.93 -14.53 -4.48
CA GLN A 231 22.99 -13.46 -4.20
C GLN A 231 23.35 -12.17 -4.93
N LEU A 232 24.63 -11.85 -5.06
CA LEU A 232 25.00 -10.66 -5.82
C LEU A 232 24.64 -10.82 -7.30
N LEU A 233 24.90 -11.98 -7.91
CA LEU A 233 24.57 -12.21 -9.29
C LEU A 233 23.08 -12.04 -9.51
N PHE A 234 22.25 -12.67 -8.68
CA PHE A 234 20.82 -12.50 -8.80
C PHE A 234 20.46 -11.02 -8.69
N THR A 235 21.12 -10.24 -7.85
CA THR A 235 20.67 -8.87 -7.72
C THR A 235 20.92 -8.09 -8.99
N ILE A 236 22.13 -8.17 -9.51
CA ILE A 236 22.44 -7.49 -10.74
C ILE A 236 21.55 -8.03 -11.87
N ALA A 237 21.44 -9.35 -12.02
CA ALA A 237 20.60 -9.88 -13.09
C ALA A 237 19.14 -9.37 -12.98
N ASP A 238 18.59 -9.20 -11.79
CA ASP A 238 17.22 -8.72 -11.68
C ASP A 238 17.12 -7.25 -12.07
N ILE A 239 18.08 -6.43 -11.65
CA ILE A 239 18.04 -5.02 -12.00
C ILE A 239 18.25 -4.83 -13.50
N SER A 240 19.15 -5.58 -14.11
CA SER A 240 19.38 -5.52 -15.54
C SER A 240 18.21 -6.11 -16.34
N SER A 241 17.78 -7.31 -16.02
CA SER A 241 16.82 -7.99 -16.85
C SER A 241 15.41 -7.44 -16.69
N LYS A 242 15.13 -6.68 -15.64
CA LYS A 242 13.74 -6.23 -15.48
C LYS A 242 13.66 -4.71 -15.50
N VAL A 243 14.47 -4.01 -14.69
CA VAL A 243 14.32 -2.57 -14.56
C VAL A 243 14.98 -1.87 -15.74
N ILE A 244 16.24 -2.13 -15.99
CA ILE A 244 16.93 -1.41 -17.05
C ILE A 244 16.34 -1.81 -18.40
N TYR A 245 16.08 -3.09 -18.61
CA TYR A 245 15.40 -3.49 -19.83
C TYR A 245 14.03 -2.82 -19.97
N GLY A 246 13.28 -2.72 -18.90
CA GLY A 246 12.02 -2.01 -18.99
C GLY A 246 12.18 -0.54 -19.39
N LEU A 247 13.20 0.15 -18.87
CA LEU A 247 13.43 1.54 -19.26
C LEU A 247 13.78 1.59 -20.74
N MET A 248 14.57 0.67 -21.25
CA MET A 248 14.86 0.67 -22.68
C MET A 248 13.63 0.37 -23.55
N ILE A 249 12.83 -0.62 -23.23
CA ILE A 249 11.58 -0.83 -23.95
C ILE A 249 10.69 0.41 -23.94
N THR A 250 10.55 1.07 -22.80
CA THR A 250 9.66 2.23 -22.76
C THR A 250 10.21 3.37 -23.59
N TYR A 251 11.52 3.56 -23.56
CA TYR A 251 12.13 4.58 -24.39
C TYR A 251 11.95 4.26 -25.87
N ILE A 252 12.17 3.04 -26.28
CA ILE A 252 11.83 2.68 -27.66
C ILE A 252 10.35 2.95 -27.97
N ALA A 253 9.44 2.65 -27.05
CA ALA A 253 8.03 2.89 -27.31
C ALA A 253 7.71 4.38 -27.46
N ILE A 254 8.40 5.27 -26.74
CA ILE A 254 8.11 6.69 -26.82
C ILE A 254 8.65 7.22 -28.15
N GLN A 255 9.84 6.81 -28.52
CA GLN A 255 10.42 7.19 -29.80
C GLN A 255 9.49 6.80 -30.96
N GLN A 256 9.08 5.54 -31.04
CA GLN A 256 8.17 5.14 -32.10
C GLN A 256 6.80 5.80 -31.99
N SER A 257 6.33 6.14 -30.79
CA SER A 257 5.05 6.80 -30.68
C SER A 257 5.13 8.17 -31.36
N ALA A 258 6.26 8.83 -31.19
CA ALA A 258 6.39 10.21 -31.62
C ALA A 258 6.47 10.21 -33.13
N ALA A 259 7.27 9.30 -33.66
CA ALA A 259 7.40 9.11 -35.10
C ALA A 259 6.03 8.88 -35.76
N ALA A 260 5.16 8.14 -35.10
CA ALA A 260 3.81 7.90 -35.57
C ALA A 260 2.90 9.12 -35.35
N GLY A 261 3.44 10.19 -34.79
CA GLY A 261 2.65 11.41 -34.62
C GLY A 261 1.70 11.39 -33.44
N TYR A 262 2.11 10.81 -32.31
CA TYR A 262 1.38 10.96 -31.06
C TYR A 262 1.94 12.20 -30.37
N VAL A 263 1.07 13.13 -30.04
CA VAL A 263 1.56 14.46 -29.66
C VAL A 263 2.22 14.40 -28.30
N PRO A 264 1.55 13.85 -27.27
CA PRO A 264 2.18 13.70 -25.95
C PRO A 264 3.60 13.15 -26.05
N ALA A 265 3.79 12.15 -26.91
CA ALA A 265 5.15 11.65 -27.12
C ALA A 265 6.05 12.74 -27.69
N GLN A 266 5.56 13.48 -28.69
CA GLN A 266 6.35 14.52 -29.34
C GLN A 266 6.70 15.61 -28.34
N GLN A 267 5.71 16.06 -27.56
CA GLN A 267 5.95 16.98 -26.45
C GLN A 267 7.00 16.43 -25.47
N ALA A 268 6.81 15.20 -25.00
CA ALA A 268 7.71 14.62 -24.04
C ALA A 268 9.15 14.67 -24.55
N LEU A 269 9.35 14.69 -25.87
CA LEU A 269 10.71 14.76 -26.39
C LEU A 269 11.11 16.18 -26.82
N GLY A 270 10.19 17.15 -26.74
CA GLY A 270 10.42 18.48 -27.32
C GLY A 270 9.69 18.66 -28.66
N MET B 8 -9.04 -31.43 15.15
CA MET B 8 -8.54 -30.98 13.81
C MET B 8 -9.61 -31.18 12.73
N LYS B 9 -9.55 -30.32 11.71
CA LYS B 9 -10.59 -30.24 10.70
C LYS B 9 -9.99 -30.48 9.31
N ASN B 10 -8.75 -30.06 9.09
CA ASN B 10 -8.13 -30.19 7.80
C ASN B 10 -6.96 -31.16 7.91
N ILE B 11 -6.74 -31.97 6.88
CA ILE B 11 -5.63 -32.90 6.86
C ILE B 11 -4.28 -32.18 6.70
N GLU B 12 -4.23 -30.89 6.34
CA GLU B 12 -2.93 -30.23 6.31
C GLU B 12 -2.31 -30.31 7.70
N SER B 13 -3.14 -30.13 8.72
CA SER B 13 -2.69 -30.13 10.12
C SER B 13 -2.33 -31.52 10.64
N LEU B 14 -2.58 -32.60 9.87
CA LEU B 14 -2.24 -33.92 10.36
C LEU B 14 -0.80 -34.35 10.08
N PHE B 15 -0.11 -33.76 9.11
CA PHE B 15 1.16 -34.39 8.68
C PHE B 15 2.36 -33.54 9.09
N ASP B 16 3.53 -34.13 8.86
CA ASP B 16 4.81 -33.46 8.86
C ASP B 16 5.28 -33.37 7.41
N TYR B 17 6.24 -32.48 7.14
CA TYR B 17 6.62 -32.21 5.77
C TYR B 17 8.16 -32.20 5.70
N SER B 18 8.67 -32.79 4.64
CA SER B 18 10.06 -32.60 4.24
C SER B 18 10.31 -31.15 3.90
N ALA B 19 11.54 -30.69 4.06
CA ALA B 19 11.95 -29.37 3.61
C ALA B 19 11.50 -29.08 2.18
N GLY B 20 11.60 -30.06 1.31
CA GLY B 20 11.26 -29.88 -0.09
C GLY B 20 9.75 -29.71 -0.29
N GLN B 21 8.95 -30.61 0.27
CA GLN B 21 7.52 -30.44 0.27
C GLN B 21 7.12 -29.11 0.91
N PHE B 22 7.61 -28.86 2.10
CA PHE B 22 7.22 -27.66 2.78
C PHE B 22 7.63 -26.45 1.96
N GLU B 23 8.83 -26.46 1.34
CA GLU B 23 9.29 -25.28 0.64
C GLU B 23 8.48 -25.07 -0.65
N PHE B 24 8.14 -26.15 -1.33
CA PHE B 24 7.38 -26.08 -2.56
C PHE B 24 6.05 -25.38 -2.31
N ILE B 25 5.31 -25.83 -1.31
CA ILE B 25 4.07 -25.19 -0.97
C ILE B 25 4.26 -23.72 -0.62
N ASP B 26 5.32 -23.35 0.10
CA ASP B 26 5.55 -21.94 0.34
C ASP B 26 5.81 -21.17 -0.97
N HIS B 27 6.52 -21.79 -1.90
CA HIS B 27 6.79 -21.22 -3.19
C HIS B 27 5.48 -21.00 -3.97
N LEU B 28 4.60 -21.99 -4.03
CA LEU B 28 3.34 -21.78 -4.73
C LEU B 28 2.54 -20.64 -4.07
N LEU B 29 2.31 -20.68 -2.76
CA LEU B 29 1.51 -19.64 -2.14
C LEU B 29 2.13 -18.28 -2.40
N THR B 30 3.44 -18.14 -2.33
CA THR B 30 4.00 -16.81 -2.46
C THR B 30 3.80 -16.25 -3.89
N MET B 31 3.87 -17.12 -4.87
CA MET B 31 3.76 -16.69 -6.25
C MET B 31 2.33 -16.23 -6.55
N GLY B 32 1.36 -17.04 -6.15
CA GLY B 32 -0.03 -16.64 -6.20
C GLY B 32 -0.28 -15.21 -5.72
N VAL B 33 0.25 -14.85 -4.58
CA VAL B 33 0.00 -13.53 -4.07
C VAL B 33 0.41 -12.46 -5.09
N GLY B 34 1.57 -12.64 -5.71
CA GLY B 34 2.11 -11.57 -6.53
C GLY B 34 1.46 -11.49 -7.93
N VAL B 35 1.13 -12.64 -8.51
CA VAL B 35 0.37 -12.66 -9.74
C VAL B 35 -0.94 -11.87 -9.57
N HIS B 36 -1.68 -12.06 -8.48
CA HIS B 36 -2.93 -11.34 -8.34
C HIS B 36 -2.71 -9.85 -8.16
N PHE B 37 -1.77 -9.42 -7.31
CA PHE B 37 -1.53 -7.98 -7.18
C PHE B 37 -0.92 -7.39 -8.47
N ALA B 38 -0.18 -8.16 -9.25
CA ALA B 38 0.37 -7.61 -10.47
C ALA B 38 -0.74 -7.43 -11.52
N ALA B 39 -1.50 -8.48 -11.78
CA ALA B 39 -2.65 -8.36 -12.64
C ALA B 39 -3.54 -7.17 -12.25
N LEU B 40 -3.69 -6.87 -10.97
CA LEU B 40 -4.44 -5.67 -10.62
C LEU B 40 -3.90 -4.43 -11.35
N ILE B 41 -2.58 -4.18 -11.33
CA ILE B 41 -2.10 -2.96 -11.95
C ILE B 41 -2.43 -3.01 -13.43
N PHE B 42 -2.30 -4.16 -14.07
CA PHE B 42 -2.59 -4.23 -15.48
C PHE B 42 -4.04 -3.87 -15.81
N PHE B 43 -4.99 -4.43 -15.06
CA PHE B 43 -6.40 -4.11 -15.31
C PHE B 43 -6.65 -2.61 -15.11
N LEU B 44 -5.94 -1.94 -14.22
CA LEU B 44 -6.19 -0.53 -14.04
C LEU B 44 -5.71 0.22 -15.27
N VAL B 45 -4.50 -0.03 -15.71
CA VAL B 45 -3.94 0.70 -16.84
C VAL B 45 -4.71 0.49 -18.16
N VAL B 46 -5.19 -0.72 -18.46
CA VAL B 46 -5.88 -0.92 -19.72
C VAL B 46 -7.38 -0.66 -19.60
N SER B 47 -7.89 -0.36 -18.41
CA SER B 47 -9.31 -0.09 -18.33
C SER B 47 -9.71 1.08 -19.22
N GLN B 48 -8.78 2.00 -19.46
CA GLN B 48 -9.10 3.22 -20.21
C GLN B 48 -9.39 2.97 -21.69
N PHE B 49 -9.04 1.81 -22.21
CA PHE B 49 -9.36 1.46 -23.57
C PHE B 49 -10.68 0.69 -23.66
N VAL B 50 -11.44 0.63 -22.60
CA VAL B 50 -12.69 -0.10 -22.70
C VAL B 50 -13.78 0.93 -22.71
N ALA B 51 -14.76 0.80 -23.60
CA ALA B 51 -15.90 1.71 -23.58
C ALA B 51 -16.68 1.60 -22.27
N PRO B 52 -17.22 2.72 -21.75
CA PRO B 52 -17.94 2.77 -20.50
C PRO B 52 -19.02 1.73 -20.28
N LYS B 53 -19.75 1.39 -21.36
CA LYS B 53 -20.77 0.36 -21.27
C LYS B 53 -20.17 -0.99 -20.83
N TYR B 54 -18.88 -1.23 -21.06
CA TYR B 54 -18.24 -2.47 -20.64
C TYR B 54 -17.20 -2.30 -19.51
N ARG B 55 -16.96 -1.10 -19.03
CA ARG B 55 -15.90 -0.86 -18.07
C ARG B 55 -16.17 -1.54 -16.71
N ILE B 56 -17.41 -1.81 -16.39
CA ILE B 56 -17.74 -2.51 -15.16
C ILE B 56 -17.11 -3.90 -15.20
N ALA B 57 -17.02 -4.52 -16.38
CA ALA B 57 -16.47 -5.86 -16.51
C ALA B 57 -15.01 -5.85 -16.05
N THR B 58 -14.29 -4.81 -16.44
CA THR B 58 -12.89 -4.69 -16.04
C THR B 58 -12.78 -4.30 -14.56
N ALA B 59 -13.70 -3.47 -14.06
CA ALA B 59 -13.67 -3.11 -12.66
C ALA B 59 -13.86 -4.37 -11.81
N LEU B 60 -14.75 -5.26 -12.23
CA LEU B 60 -14.97 -6.50 -11.51
C LEU B 60 -13.71 -7.35 -11.44
N SER B 61 -12.87 -7.36 -12.46
CA SER B 61 -11.62 -8.05 -12.33
C SER B 61 -10.74 -7.45 -11.22
N CYS B 62 -10.68 -6.13 -11.13
CA CYS B 62 -9.90 -5.52 -10.07
C CYS B 62 -10.42 -5.97 -8.70
N ILE B 63 -11.75 -6.02 -8.50
CA ILE B 63 -12.26 -6.51 -7.23
C ILE B 63 -11.66 -7.90 -6.93
N VAL B 64 -11.82 -8.82 -7.86
CA VAL B 64 -11.40 -10.18 -7.62
C VAL B 64 -9.89 -10.22 -7.40
N MET B 65 -9.08 -9.48 -8.18
CA MET B 65 -7.66 -9.55 -7.93
C MET B 65 -7.31 -9.15 -6.49
N VAL B 66 -7.93 -8.12 -5.92
CA VAL B 66 -7.52 -7.63 -4.61
C VAL B 66 -7.95 -8.62 -3.54
N SER B 67 -9.21 -9.04 -3.61
CA SER B 67 -9.76 -9.97 -2.66
C SER B 67 -8.94 -11.28 -2.61
N ALA B 68 -8.78 -11.94 -3.74
CA ALA B 68 -8.00 -13.15 -3.83
C ALA B 68 -6.55 -12.91 -3.44
N GLY B 69 -5.94 -11.85 -3.92
CA GLY B 69 -4.56 -11.60 -3.49
C GLY B 69 -4.43 -11.57 -1.96
N LEU B 70 -5.32 -10.85 -1.25
CA LEU B 70 -5.20 -10.74 0.19
C LEU B 70 -5.45 -12.05 0.92
N ILE B 71 -6.32 -12.93 0.42
CA ILE B 71 -6.49 -14.24 1.03
C ILE B 71 -5.20 -15.03 0.83
N LEU B 72 -4.69 -15.10 -0.37
CA LEU B 72 -3.47 -15.83 -0.55
C LEU B 72 -2.41 -15.28 0.39
N ASN B 73 -2.40 -13.99 0.62
CA ASN B 73 -1.31 -13.46 1.41
C ASN B 73 -1.43 -13.97 2.85
N SER B 74 -2.65 -14.05 3.36
CA SER B 74 -2.92 -14.68 4.64
C SER B 74 -2.51 -16.15 4.65
N GLN B 75 -2.99 -16.97 3.72
CA GLN B 75 -2.62 -18.37 3.75
C GLN B 75 -1.11 -18.46 3.82
N ALA B 76 -0.40 -17.58 3.11
CA ALA B 76 1.02 -17.78 2.99
C ALA B 76 1.71 -17.50 4.30
N VAL B 77 1.25 -16.48 5.02
CA VAL B 77 1.79 -16.21 6.34
C VAL B 77 1.42 -17.30 7.35
N MET B 78 0.19 -17.76 7.31
CA MET B 78 -0.25 -18.81 8.19
C MET B 78 0.64 -20.06 8.01
N TRP B 79 1.02 -20.38 6.79
CA TRP B 79 1.75 -21.61 6.53
C TRP B 79 3.10 -21.58 7.22
N THR B 80 3.76 -20.45 7.10
CA THR B 80 5.08 -20.33 7.67
C THR B 80 5.00 -20.20 9.21
N ASP B 81 3.87 -19.70 9.73
CA ASP B 81 3.69 -19.51 11.17
C ASP B 81 3.23 -20.79 11.87
N ALA B 82 2.52 -21.64 11.16
CA ALA B 82 2.00 -22.82 11.79
C ALA B 82 3.05 -23.90 11.96
N TYR B 83 4.14 -23.85 11.16
CA TYR B 83 5.09 -24.96 11.21
C TYR B 83 6.50 -24.47 11.49
N ALA B 84 7.30 -25.36 12.12
CA ALA B 84 8.71 -25.08 12.39
C ALA B 84 9.55 -26.29 12.05
N TYR B 85 10.79 -26.03 11.64
CA TYR B 85 11.70 -27.10 11.26
C TYR B 85 12.40 -27.64 12.52
N VAL B 86 12.18 -28.92 12.82
CA VAL B 86 12.55 -29.46 14.12
C VAL B 86 12.82 -30.94 13.92
N ASP B 87 14.12 -31.31 14.02
CA ASP B 87 14.60 -32.66 13.78
C ASP B 87 14.38 -33.08 12.33
N GLY B 88 14.83 -32.21 11.41
CA GLY B 88 14.83 -32.53 9.99
C GLY B 88 13.45 -32.70 9.36
N SER B 89 12.40 -32.15 9.98
CA SER B 89 11.11 -32.05 9.31
C SER B 89 10.34 -30.84 9.85
N TYR B 90 9.37 -30.39 9.04
CA TYR B 90 8.51 -29.33 9.45
C TYR B 90 7.36 -29.95 10.22
N GLN B 91 7.07 -29.42 11.40
CA GLN B 91 6.01 -29.92 12.24
C GLN B 91 5.14 -28.82 12.80
N LEU B 92 3.88 -29.15 13.06
CA LEU B 92 2.91 -28.17 13.54
C LEU B 92 3.30 -27.66 14.91
N GLN B 93 2.91 -26.41 15.21
CA GLN B 93 3.31 -25.72 16.42
C GLN B 93 2.34 -24.63 16.86
N ASP B 94 1.33 -24.92 17.70
CA ASP B 94 0.62 -23.88 18.47
C ASP B 94 -0.37 -23.02 17.66
N LEU B 95 -0.37 -23.17 16.33
CA LEU B 95 -1.38 -22.63 15.45
C LEU B 95 -1.83 -23.75 14.53
N THR B 96 -3.00 -23.64 13.89
CA THR B 96 -3.42 -24.66 12.92
C THR B 96 -3.54 -24.01 11.54
N PHE B 97 -3.49 -24.85 10.50
CA PHE B 97 -3.62 -24.39 9.13
C PHE B 97 -4.89 -24.99 8.53
N SER B 98 -5.70 -24.16 7.85
CA SER B 98 -6.91 -24.59 7.16
C SER B 98 -7.01 -23.95 5.78
N ASN B 99 -7.93 -24.48 4.94
CA ASN B 99 -8.26 -23.91 3.64
C ASN B 99 -9.54 -23.11 3.66
N GLY B 100 -10.28 -23.17 4.76
CA GLY B 100 -11.59 -22.54 4.79
C GLY B 100 -11.52 -21.07 4.42
N TYR B 101 -10.35 -20.42 4.60
CA TYR B 101 -10.17 -19.05 4.09
C TYR B 101 -10.65 -18.93 2.65
N ARG B 102 -10.27 -19.86 1.78
CA ARG B 102 -10.67 -19.75 0.39
C ARG B 102 -12.20 -19.87 0.28
N TYR B 103 -12.76 -20.85 0.92
CA TYR B 103 -14.18 -21.10 0.79
C TYR B 103 -14.94 -19.82 1.07
N VAL B 104 -14.66 -19.21 2.21
CA VAL B 104 -15.45 -18.05 2.61
C VAL B 104 -15.25 -16.91 1.62
N ASN B 105 -14.03 -16.78 1.10
CA ASN B 105 -13.78 -15.76 0.11
C ASN B 105 -14.55 -15.92 -1.22
N TRP B 106 -14.73 -17.14 -1.74
CA TRP B 106 -15.65 -17.38 -2.86
C TRP B 106 -17.04 -16.77 -2.69
N MET B 107 -17.54 -16.59 -1.48
CA MET B 107 -18.85 -15.97 -1.36
C MET B 107 -18.91 -14.61 -2.04
N ALA B 108 -17.75 -13.93 -2.12
CA ALA B 108 -17.70 -12.63 -2.78
C ALA B 108 -17.16 -12.74 -4.21
N THR B 109 -16.15 -13.57 -4.46
CA THR B 109 -15.51 -13.52 -5.76
C THR B 109 -16.30 -14.27 -6.83
N ILE B 110 -17.00 -15.37 -6.52
CA ILE B 110 -17.70 -16.10 -7.59
C ILE B 110 -18.78 -15.22 -8.23
N PRO B 111 -19.62 -14.49 -7.46
CA PRO B 111 -20.49 -13.48 -8.05
C PRO B 111 -19.78 -12.57 -9.05
N CYS B 112 -18.67 -11.97 -8.64
CA CYS B 112 -17.93 -11.07 -9.50
C CYS B 112 -17.53 -11.74 -10.80
N LEU B 113 -16.95 -12.94 -10.74
CA LEU B 113 -16.60 -13.62 -11.97
C LEU B 113 -17.83 -13.79 -12.87
N LEU B 114 -18.98 -14.13 -12.30
CA LEU B 114 -20.13 -14.48 -13.16
C LEU B 114 -20.72 -13.20 -13.74
N LEU B 115 -20.77 -12.14 -12.95
CA LEU B 115 -21.34 -10.91 -13.47
C LEU B 115 -20.48 -10.36 -14.61
N GLN B 116 -19.16 -10.46 -14.55
CA GLN B 116 -18.39 -9.91 -15.64
C GLN B 116 -18.63 -10.66 -16.97
N LEU B 117 -18.97 -11.95 -16.94
CA LEU B 117 -19.34 -12.67 -18.16
C LEU B 117 -20.68 -12.18 -18.74
N LEU B 118 -21.69 -12.00 -17.89
CA LEU B 118 -22.97 -11.53 -18.38
C LEU B 118 -22.82 -10.15 -19.06
N ILE B 119 -21.99 -9.27 -18.50
CA ILE B 119 -21.86 -7.94 -19.06
C ILE B 119 -21.32 -8.00 -20.49
N VAL B 120 -20.31 -8.81 -20.75
CA VAL B 120 -19.74 -8.80 -22.08
C VAL B 120 -20.60 -9.64 -23.02
N LEU B 121 -21.48 -10.51 -22.51
CA LEU B 121 -22.45 -11.22 -23.36
C LEU B 121 -23.52 -10.24 -23.82
N ASN B 122 -23.46 -9.02 -23.31
CA ASN B 122 -24.39 -7.98 -23.70
C ASN B 122 -25.80 -8.18 -23.15
N LEU B 123 -25.99 -8.94 -22.06
CA LEU B 123 -27.31 -8.98 -21.46
C LEU B 123 -27.58 -7.60 -20.88
N LYS B 124 -28.87 -7.24 -20.80
CA LYS B 124 -29.28 -5.95 -20.28
C LYS B 124 -30.57 -6.08 -19.45
N GLY B 125 -30.70 -5.14 -18.49
CA GLY B 125 -31.91 -4.94 -17.71
C GLY B 125 -32.46 -6.21 -17.08
N LYS B 126 -33.78 -6.43 -17.22
CA LYS B 126 -34.46 -7.51 -16.54
C LYS B 126 -33.68 -8.81 -16.66
N GLU B 127 -33.21 -9.11 -17.88
CA GLU B 127 -32.56 -10.37 -18.15
C GLU B 127 -31.23 -10.41 -17.38
N LEU B 128 -30.54 -9.26 -17.36
CA LEU B 128 -29.33 -9.17 -16.58
C LEU B 128 -29.66 -9.44 -15.11
N PHE B 129 -30.54 -8.64 -14.51
CA PHE B 129 -30.79 -8.73 -13.08
C PHE B 129 -31.36 -10.10 -12.72
N SER B 130 -32.13 -10.73 -13.59
CA SER B 130 -32.72 -12.02 -13.25
C SER B 130 -31.64 -13.08 -13.22
N THR B 131 -30.85 -13.17 -14.31
CA THR B 131 -29.81 -14.18 -14.39
C THR B 131 -28.80 -13.98 -13.24
N ALA B 132 -28.44 -12.72 -12.98
CA ALA B 132 -27.53 -12.40 -11.89
C ALA B 132 -28.05 -13.04 -10.60
N THR B 133 -29.29 -12.73 -10.21
CA THR B 133 -29.87 -13.32 -9.02
C THR B 133 -29.81 -14.86 -8.98
N TRP B 134 -30.21 -15.55 -10.03
CA TRP B 134 -30.20 -16.99 -9.97
C TRP B 134 -28.78 -17.53 -9.84
N LEU B 135 -27.82 -16.94 -10.56
CA LEU B 135 -26.44 -17.43 -10.54
C LEU B 135 -25.83 -17.18 -9.16
N ILE B 136 -26.09 -16.02 -8.58
CA ILE B 136 -25.55 -15.76 -7.25
C ILE B 136 -26.11 -16.76 -6.24
N LEU B 137 -27.42 -16.96 -6.17
CA LEU B 137 -27.97 -17.92 -5.20
C LEU B 137 -27.48 -19.34 -5.51
N ALA B 138 -27.42 -19.75 -6.77
CA ALA B 138 -26.85 -21.06 -6.97
C ALA B 138 -25.46 -21.10 -6.32
N ALA B 139 -24.62 -20.06 -6.55
CA ALA B 139 -23.23 -20.10 -6.11
C ALA B 139 -23.13 -20.12 -4.59
N TRP B 140 -23.86 -19.22 -3.92
CA TRP B 140 -23.88 -19.29 -2.47
C TRP B 140 -24.25 -20.67 -2.01
N GLY B 141 -25.19 -21.32 -2.71
CA GLY B 141 -25.59 -22.68 -2.39
C GLY B 141 -24.42 -23.65 -2.46
N MET B 142 -23.73 -23.65 -3.59
CA MET B 142 -22.56 -24.50 -3.79
C MET B 142 -21.49 -24.26 -2.70
N ILE B 143 -21.30 -23.02 -2.27
CA ILE B 143 -20.14 -22.67 -1.45
C ILE B 143 -20.43 -23.06 0.00
N ILE B 144 -21.60 -22.65 0.48
CA ILE B 144 -21.98 -22.98 1.85
C ILE B 144 -22.03 -24.50 2.08
N THR B 145 -22.58 -25.27 1.17
CA THR B 145 -22.59 -26.70 1.36
C THR B 145 -21.19 -27.28 1.24
N GLY B 146 -20.36 -26.71 0.36
CA GLY B 146 -18.96 -27.15 0.32
C GLY B 146 -18.23 -26.91 1.66
N TYR B 147 -18.51 -25.77 2.30
CA TYR B 147 -17.75 -25.40 3.47
C TYR B 147 -18.03 -26.40 4.57
N VAL B 148 -19.31 -26.68 4.78
CA VAL B 148 -19.76 -27.68 5.73
C VAL B 148 -19.14 -29.05 5.41
N GLY B 149 -19.35 -29.56 4.21
CA GLY B 149 -18.60 -30.72 3.77
C GLY B 149 -17.18 -30.80 4.31
N GLN B 150 -16.35 -29.77 4.07
CA GLN B 150 -14.90 -29.91 4.22
C GLN B 150 -14.52 -29.94 5.70
N LEU B 151 -15.48 -29.57 6.57
CA LEU B 151 -15.37 -29.80 8.00
C LEU B 151 -15.36 -31.28 8.40
N TYR B 152 -15.57 -32.22 7.48
CA TYR B 152 -15.51 -33.63 7.84
C TYR B 152 -14.34 -34.33 7.15
N GLU B 153 -13.30 -33.61 6.74
CA GLU B 153 -12.33 -34.27 5.89
C GLU B 153 -11.44 -35.18 6.72
N VAL B 154 -11.34 -34.91 8.02
CA VAL B 154 -10.50 -35.69 8.91
C VAL B 154 -11.36 -36.77 9.56
N ASP B 155 -12.53 -36.38 10.08
CA ASP B 155 -13.39 -37.27 10.83
C ASP B 155 -14.16 -38.21 9.89
N ASP B 156 -15.10 -37.69 9.09
CA ASP B 156 -16.17 -38.52 8.54
C ASP B 156 -16.29 -38.44 7.01
N ILE B 157 -15.41 -39.15 6.27
CA ILE B 157 -15.37 -39.09 4.81
C ILE B 157 -16.73 -39.38 4.17
N ALA B 158 -17.58 -40.15 4.85
CA ALA B 158 -18.94 -40.32 4.38
C ALA B 158 -19.60 -38.96 4.23
N GLN B 159 -19.62 -38.19 5.33
CA GLN B 159 -20.21 -36.86 5.38
C GLN B 159 -19.59 -35.94 4.33
N LEU B 160 -18.26 -36.00 4.19
CA LEU B 160 -17.61 -35.27 3.13
C LEU B 160 -18.34 -35.50 1.80
N MET B 161 -18.46 -36.76 1.38
CA MET B 161 -19.08 -37.08 0.09
C MET B 161 -20.57 -36.73 0.07
N ILE B 162 -21.24 -36.71 1.21
CA ILE B 162 -22.65 -36.43 1.11
C ILE B 162 -22.78 -34.97 0.73
N TRP B 163 -22.15 -34.10 1.52
CA TRP B 163 -22.25 -32.66 1.27
C TRP B 163 -21.60 -32.31 -0.07
N GLY B 164 -20.58 -33.07 -0.44
CA GLY B 164 -20.01 -33.00 -1.77
C GLY B 164 -21.10 -33.00 -2.83
N ALA B 165 -22.03 -33.96 -2.69
CA ALA B 165 -22.98 -34.29 -3.74
C ALA B 165 -23.99 -33.16 -3.87
N VAL B 166 -24.47 -32.70 -2.72
CA VAL B 166 -25.31 -31.52 -2.70
C VAL B 166 -24.58 -30.33 -3.34
N SER B 167 -23.34 -30.08 -2.92
CA SER B 167 -22.60 -28.95 -3.47
C SER B 167 -22.61 -29.05 -5.00
N THR B 168 -22.22 -30.23 -5.50
CA THR B 168 -22.20 -30.47 -6.94
C THR B 168 -23.56 -30.31 -7.63
N ALA B 169 -24.67 -30.52 -6.93
CA ALA B 169 -25.96 -30.23 -7.52
C ALA B 169 -25.96 -28.79 -7.99
N PHE B 170 -25.81 -27.84 -7.04
CA PHE B 170 -25.76 -26.41 -7.35
C PHE B 170 -24.73 -26.06 -8.44
N PHE B 171 -23.58 -26.72 -8.44
CA PHE B 171 -22.64 -26.53 -9.50
C PHE B 171 -23.32 -26.71 -10.84
N VAL B 172 -24.00 -27.84 -11.02
CA VAL B 172 -24.51 -28.24 -12.33
C VAL B 172 -25.54 -27.24 -12.83
N VAL B 173 -26.45 -26.84 -11.95
CA VAL B 173 -27.39 -25.79 -12.28
C VAL B 173 -26.64 -24.57 -12.81
N MET B 174 -25.63 -24.14 -12.06
CA MET B 174 -24.91 -22.94 -12.39
C MET B 174 -24.24 -23.12 -13.74
N ASN B 175 -23.56 -24.24 -13.98
CA ASN B 175 -22.90 -24.41 -15.28
C ASN B 175 -23.94 -24.41 -16.39
N TRP B 176 -25.14 -24.92 -16.08
CA TRP B 176 -26.16 -25.05 -17.10
C TRP B 176 -26.61 -23.66 -17.57
N ILE B 177 -27.21 -22.88 -16.68
CA ILE B 177 -27.46 -21.46 -16.93
C ILE B 177 -26.32 -20.72 -17.67
N VAL B 178 -25.08 -20.89 -17.26
CA VAL B 178 -24.04 -20.11 -17.91
C VAL B 178 -23.98 -20.53 -19.37
N GLY B 179 -23.92 -21.85 -19.63
CA GLY B 179 -23.75 -22.32 -21.01
C GLY B 179 -24.95 -21.91 -21.87
N THR B 180 -26.17 -22.02 -21.31
CA THR B 180 -27.34 -21.55 -22.02
C THR B 180 -27.05 -20.15 -22.54
N LYS B 181 -26.79 -19.21 -21.61
CA LYS B 181 -26.65 -17.81 -21.97
C LYS B 181 -25.54 -17.65 -23.01
N ILE B 182 -24.45 -18.39 -22.86
CA ILE B 182 -23.32 -18.16 -23.73
C ILE B 182 -23.72 -18.50 -25.15
N PHE B 183 -24.31 -19.69 -25.31
CA PHE B 183 -24.50 -20.27 -26.63
C PHE B 183 -25.69 -19.58 -27.32
N LYS B 184 -26.65 -19.12 -26.51
CA LYS B 184 -27.73 -18.27 -27.01
C LYS B 184 -27.28 -16.88 -27.43
N ASN B 185 -26.21 -16.31 -26.84
CA ASN B 185 -25.87 -14.91 -27.10
C ASN B 185 -24.59 -14.74 -27.90
N ARG B 186 -23.92 -15.84 -28.23
CA ARG B 186 -22.66 -15.81 -28.93
C ARG B 186 -22.78 -15.05 -30.26
N ALA B 187 -23.98 -15.07 -30.86
CA ALA B 187 -24.15 -14.65 -32.24
C ALA B 187 -24.24 -13.13 -32.33
N THR B 188 -24.79 -12.51 -31.28
CA THR B 188 -24.93 -11.07 -31.15
C THR B 188 -23.57 -10.39 -30.88
N MET B 189 -22.52 -11.17 -30.60
CA MET B 189 -21.29 -10.61 -30.12
C MET B 189 -20.52 -9.96 -31.25
N LEU B 190 -19.90 -8.82 -30.93
CA LEU B 190 -19.28 -7.93 -31.91
C LEU B 190 -17.79 -8.24 -32.06
N GLY B 191 -17.18 -7.68 -33.11
CA GLY B 191 -15.74 -7.69 -33.31
C GLY B 191 -15.10 -9.08 -33.47
N GLY B 192 -15.93 -10.09 -33.79
CA GLY B 192 -15.42 -11.45 -33.96
C GLY B 192 -15.06 -12.12 -32.64
N THR B 193 -15.87 -11.87 -31.61
CA THR B 193 -15.58 -12.32 -30.27
C THR B 193 -16.41 -13.56 -29.95
N ASP B 194 -17.31 -13.94 -30.86
CA ASP B 194 -18.03 -15.22 -30.83
C ASP B 194 -17.06 -16.41 -30.74
N SER B 195 -15.96 -16.36 -31.49
CA SER B 195 -14.89 -17.33 -31.34
C SER B 195 -14.34 -17.26 -29.93
N THR B 196 -14.00 -16.03 -29.48
CA THR B 196 -13.30 -15.89 -28.23
C THR B 196 -14.19 -16.35 -27.08
N ILE B 197 -15.47 -16.03 -27.14
CA ILE B 197 -16.29 -16.30 -25.97
C ILE B 197 -16.37 -17.82 -25.75
N THR B 198 -16.15 -18.60 -26.79
CA THR B 198 -16.29 -20.04 -26.67
C THR B 198 -15.06 -20.60 -25.95
N LYS B 199 -13.87 -20.16 -26.36
CA LYS B 199 -12.65 -20.39 -25.61
C LYS B 199 -12.84 -20.06 -24.12
N VAL B 200 -13.39 -18.91 -23.82
CA VAL B 200 -13.61 -18.59 -22.42
C VAL B 200 -14.41 -19.71 -21.74
N PHE B 201 -15.54 -20.09 -22.31
CA PHE B 201 -16.37 -21.14 -21.70
C PHE B 201 -15.60 -22.44 -21.49
N TRP B 202 -14.70 -22.78 -22.40
CA TRP B 202 -13.88 -23.94 -22.14
C TRP B 202 -13.01 -23.71 -20.94
N LEU B 203 -12.20 -22.63 -20.97
CA LEU B 203 -11.31 -22.30 -19.86
C LEU B 203 -12.08 -22.48 -18.56
N MET B 204 -13.28 -21.92 -18.49
CA MET B 204 -14.09 -22.01 -17.29
C MET B 204 -14.28 -23.46 -16.88
N MET B 205 -14.66 -24.32 -17.82
CA MET B 205 -14.98 -25.71 -17.50
C MET B 205 -13.76 -26.40 -16.87
N PHE B 206 -12.60 -26.32 -17.55
CA PHE B 206 -11.37 -26.84 -16.97
C PHE B 206 -11.09 -26.20 -15.60
N ALA B 207 -10.84 -24.90 -15.56
CA ALA B 207 -10.39 -24.31 -14.32
C ALA B 207 -11.40 -24.58 -13.20
N TRP B 208 -12.71 -24.45 -13.45
CA TRP B 208 -13.62 -24.55 -12.32
C TRP B 208 -13.69 -25.97 -11.79
N THR B 209 -13.24 -26.95 -12.57
CA THR B 209 -13.38 -28.33 -12.17
C THR B 209 -12.30 -28.72 -11.17
N LEU B 210 -11.09 -28.16 -11.36
CA LEU B 210 -10.01 -28.43 -10.42
C LEU B 210 -10.49 -28.28 -8.97
N TYR B 211 -11.41 -27.35 -8.69
CA TYR B 211 -11.76 -27.14 -7.31
C TYR B 211 -12.33 -28.41 -6.70
N PRO B 212 -13.44 -28.97 -7.21
CA PRO B 212 -13.99 -30.22 -6.63
C PRO B 212 -13.01 -31.40 -6.62
N ILE B 213 -12.10 -31.50 -7.59
CA ILE B 213 -11.02 -32.46 -7.43
C ILE B 213 -10.22 -32.18 -6.13
N ALA B 214 -9.66 -30.97 -5.97
CA ALA B 214 -8.98 -30.62 -4.73
C ALA B 214 -9.82 -31.00 -3.51
N TYR B 215 -11.14 -30.84 -3.59
CA TYR B 215 -11.99 -31.14 -2.45
C TYR B 215 -11.98 -32.61 -2.11
N LEU B 216 -11.75 -33.48 -3.11
CA LEU B 216 -11.74 -34.92 -2.86
C LEU B 216 -10.40 -35.52 -2.48
N VAL B 217 -9.27 -34.82 -2.61
CA VAL B 217 -8.01 -35.43 -2.24
C VAL B 217 -8.06 -36.17 -0.90
N PRO B 218 -8.63 -35.65 0.20
CA PRO B 218 -8.68 -36.43 1.43
C PRO B 218 -9.16 -37.85 1.20
N ALA B 219 -10.14 -38.03 0.31
CA ALA B 219 -10.73 -39.33 0.02
C ALA B 219 -9.81 -40.27 -0.77
N PHE B 220 -9.05 -39.77 -1.73
CA PHE B 220 -8.13 -40.59 -2.50
C PHE B 220 -6.64 -40.32 -2.30
N MET B 221 -6.20 -39.40 -1.41
CA MET B 221 -4.78 -39.27 -1.09
C MET B 221 -4.51 -38.62 0.27
N ASN B 222 -4.81 -39.32 1.36
CA ASN B 222 -4.73 -38.75 2.70
C ASN B 222 -3.28 -38.86 3.19
N ASN B 223 -2.42 -37.97 2.69
CA ASN B 223 -1.04 -37.87 3.11
C ASN B 223 -0.41 -36.60 2.54
N ALA B 224 0.83 -36.34 2.97
CA ALA B 224 1.52 -35.10 2.69
C ALA B 224 1.70 -34.85 1.18
N ASP B 225 1.80 -35.92 0.40
CA ASP B 225 1.81 -35.73 -1.05
C ASP B 225 0.42 -35.30 -1.55
N GLY B 226 -0.64 -35.84 -0.99
CA GLY B 226 -1.95 -35.30 -1.26
C GLY B 226 -1.99 -33.81 -0.94
N VAL B 227 -1.48 -33.45 0.23
CA VAL B 227 -1.51 -32.05 0.63
C VAL B 227 -0.76 -31.23 -0.40
N VAL B 228 0.36 -31.74 -0.92
CA VAL B 228 1.08 -30.96 -1.89
C VAL B 228 0.23 -30.77 -3.14
N LEU B 229 -0.45 -31.84 -3.54
CA LEU B 229 -1.24 -31.83 -4.75
C LEU B 229 -2.38 -30.83 -4.61
N ARG B 230 -3.16 -30.95 -3.53
CA ARG B 230 -4.21 -30.00 -3.34
C ARG B 230 -3.70 -28.55 -3.44
N GLN B 231 -2.60 -28.18 -2.78
CA GLN B 231 -2.15 -26.81 -2.89
C GLN B 231 -1.78 -26.45 -4.33
N LEU B 232 -1.16 -27.36 -5.06
CA LEU B 232 -0.85 -27.07 -6.46
C LEU B 232 -2.12 -26.91 -7.30
N LEU B 233 -3.12 -27.78 -7.13
CA LEU B 233 -4.37 -27.65 -7.85
C LEU B 233 -5.03 -26.29 -7.58
N PHE B 234 -5.14 -25.90 -6.31
CA PHE B 234 -5.64 -24.59 -5.98
C PHE B 234 -4.84 -23.50 -6.69
N THR B 235 -3.53 -23.64 -6.80
CA THR B 235 -2.78 -22.54 -7.38
C THR B 235 -3.11 -22.38 -8.85
N ILE B 236 -3.04 -23.46 -9.60
CA ILE B 236 -3.39 -23.40 -11.00
C ILE B 236 -4.83 -22.95 -11.16
N ALA B 237 -5.78 -23.53 -10.44
CA ALA B 237 -7.15 -23.10 -10.59
C ALA B 237 -7.33 -21.61 -10.28
N ASP B 238 -6.60 -21.02 -9.34
CA ASP B 238 -6.75 -19.59 -9.05
C ASP B 238 -6.20 -18.75 -10.20
N ILE B 239 -5.05 -19.13 -10.73
CA ILE B 239 -4.48 -18.38 -11.83
C ILE B 239 -5.34 -18.49 -13.09
N SER B 240 -5.88 -19.67 -13.37
CA SER B 240 -6.76 -19.87 -14.50
C SER B 240 -8.11 -19.20 -14.30
N SER B 241 -8.77 -19.44 -13.19
CA SER B 241 -10.15 -19.00 -13.06
C SER B 241 -10.23 -17.50 -12.80
N LYS B 242 -9.14 -16.83 -12.41
CA LYS B 242 -9.28 -15.43 -12.06
C LYS B 242 -8.41 -14.56 -12.98
N VAL B 243 -7.14 -14.85 -13.08
CA VAL B 243 -6.24 -13.99 -13.83
C VAL B 243 -6.41 -14.23 -15.33
N ILE B 244 -6.27 -15.46 -15.80
CA ILE B 244 -6.33 -15.69 -17.22
C ILE B 244 -7.75 -15.44 -17.73
N TYR B 245 -8.77 -15.88 -17.01
CA TYR B 245 -10.11 -15.52 -17.41
C TYR B 245 -10.33 -13.99 -17.44
N GLY B 246 -9.80 -13.29 -16.47
CA GLY B 246 -9.85 -11.84 -16.50
C GLY B 246 -9.23 -11.22 -17.73
N LEU B 247 -8.07 -11.72 -18.15
CA LEU B 247 -7.43 -11.22 -19.35
C LEU B 247 -8.28 -11.52 -20.59
N MET B 248 -8.94 -12.67 -20.64
CA MET B 248 -9.83 -12.94 -21.76
C MET B 248 -11.07 -12.06 -21.78
N ILE B 249 -11.75 -11.87 -20.66
CA ILE B 249 -12.88 -10.96 -20.62
C ILE B 249 -12.46 -9.54 -21.03
N THR B 250 -11.29 -9.08 -20.59
CA THR B 250 -10.91 -7.73 -20.93
C THR B 250 -10.64 -7.60 -22.43
N TYR B 251 -10.00 -8.61 -22.99
CA TYR B 251 -9.73 -8.60 -24.42
C TYR B 251 -11.04 -8.64 -25.20
N ILE B 252 -11.98 -9.50 -24.82
CA ILE B 252 -13.27 -9.44 -25.47
C ILE B 252 -13.91 -8.05 -25.34
N ALA B 253 -13.83 -7.41 -24.17
CA ALA B 253 -14.45 -6.10 -24.02
C ALA B 253 -13.78 -5.02 -24.90
N ILE B 254 -12.48 -5.09 -25.14
CA ILE B 254 -11.83 -4.10 -25.95
C ILE B 254 -12.22 -4.33 -27.41
N GLN B 255 -12.24 -5.58 -27.86
CA GLN B 255 -12.67 -5.89 -29.21
C GLN B 255 -14.09 -5.35 -29.48
N GLN B 256 -15.06 -5.66 -28.65
CA GLN B 256 -16.39 -5.11 -28.84
C GLN B 256 -16.45 -3.60 -28.67
N SER B 257 -15.60 -2.99 -27.86
CA SER B 257 -15.62 -1.55 -27.73
C SER B 257 -15.26 -0.91 -29.06
N ALA B 258 -14.30 -1.51 -29.72
CA ALA B 258 -13.75 -0.91 -30.92
C ALA B 258 -14.80 -1.04 -32.03
N ALA B 259 -15.39 -2.22 -32.13
CA ALA B 259 -16.47 -2.49 -33.06
C ALA B 259 -17.61 -1.48 -32.92
N ALA B 260 -17.93 -1.10 -31.70
CA ALA B 260 -18.93 -0.07 -31.44
C ALA B 260 -18.40 1.34 -31.73
N GLY B 261 -17.16 1.47 -32.17
CA GLY B 261 -16.60 2.77 -32.48
C GLY B 261 -16.16 3.61 -31.27
N TYR B 262 -15.57 2.98 -30.26
CA TYR B 262 -14.88 3.72 -29.21
C TYR B 262 -13.43 3.92 -29.63
N VAL B 263 -12.97 5.15 -29.67
CA VAL B 263 -11.75 5.45 -30.39
C VAL B 263 -10.55 4.92 -29.63
N PRO B 264 -10.41 5.24 -28.33
CA PRO B 264 -9.34 4.64 -27.51
C PRO B 264 -9.18 3.13 -27.74
N ALA B 265 -10.31 2.41 -27.82
CA ALA B 265 -10.20 0.99 -28.17
C ALA B 265 -9.62 0.80 -29.54
N GLN B 266 -10.09 1.58 -30.53
CA GLN B 266 -9.62 1.45 -31.92
C GLN B 266 -8.12 1.74 -31.99
N GLN B 267 -7.69 2.84 -31.34
CA GLN B 267 -6.27 3.13 -31.20
C GLN B 267 -5.50 1.99 -30.54
N ALA B 268 -5.99 1.51 -29.39
CA ALA B 268 -5.31 0.44 -28.68
C ALA B 268 -5.07 -0.74 -29.58
N LEU B 269 -5.90 -0.93 -30.61
CA LEU B 269 -5.70 -2.07 -31.51
C LEU B 269 -4.98 -1.67 -32.80
N GLY B 270 -4.71 -0.39 -33.01
CA GLY B 270 -4.21 0.09 -34.30
C GLY B 270 -5.32 0.77 -35.10
N MET C 8 -11.25 -8.21 32.88
CA MET C 8 -11.82 -8.59 31.55
C MET C 8 -13.12 -7.85 31.28
N LYS C 9 -13.26 -7.34 30.06
CA LYS C 9 -14.39 -6.48 29.74
C LYS C 9 -15.33 -7.17 28.74
N ASN C 10 -14.77 -8.02 27.89
CA ASN C 10 -15.52 -8.66 26.83
C ASN C 10 -15.55 -10.15 27.09
N ILE C 11 -16.69 -10.77 26.78
CA ILE C 11 -16.83 -12.21 26.94
C ILE C 11 -15.98 -12.99 25.93
N GLU C 12 -15.46 -12.38 24.87
CA GLU C 12 -14.58 -13.12 23.98
C GLU C 12 -13.42 -13.69 24.79
N SER C 13 -12.90 -12.86 25.70
CA SER C 13 -11.75 -13.21 26.52
C SER C 13 -12.07 -14.22 27.63
N LEU C 14 -13.34 -14.59 27.85
CA LEU C 14 -13.65 -15.57 28.88
C LEU C 14 -13.54 -17.02 28.41
N PHE C 15 -13.61 -17.33 27.12
CA PHE C 15 -13.81 -18.71 26.72
C PHE C 15 -12.58 -19.31 26.07
N ASP C 16 -12.65 -20.64 25.91
CA ASP C 16 -11.77 -21.39 25.03
C ASP C 16 -12.56 -21.78 23.79
N TYR C 17 -11.85 -22.15 22.72
CA TYR C 17 -12.51 -22.35 21.45
C TYR C 17 -11.95 -23.64 20.87
N SER C 18 -12.86 -24.45 20.31
CA SER C 18 -12.47 -25.53 19.42
C SER C 18 -11.74 -24.98 18.18
N ALA C 19 -10.88 -25.79 17.58
CA ALA C 19 -10.24 -25.40 16.33
C ALA C 19 -11.27 -24.96 15.28
N GLY C 20 -12.42 -25.59 15.24
CA GLY C 20 -13.43 -25.23 14.26
C GLY C 20 -14.04 -23.87 14.53
N GLN C 21 -14.51 -23.65 15.77
CA GLN C 21 -14.93 -22.32 16.16
C GLN C 21 -13.84 -21.27 15.94
N PHE C 22 -12.67 -21.54 16.44
CA PHE C 22 -11.60 -20.58 16.31
C PHE C 22 -11.31 -20.32 14.83
N GLU C 23 -11.32 -21.34 13.98
CA GLU C 23 -10.93 -21.12 12.60
C GLU C 23 -12.03 -20.40 11.83
N PHE C 24 -13.30 -20.68 12.16
CA PHE C 24 -14.43 -20.02 11.54
C PHE C 24 -14.31 -18.51 11.74
N ILE C 25 -14.15 -18.11 12.99
CA ILE C 25 -14.00 -16.69 13.29
C ILE C 25 -12.83 -16.08 12.53
N ASP C 26 -11.70 -16.77 12.44
CA ASP C 26 -10.62 -16.22 11.64
C ASP C 26 -11.00 -16.11 10.15
N HIS C 27 -11.78 -17.07 9.64
CA HIS C 27 -12.22 -17.03 8.25
C HIS C 27 -13.14 -15.80 8.04
N LEU C 28 -14.12 -15.57 8.89
CA LEU C 28 -14.96 -14.40 8.74
C LEU C 28 -14.15 -13.11 8.81
N LEU C 29 -13.32 -12.92 9.83
CA LEU C 29 -12.58 -11.67 9.92
C LEU C 29 -11.72 -11.47 8.67
N THR C 30 -11.07 -12.52 8.19
CA THR C 30 -10.17 -12.30 7.08
C THR C 30 -10.92 -11.88 5.82
N MET C 31 -12.12 -12.40 5.64
CA MET C 31 -12.86 -12.12 4.43
C MET C 31 -13.32 -10.67 4.44
N GLY C 32 -13.92 -10.24 5.56
CA GLY C 32 -14.26 -8.84 5.77
C GLY C 32 -13.14 -7.89 5.32
N VAL C 33 -11.91 -8.12 5.73
CA VAL C 33 -10.86 -7.21 5.34
C VAL C 33 -10.78 -7.05 3.83
N GLY C 34 -10.92 -8.12 3.09
CA GLY C 34 -10.62 -8.02 1.66
C GLY C 34 -11.82 -7.52 0.86
N VAL C 35 -13.03 -7.85 1.27
CA VAL C 35 -14.22 -7.23 0.70
C VAL C 35 -14.12 -5.71 0.80
N HIS C 36 -13.74 -5.14 1.94
CA HIS C 36 -13.70 -3.69 2.06
C HIS C 36 -12.61 -3.08 1.20
N PHE C 37 -11.40 -3.65 1.19
CA PHE C 37 -10.38 -3.10 0.31
C PHE C 37 -10.72 -3.31 -1.16
N ALA C 38 -11.45 -4.38 -1.50
CA ALA C 38 -11.78 -4.59 -2.89
C ALA C 38 -12.81 -3.57 -3.35
N ALA C 39 -13.92 -3.47 -2.63
CA ALA C 39 -14.90 -2.46 -2.92
C ALA C 39 -14.26 -1.07 -3.07
N LEU C 40 -13.24 -0.74 -2.30
CA LEU C 40 -12.56 0.53 -2.53
C LEU C 40 -12.16 0.67 -4.00
N ILE C 41 -11.48 -0.29 -4.60
CA ILE C 41 -10.99 -0.07 -5.96
C ILE C 41 -12.21 0.11 -6.88
N PHE C 42 -13.28 -0.62 -6.67
CA PHE C 42 -14.45 -0.43 -7.51
C PHE C 42 -15.05 0.98 -7.43
N PHE C 43 -15.20 1.52 -6.25
CA PHE C 43 -15.72 2.86 -6.10
C PHE C 43 -14.80 3.87 -6.79
N LEU C 44 -13.50 3.64 -6.79
CA LEU C 44 -12.63 4.59 -7.45
C LEU C 44 -12.86 4.54 -8.96
N VAL C 45 -12.90 3.34 -9.54
CA VAL C 45 -13.06 3.20 -10.98
C VAL C 45 -14.37 3.75 -11.51
N VAL C 46 -15.48 3.52 -10.82
CA VAL C 46 -16.75 4.00 -11.35
C VAL C 46 -17.06 5.41 -10.91
N SER C 47 -16.24 6.03 -10.07
CA SER C 47 -16.54 7.40 -9.69
C SER C 47 -16.61 8.33 -10.90
N GLN C 48 -15.88 8.00 -11.97
CA GLN C 48 -15.84 8.86 -13.15
C GLN C 48 -17.16 8.93 -13.94
N PHE C 49 -18.09 8.03 -13.68
CA PHE C 49 -19.38 8.09 -14.31
C PHE C 49 -20.38 8.82 -13.43
N VAL C 50 -19.96 9.45 -12.36
CA VAL C 50 -20.95 10.14 -11.55
C VAL C 50 -20.77 11.62 -11.83
N ALA C 51 -21.86 12.36 -12.07
CA ALA C 51 -21.72 13.81 -12.23
C ALA C 51 -21.16 14.46 -10.97
N PRO C 52 -20.31 15.50 -11.10
CA PRO C 52 -19.66 16.19 -9.99
C PRO C 52 -20.54 16.57 -8.80
N LYS C 53 -21.77 17.01 -9.11
CA LYS C 53 -22.80 17.31 -8.12
C LYS C 53 -23.01 16.14 -7.14
N TYR C 54 -22.79 14.89 -7.57
CA TYR C 54 -23.01 13.73 -6.73
C TYR C 54 -21.74 12.96 -6.40
N ARG C 55 -20.57 13.39 -6.91
CA ARG C 55 -19.37 12.63 -6.71
C ARG C 55 -18.92 12.53 -5.24
N ILE C 56 -19.33 13.46 -4.41
CA ILE C 56 -18.98 13.43 -2.99
C ILE C 56 -19.58 12.16 -2.38
N ALA C 57 -20.76 11.73 -2.86
CA ALA C 57 -21.43 10.57 -2.30
C ALA C 57 -20.56 9.35 -2.48
N THR C 58 -19.95 9.23 -3.66
CA THR C 58 -19.07 8.12 -3.95
C THR C 58 -17.76 8.26 -3.18
N ALA C 59 -17.25 9.48 -3.01
CA ALA C 59 -16.01 9.65 -2.28
C ALA C 59 -16.21 9.20 -0.82
N LEU C 60 -17.37 9.52 -0.24
CA LEU C 60 -17.69 9.08 1.09
C LEU C 60 -17.67 7.54 1.21
N SER C 61 -18.11 6.79 0.21
CA SER C 61 -17.94 5.34 0.29
C SER C 61 -16.45 4.95 0.36
N CYS C 62 -15.58 5.60 -0.40
CA CYS C 62 -14.17 5.28 -0.31
C CYS C 62 -13.65 5.52 1.12
N ILE C 63 -14.04 6.62 1.76
CA ILE C 63 -13.63 6.83 3.13
C ILE C 63 -14.03 5.61 3.98
N VAL C 64 -15.32 5.26 3.96
CA VAL C 64 -15.81 4.18 4.78
C VAL C 64 -15.08 2.87 4.43
N MET C 65 -14.84 2.56 3.18
CA MET C 65 -14.16 1.31 2.91
C MET C 65 -12.78 1.26 3.54
N VAL C 66 -11.99 2.32 3.49
CA VAL C 66 -10.61 2.27 3.99
C VAL C 66 -10.62 2.18 5.52
N SER C 67 -11.41 3.02 6.16
CA SER C 67 -11.49 3.06 7.60
C SER C 67 -11.94 1.70 8.17
N ALA C 68 -13.09 1.19 7.72
CA ALA C 68 -13.58 -0.10 8.15
C ALA C 68 -12.60 -1.20 7.76
N GLY C 69 -12.07 -1.19 6.56
CA GLY C 69 -11.09 -2.21 6.24
C GLY C 69 -9.95 -2.28 7.24
N LEU C 70 -9.34 -1.14 7.60
CA LEU C 70 -8.20 -1.17 8.51
C LEU C 70 -8.58 -1.60 9.94
N ILE C 71 -9.79 -1.32 10.41
CA ILE C 71 -10.22 -1.86 11.68
C ILE C 71 -10.31 -3.36 11.58
N LEU C 72 -11.03 -3.88 10.60
CA LEU C 72 -11.10 -5.31 10.47
C LEU C 72 -9.71 -5.92 10.43
N ASN C 73 -8.78 -5.22 9.80
CA ASN C 73 -7.50 -5.87 9.68
C ASN C 73 -6.80 -5.99 11.04
N SER C 74 -6.98 -4.99 11.88
CA SER C 74 -6.53 -5.03 13.26
C SER C 74 -7.22 -6.14 14.05
N GLN C 75 -8.56 -6.17 14.05
CA GLN C 75 -9.24 -7.21 14.79
C GLN C 75 -8.65 -8.57 14.38
N ALA C 76 -8.35 -8.74 13.12
CA ALA C 76 -8.02 -10.05 12.64
C ALA C 76 -6.66 -10.46 13.16
N VAL C 77 -5.72 -9.53 13.17
CA VAL C 77 -4.41 -9.82 13.76
C VAL C 77 -4.49 -10.05 15.28
N MET C 78 -5.30 -9.27 15.98
CA MET C 78 -5.46 -9.41 17.39
C MET C 78 -5.97 -10.81 17.71
N TRP C 79 -6.87 -11.34 16.89
CA TRP C 79 -7.50 -12.61 17.19
C TRP C 79 -6.45 -13.72 17.20
N THR C 80 -5.63 -13.68 16.19
CA THR C 80 -4.64 -14.74 16.06
C THR C 80 -3.51 -14.56 17.08
N ASP C 81 -3.28 -13.33 17.55
CA ASP C 81 -2.22 -13.03 18.52
C ASP C 81 -2.66 -13.29 19.95
N ALA C 82 -3.94 -13.14 20.24
CA ALA C 82 -4.39 -13.31 21.60
C ALA C 82 -4.51 -14.78 21.98
N TYR C 83 -4.61 -15.70 21.01
CA TYR C 83 -4.89 -17.08 21.35
C TYR C 83 -3.86 -18.03 20.76
N ALA C 84 -3.65 -19.17 21.46
CA ALA C 84 -2.75 -20.22 20.97
C ALA C 84 -3.39 -21.55 21.20
N TYR C 85 -3.01 -22.51 20.33
CA TYR C 85 -3.59 -23.85 20.39
C TYR C 85 -2.78 -24.69 21.38
N VAL C 86 -3.42 -25.13 22.46
CA VAL C 86 -2.69 -25.71 23.58
C VAL C 86 -3.61 -26.71 24.24
N ASP C 87 -3.27 -28.00 24.10
CA ASP C 87 -4.05 -29.11 24.60
C ASP C 87 -5.40 -29.18 23.88
N GLY C 88 -5.34 -29.15 22.54
CA GLY C 88 -6.52 -29.35 21.70
C GLY C 88 -7.62 -28.29 21.85
N SER C 89 -7.26 -27.09 22.33
CA SER C 89 -8.15 -25.95 22.26
C SER C 89 -7.36 -24.66 22.16
N TYR C 90 -8.02 -23.63 21.65
CA TYR C 90 -7.42 -22.30 21.59
C TYR C 90 -7.73 -21.65 22.93
N GLN C 91 -6.69 -21.11 23.56
CA GLN C 91 -6.81 -20.44 24.83
C GLN C 91 -6.06 -19.10 24.83
N LEU C 92 -6.57 -18.17 25.63
CA LEU C 92 -6.00 -16.84 25.72
C LEU C 92 -4.56 -16.88 26.23
N GLN C 93 -3.77 -15.89 25.82
CA GLN C 93 -2.33 -15.82 26.07
C GLN C 93 -1.76 -14.41 26.08
N ASP C 94 -1.70 -13.72 27.22
CA ASP C 94 -0.82 -12.53 27.37
C ASP C 94 -1.27 -11.24 26.68
N LEU C 95 -2.31 -11.33 25.84
CA LEU C 95 -3.00 -10.18 25.27
C LEU C 95 -4.48 -10.46 25.45
N THR C 96 -5.36 -9.45 25.35
CA THR C 96 -6.79 -9.69 25.42
C THR C 96 -7.43 -9.26 24.10
N PHE C 97 -8.67 -9.70 23.86
CA PHE C 97 -9.40 -9.37 22.65
C PHE C 97 -10.67 -8.61 23.04
N SER C 98 -10.96 -7.49 22.34
CA SER C 98 -12.19 -6.71 22.54
C SER C 98 -12.82 -6.32 21.20
N ASN C 99 -14.07 -5.84 21.26
CA ASN C 99 -14.77 -5.31 20.12
C ASN C 99 -14.76 -3.78 20.09
N GLY C 100 -14.32 -3.16 21.16
CA GLY C 100 -14.35 -1.72 21.25
C GLY C 100 -13.68 -1.03 20.07
N TYR C 101 -12.75 -1.70 19.38
CA TYR C 101 -12.22 -1.15 18.14
C TYR C 101 -13.34 -0.71 17.19
N ARG C 102 -14.36 -1.54 17.01
CA ARG C 102 -15.43 -1.19 16.12
C ARG C 102 -16.16 0.03 16.64
N TYR C 103 -16.51 0.04 17.90
CA TYR C 103 -17.34 1.12 18.41
C TYR C 103 -16.66 2.44 18.12
N VAL C 104 -15.39 2.55 18.45
CA VAL C 104 -14.71 3.83 18.28
C VAL C 104 -14.68 4.21 16.81
N ASN C 105 -14.50 3.23 15.94
CA ASN C 105 -14.50 3.53 14.52
C ASN C 105 -15.86 4.04 13.95
N TRP C 106 -17.00 3.53 14.40
CA TRP C 106 -18.29 4.13 14.09
C TRP C 106 -18.36 5.64 14.31
N MET C 107 -17.61 6.20 15.24
CA MET C 107 -17.67 7.65 15.39
C MET C 107 -17.34 8.38 14.10
N ALA C 108 -16.54 7.75 13.23
CA ALA C 108 -16.21 8.33 11.92
C ALA C 108 -17.09 7.80 10.78
N THR C 109 -17.40 6.51 10.77
CA THR C 109 -18.04 5.96 9.59
C THR C 109 -19.54 6.22 9.58
N ILE C 110 -20.24 6.25 10.72
CA ILE C 110 -21.68 6.45 10.66
C ILE C 110 -22.03 7.81 10.05
N PRO C 111 -21.36 8.92 10.44
CA PRO C 111 -21.53 10.19 9.74
C PRO C 111 -21.41 10.06 8.21
N CYS C 112 -20.34 9.42 7.74
CA CYS C 112 -20.15 9.24 6.31
C CYS C 112 -21.33 8.50 5.67
N LEU C 113 -21.76 7.38 6.25
CA LEU C 113 -22.92 6.70 5.69
C LEU C 113 -24.12 7.64 5.60
N LEU C 114 -24.36 8.47 6.63
CA LEU C 114 -25.57 9.27 6.65
C LEU C 114 -25.48 10.43 5.65
N LEU C 115 -24.29 11.01 5.54
CA LEU C 115 -24.12 12.10 4.62
C LEU C 115 -24.31 11.62 3.18
N GLN C 116 -23.83 10.45 2.82
CA GLN C 116 -23.99 10.05 1.43
C GLN C 116 -25.47 9.83 1.05
N LEU C 117 -26.34 9.47 1.99
CA LEU C 117 -27.76 9.39 1.71
C LEU C 117 -28.39 10.75 1.46
N LEU C 118 -28.09 11.73 2.29
CA LEU C 118 -28.61 13.07 2.09
C LEU C 118 -28.20 13.62 0.73
N ILE C 119 -26.96 13.38 0.28
CA ILE C 119 -26.51 13.95 -0.99
C ILE C 119 -27.36 13.40 -2.14
N VAL C 120 -27.64 12.11 -2.19
CA VAL C 120 -28.37 11.61 -3.33
C VAL C 120 -29.87 11.90 -3.16
N LEU C 121 -30.35 12.21 -1.96
CA LEU C 121 -31.73 12.64 -1.77
C LEU C 121 -31.89 14.06 -2.29
N ASN C 122 -30.78 14.65 -2.71
CA ASN C 122 -30.81 15.97 -3.31
C ASN C 122 -31.07 17.09 -2.30
N LEU C 123 -30.81 16.88 -1.00
CA LEU C 123 -30.92 17.99 -0.06
C LEU C 123 -29.80 18.97 -0.42
N LYS C 124 -30.05 20.26 -0.13
CA LYS C 124 -29.08 21.31 -0.42
C LYS C 124 -29.09 22.39 0.67
N GLY C 125 -27.92 23.03 0.82
CA GLY C 125 -27.74 24.19 1.69
C GLY C 125 -28.22 23.97 3.12
N LYS C 126 -28.95 24.97 3.63
CA LYS C 126 -29.37 24.99 5.03
C LYS C 126 -29.94 23.64 5.43
N GLU C 127 -30.78 23.06 4.58
CA GLU C 127 -31.46 21.81 4.91
C GLU C 127 -30.42 20.71 5.01
N LEU C 128 -29.47 20.73 4.09
CA LEU C 128 -28.38 19.76 4.15
C LEU C 128 -27.64 19.94 5.49
N PHE C 129 -27.07 21.12 5.71
CA PHE C 129 -26.22 21.32 6.88
C PHE C 129 -26.99 21.10 8.18
N SER C 130 -28.29 21.41 8.22
CA SER C 130 -29.04 21.25 9.45
C SER C 130 -29.23 19.77 9.76
N THR C 131 -29.76 19.02 8.78
CA THR C 131 -30.01 17.60 8.97
C THR C 131 -28.70 16.88 9.30
N ALA C 132 -27.62 17.25 8.59
CA ALA C 132 -26.31 16.65 8.84
C ALA C 132 -25.96 16.79 10.32
N THR C 133 -25.97 18.01 10.84
CA THR C 133 -25.71 18.23 12.27
C THR C 133 -26.59 17.39 13.21
N TRP C 134 -27.91 17.34 13.02
CA TRP C 134 -28.71 16.57 13.94
C TRP C 134 -28.39 15.09 13.88
N LEU C 135 -28.17 14.57 12.67
CA LEU C 135 -27.89 13.15 12.51
C LEU C 135 -26.54 12.79 13.12
N ILE C 136 -25.53 13.64 12.90
CA ILE C 136 -24.24 13.33 13.48
C ILE C 136 -24.32 13.33 15.03
N LEU C 137 -24.90 14.35 15.66
CA LEU C 137 -24.99 14.35 17.12
C LEU C 137 -25.85 13.18 17.61
N ALA C 138 -26.96 12.88 16.95
CA ALA C 138 -27.65 11.71 17.39
C ALA C 138 -26.69 10.53 17.41
N ALA C 139 -25.91 10.35 16.32
CA ALA C 139 -25.10 9.14 16.15
C ALA C 139 -23.99 9.07 17.19
N TRP C 140 -23.25 10.16 17.37
CA TRP C 140 -22.28 10.16 18.45
C TRP C 140 -22.93 9.81 19.79
N GLY C 141 -24.16 10.26 20.01
CA GLY C 141 -24.91 9.90 21.20
C GLY C 141 -25.12 8.41 21.35
N MET C 142 -25.66 7.79 20.31
CA MET C 142 -25.84 6.34 20.26
C MET C 142 -24.52 5.60 20.52
N ILE C 143 -23.41 6.09 19.98
CA ILE C 143 -22.19 5.28 19.93
C ILE C 143 -21.50 5.35 21.28
N ILE C 144 -21.33 6.57 21.80
CA ILE C 144 -20.71 6.75 23.10
C ILE C 144 -21.48 6.00 24.19
N THR C 145 -22.81 6.07 24.23
CA THR C 145 -23.52 5.35 25.27
C THR C 145 -23.41 3.84 25.04
N GLY C 146 -23.38 3.39 23.79
CA GLY C 146 -23.15 1.98 23.55
C GLY C 146 -21.78 1.51 24.04
N TYR C 147 -20.76 2.35 23.87
CA TYR C 147 -19.40 1.92 24.19
C TYR C 147 -19.30 1.69 25.70
N VAL C 148 -19.82 2.64 26.47
CA VAL C 148 -19.91 2.53 27.92
C VAL C 148 -20.70 1.28 28.30
N GLY C 149 -21.95 1.16 27.86
CA GLY C 149 -22.66 -0.09 28.03
C GLY C 149 -21.77 -1.33 27.94
N GLN C 150 -21.00 -1.51 26.85
CA GLN C 150 -20.43 -2.82 26.53
C GLN C 150 -19.24 -3.11 27.46
N LEU C 151 -18.78 -2.09 28.19
CA LEU C 151 -17.89 -2.25 29.33
C LEU C 151 -18.50 -3.02 30.51
N TYR C 152 -19.78 -3.36 30.49
CA TYR C 152 -20.37 -4.13 31.58
C TYR C 152 -20.80 -5.52 31.13
N GLU C 153 -20.25 -6.03 30.01
CA GLU C 153 -20.87 -7.23 29.47
C GLU C 153 -20.50 -8.44 30.33
N VAL C 154 -19.37 -8.35 31.04
CA VAL C 154 -18.88 -9.44 31.86
C VAL C 154 -19.41 -9.26 33.27
N ASP C 155 -19.26 -8.04 33.82
CA ASP C 155 -19.64 -7.75 35.20
C ASP C 155 -21.16 -7.63 35.36
N ASP C 156 -21.78 -6.57 34.80
CA ASP C 156 -23.08 -6.11 35.27
C ASP C 156 -24.13 -6.01 34.17
N ILE C 157 -24.74 -7.15 33.77
CA ILE C 157 -25.70 -7.17 32.67
C ILE C 157 -26.85 -6.18 32.89
N ALA C 158 -27.17 -5.83 34.13
CA ALA C 158 -28.13 -4.79 34.38
C ALA C 158 -27.68 -3.51 33.70
N GLN C 159 -26.44 -3.07 34.01
CA GLN C 159 -25.86 -1.85 33.45
C GLN C 159 -25.80 -1.93 31.93
N LEU C 160 -25.42 -3.10 31.39
CA LEU C 160 -25.47 -3.29 29.95
C LEU C 160 -26.82 -2.83 29.40
N MET C 161 -27.92 -3.38 29.93
CA MET C 161 -29.25 -3.07 29.41
C MET C 161 -29.64 -1.61 29.70
N ILE C 162 -29.08 -1.01 30.74
CA ILE C 162 -29.55 0.34 31.00
C ILE C 162 -28.98 1.21 29.90
N TRP C 163 -27.65 1.14 29.71
CA TRP C 163 -26.99 1.97 28.71
C TRP C 163 -27.47 1.58 27.30
N GLY C 164 -27.78 0.31 27.14
CA GLY C 164 -28.46 -0.17 25.93
C GLY C 164 -29.63 0.72 25.57
N ALA C 165 -30.46 1.02 26.57
CA ALA C 165 -31.77 1.61 26.37
C ALA C 165 -31.59 3.06 25.97
N VAL C 166 -30.68 3.75 26.67
CA VAL C 166 -30.30 5.08 26.27
C VAL C 166 -29.77 5.08 24.83
N SER C 167 -28.84 4.16 24.53
CA SER C 167 -28.29 4.11 23.19
C SER C 167 -29.43 4.00 22.18
N THR C 168 -30.35 3.06 22.40
CA THR C 168 -31.50 2.87 21.53
C THR C 168 -32.41 4.09 21.42
N ALA C 169 -32.47 4.94 22.44
CA ALA C 169 -33.21 6.18 22.29
C ALA C 169 -32.68 6.91 21.07
N PHE C 170 -31.38 7.28 21.10
CA PHE C 170 -30.72 7.96 20.00
C PHE C 170 -30.91 7.25 18.65
N PHE C 171 -30.86 5.92 18.66
CA PHE C 171 -31.14 5.19 17.45
C PHE C 171 -32.46 5.64 16.85
N VAL C 172 -33.51 5.63 17.66
CA VAL C 172 -34.87 5.82 17.16
C VAL C 172 -35.03 7.21 16.55
N VAL C 173 -34.52 8.22 17.26
CA VAL C 173 -34.48 9.55 16.69
C VAL C 173 -33.84 9.53 15.30
N MET C 174 -32.67 8.91 15.23
CA MET C 174 -31.91 8.91 14.00
C MET C 174 -32.71 8.21 12.91
N ASN C 175 -33.29 7.03 13.20
CA ASN C 175 -34.06 6.35 12.16
C ASN C 175 -35.24 7.20 11.73
N TRP C 176 -35.77 7.97 12.66
CA TRP C 176 -36.96 8.73 12.39
C TRP C 176 -36.65 9.83 11.36
N ILE C 177 -35.79 10.78 11.74
CA ILE C 177 -35.23 11.72 10.78
C ILE C 177 -34.85 11.12 9.40
N VAL C 178 -34.17 9.99 9.36
CA VAL C 178 -33.80 9.49 8.05
C VAL C 178 -35.06 9.18 7.25
N GLY C 179 -36.00 8.44 7.84
CA GLY C 179 -37.17 8.03 7.09
C GLY C 179 -38.01 9.26 6.67
N THR C 180 -38.14 10.24 7.57
CA THR C 180 -38.81 11.47 7.21
C THR C 180 -38.24 11.96 5.89
N LYS C 181 -36.93 12.24 5.86
CA LYS C 181 -36.28 12.82 4.70
C LYS C 181 -36.49 11.93 3.47
N ILE C 182 -36.43 10.63 3.65
CA ILE C 182 -36.49 9.76 2.49
C ILE C 182 -37.86 9.90 1.86
N PHE C 183 -38.90 9.79 2.67
CA PHE C 183 -40.26 9.62 2.17
C PHE C 183 -40.78 10.98 1.69
N LYS C 184 -40.29 12.05 2.31
CA LYS C 184 -40.54 13.39 1.84
C LYS C 184 -39.83 13.73 0.52
N ASN C 185 -38.69 13.12 0.20
CA ASN C 185 -37.92 13.55 -0.97
C ASN C 185 -37.92 12.51 -2.08
N ARG C 186 -38.57 11.37 -1.87
CA ARG C 186 -38.57 10.27 -2.83
C ARG C 186 -39.11 10.72 -4.18
N ALA C 187 -39.97 11.75 -4.20
CA ALA C 187 -40.74 12.07 -5.40
C ALA C 187 -39.92 12.92 -6.36
N THR C 188 -39.01 13.72 -5.79
CA THR C 188 -38.09 14.57 -6.54
C THR C 188 -36.94 13.75 -7.15
N MET C 189 -36.86 12.45 -6.89
CA MET C 189 -35.74 11.65 -7.34
C MET C 189 -35.83 11.42 -8.85
N LEU C 190 -34.68 11.50 -9.53
CA LEU C 190 -34.59 11.38 -10.97
C LEU C 190 -34.31 9.95 -11.42
N GLY C 191 -34.50 9.69 -12.72
CA GLY C 191 -34.09 8.46 -13.36
C GLY C 191 -34.78 7.20 -12.84
N GLY C 192 -35.93 7.36 -12.16
CA GLY C 192 -36.64 6.22 -11.61
C GLY C 192 -35.95 5.61 -10.39
N THR C 193 -35.41 6.47 -9.53
CA THR C 193 -34.63 6.01 -8.40
C THR C 193 -35.45 6.09 -7.13
N ASP C 194 -36.68 6.63 -7.22
CA ASP C 194 -37.69 6.56 -6.16
C ASP C 194 -37.95 5.12 -5.72
N SER C 195 -38.04 4.19 -6.68
CA SER C 195 -38.10 2.78 -6.36
C SER C 195 -36.84 2.37 -5.60
N THR C 196 -35.67 2.74 -6.16
CA THR C 196 -34.43 2.24 -5.61
C THR C 196 -34.22 2.78 -4.19
N ILE C 197 -34.58 4.04 -3.97
CA ILE C 197 -34.26 4.62 -2.68
C ILE C 197 -35.03 3.90 -1.58
N THR C 198 -36.14 3.27 -1.92
CA THR C 198 -36.97 2.62 -0.92
C THR C 198 -36.30 1.32 -0.48
N LYS C 199 -35.84 0.54 -1.48
CA LYS C 199 -35.00 -0.61 -1.21
C LYS C 199 -33.83 -0.23 -0.30
N VAL C 200 -33.14 0.87 -0.60
CA VAL C 200 -32.06 1.28 0.28
C VAL C 200 -32.56 1.38 1.72
N PHE C 201 -33.63 2.15 1.95
CA PHE C 201 -34.14 2.32 3.32
C PHE C 201 -34.45 0.98 4.00
N TRP C 202 -34.96 0.01 3.26
CA TRP C 202 -35.14 -1.29 3.86
C TRP C 202 -33.79 -1.88 4.25
N LEU C 203 -32.87 -2.01 3.28
CA LEU C 203 -31.53 -2.55 3.55
C LEU C 203 -30.98 -1.96 4.84
N MET C 204 -31.09 -0.62 4.95
CA MET C 204 -30.60 0.05 6.14
C MET C 204 -31.23 -0.54 7.40
N MET C 205 -32.56 -0.68 7.40
CA MET C 205 -33.27 -1.11 8.58
C MET C 205 -32.79 -2.49 9.01
N PHE C 206 -32.79 -3.46 8.08
CA PHE C 206 -32.22 -4.75 8.39
C PHE C 206 -30.77 -4.63 8.89
N ALA C 207 -29.86 -4.17 8.04
CA ALA C 207 -28.47 -4.23 8.41
C ALA C 207 -28.23 -3.47 9.71
N TRP C 208 -28.82 -2.30 9.91
CA TRP C 208 -28.45 -1.53 11.10
C TRP C 208 -28.93 -2.21 12.36
N THR C 209 -29.91 -3.12 12.24
CA THR C 209 -30.50 -3.71 13.42
C THR C 209 -29.62 -4.83 13.97
N LEU C 210 -28.96 -5.57 13.08
CA LEU C 210 -28.03 -6.58 13.53
C LEU C 210 -27.08 -6.04 14.61
N TYR C 211 -26.69 -4.78 14.57
CA TYR C 211 -25.72 -4.33 15.54
C TYR C 211 -26.28 -4.46 16.96
N PRO C 212 -27.41 -3.85 17.33
CA PRO C 212 -27.97 -4.03 18.68
C PRO C 212 -28.28 -5.48 19.06
N ILE C 213 -28.64 -6.33 18.11
CA ILE C 213 -28.69 -7.75 18.43
C ILE C 213 -27.31 -8.24 18.89
N ALA C 214 -26.25 -8.07 18.07
CA ALA C 214 -24.92 -8.46 18.50
C ALA C 214 -24.59 -7.89 19.89
N TYR C 215 -25.04 -6.69 20.19
CA TYR C 215 -24.75 -6.10 21.49
C TYR C 215 -25.40 -6.88 22.62
N LEU C 216 -26.53 -7.54 22.36
CA LEU C 216 -27.21 -8.31 23.40
C LEU C 216 -26.79 -9.77 23.57
N VAL C 217 -26.02 -10.35 22.66
CA VAL C 217 -25.64 -11.74 22.85
C VAL C 217 -25.15 -12.05 24.27
N PRO C 218 -24.28 -11.26 24.92
CA PRO C 218 -23.90 -11.59 26.30
C PRO C 218 -25.10 -11.92 27.19
N ALA C 219 -26.20 -11.20 26.98
CA ALA C 219 -27.41 -11.35 27.80
C ALA C 219 -28.18 -12.66 27.50
N PHE C 220 -28.26 -13.08 26.24
CA PHE C 220 -28.95 -14.31 25.89
C PHE C 220 -28.07 -15.45 25.35
N MET C 221 -26.73 -15.32 25.26
CA MET C 221 -25.89 -16.48 24.93
C MET C 221 -24.42 -16.32 25.39
N ASN C 222 -24.19 -16.39 26.71
CA ASN C 222 -22.88 -16.13 27.27
C ASN C 222 -22.04 -17.42 27.17
N ASN C 223 -21.53 -17.68 25.97
CA ASN C 223 -20.65 -18.79 25.71
C ASN C 223 -20.06 -18.69 24.31
N ALA C 224 -19.12 -19.59 24.00
CA ALA C 224 -18.32 -19.54 22.80
C ALA C 224 -19.17 -19.63 21.54
N ASP C 225 -20.33 -20.28 21.60
CA ASP C 225 -21.24 -20.24 20.46
C ASP C 225 -21.86 -18.84 20.32
N GLY C 226 -22.20 -18.19 21.43
CA GLY C 226 -22.56 -16.79 21.36
C GLY C 226 -21.46 -15.99 20.66
N VAL C 227 -20.21 -16.22 21.08
CA VAL C 227 -19.12 -15.47 20.52
C VAL C 227 -19.06 -15.72 19.03
N VAL C 228 -19.31 -16.94 18.60
CA VAL C 228 -19.26 -17.20 17.17
C VAL C 228 -20.36 -16.42 16.45
N LEU C 229 -21.53 -16.38 17.06
CA LEU C 229 -22.68 -15.71 16.49
C LEU C 229 -22.39 -14.20 16.39
N ARG C 230 -21.99 -13.59 17.47
CA ARG C 230 -21.67 -12.19 17.41
C ARG C 230 -20.69 -11.89 16.25
N GLN C 231 -19.60 -12.62 16.11
CA GLN C 231 -18.68 -12.31 15.02
C GLN C 231 -19.34 -12.50 13.65
N LEU C 232 -20.19 -13.50 13.50
CA LEU C 232 -20.92 -13.64 12.25
C LEU C 232 -21.87 -12.46 11.99
N LEU C 233 -22.62 -12.03 13.00
CA LEU C 233 -23.55 -10.93 12.85
C LEU C 233 -22.79 -9.68 12.43
N PHE C 234 -21.70 -9.34 13.11
CA PHE C 234 -20.91 -8.19 12.73
C PHE C 234 -20.45 -8.34 11.28
N THR C 235 -20.11 -9.54 10.82
CA THR C 235 -19.60 -9.63 9.46
C THR C 235 -20.68 -9.32 8.44
N ILE C 236 -21.83 -9.95 8.57
CA ILE C 236 -22.92 -9.65 7.68
C ILE C 236 -23.33 -8.19 7.79
N ALA C 237 -23.51 -7.66 9.01
CA ALA C 237 -23.90 -6.27 9.14
C ALA C 237 -22.88 -5.33 8.47
N ASP C 238 -21.58 -5.63 8.53
CA ASP C 238 -20.61 -4.73 7.90
C ASP C 238 -20.70 -4.80 6.39
N ILE C 239 -20.85 -5.99 5.82
CA ILE C 239 -20.95 -6.10 4.38
C ILE C 239 -22.24 -5.46 3.87
N SER C 240 -23.35 -5.63 4.57
CA SER C 240 -24.60 -5.02 4.20
C SER C 240 -24.59 -3.50 4.41
N SER C 241 -24.22 -3.04 5.58
CA SER C 241 -24.38 -1.64 5.89
C SER C 241 -23.34 -0.77 5.20
N LYS C 242 -22.24 -1.34 4.70
CA LYS C 242 -21.22 -0.48 4.13
C LYS C 242 -21.02 -0.78 2.65
N VAL C 243 -20.76 -2.03 2.30
CA VAL C 243 -20.41 -2.36 0.93
C VAL C 243 -21.66 -2.38 0.04
N ILE C 244 -22.66 -3.17 0.40
CA ILE C 244 -23.83 -3.26 -0.45
C ILE C 244 -24.58 -1.93 -0.45
N TYR C 245 -24.75 -1.29 0.68
CA TYR C 245 -25.36 0.04 0.67
C TYR C 245 -24.56 1.03 -0.17
N GLY C 246 -23.24 0.97 -0.11
CA GLY C 246 -22.42 1.77 -0.99
C GLY C 246 -22.70 1.52 -2.47
N LEU C 247 -22.84 0.28 -2.87
CA LEU C 247 -23.15 -0.04 -4.27
C LEU C 247 -24.52 0.49 -4.65
N MET C 248 -25.49 0.44 -3.78
CA MET C 248 -26.78 1.02 -4.07
C MET C 248 -26.75 2.52 -4.18
N ILE C 249 -26.12 3.23 -3.25
CA ILE C 249 -25.98 4.67 -3.38
C ILE C 249 -25.28 5.04 -4.70
N THR C 250 -24.23 4.35 -5.07
CA THR C 250 -23.52 4.72 -6.28
C THR C 250 -24.38 4.48 -7.51
N TYR C 251 -25.14 3.41 -7.53
CA TYR C 251 -26.04 3.14 -8.63
C TYR C 251 -27.13 4.21 -8.70
N ILE C 252 -27.73 4.57 -7.58
CA ILE C 252 -28.63 5.70 -7.59
C ILE C 252 -27.98 6.97 -8.13
N ALA C 253 -26.75 7.26 -7.72
CA ALA C 253 -26.09 8.46 -8.22
C ALA C 253 -25.81 8.43 -9.74
N ILE C 254 -25.53 7.27 -10.31
CA ILE C 254 -25.27 7.21 -11.75
C ILE C 254 -26.59 7.38 -12.52
N GLN C 255 -27.65 6.73 -12.07
CA GLN C 255 -28.96 6.93 -12.66
C GLN C 255 -29.38 8.41 -12.66
N GLN C 256 -29.33 9.09 -11.52
CA GLN C 256 -29.67 10.51 -11.51
C GLN C 256 -28.68 11.36 -12.32
N SER C 257 -27.42 10.97 -12.41
CA SER C 257 -26.48 11.73 -13.20
C SER C 257 -26.91 11.73 -14.67
N ALA C 258 -27.38 10.58 -15.10
CA ALA C 258 -27.66 10.38 -16.51
C ALA C 258 -28.90 11.20 -16.86
N ALA C 259 -29.91 11.09 -16.00
CA ALA C 259 -31.13 11.86 -16.11
C ALA C 259 -30.85 13.35 -16.24
N ALA C 260 -29.89 13.85 -15.48
CA ALA C 260 -29.47 15.25 -15.55
C ALA C 260 -28.60 15.53 -16.79
N GLY C 261 -28.39 14.53 -17.62
CA GLY C 261 -27.66 14.77 -18.84
C GLY C 261 -26.14 14.78 -18.72
N TYR C 262 -25.56 13.97 -17.83
CA TYR C 262 -24.12 13.81 -17.79
C TYR C 262 -23.77 12.65 -18.71
N VAL C 263 -22.87 12.90 -19.65
CA VAL C 263 -22.73 11.98 -20.76
C VAL C 263 -22.08 10.68 -20.30
N PRO C 264 -20.92 10.76 -19.60
CA PRO C 264 -20.29 9.56 -19.06
C PRO C 264 -21.28 8.64 -18.34
N ALA C 265 -22.20 9.22 -17.57
CA ALA C 265 -23.23 8.42 -16.97
C ALA C 265 -24.11 7.76 -18.02
N GLN C 266 -24.53 8.53 -19.04
CA GLN C 266 -25.39 8.01 -20.09
C GLN C 266 -24.70 6.89 -20.85
N GLN C 267 -23.43 7.13 -21.24
CA GLN C 267 -22.60 6.08 -21.82
C GLN C 267 -22.52 4.85 -20.91
N ALA C 268 -22.17 5.04 -19.64
CA ALA C 268 -22.02 3.92 -18.73
C ALA C 268 -23.28 3.06 -18.74
N LEU C 269 -24.45 3.64 -19.03
CA LEU C 269 -25.66 2.84 -19.03
C LEU C 269 -26.09 2.42 -20.45
N GLY C 270 -25.36 2.84 -21.49
CA GLY C 270 -25.79 2.65 -22.87
C GLY C 270 -26.36 3.92 -23.48
N MET D 8 13.98 6.21 32.50
CA MET D 8 12.63 6.48 31.93
C MET D 8 12.38 7.99 31.79
N LYS D 9 11.67 8.34 30.72
CA LYS D 9 11.53 9.74 30.32
C LYS D 9 10.05 10.14 30.23
N ASN D 10 9.18 9.18 29.93
CA ASN D 10 7.77 9.47 29.83
C ASN D 10 7.05 8.72 30.94
N ILE D 11 6.01 9.35 31.49
CA ILE D 11 5.19 8.71 32.51
C ILE D 11 4.35 7.55 31.98
N GLU D 12 4.18 7.39 30.66
CA GLU D 12 3.45 6.22 30.18
C GLU D 12 4.15 4.98 30.69
N SER D 13 5.47 5.00 30.64
CA SER D 13 6.29 3.85 31.02
C SER D 13 6.33 3.62 32.54
N LEU D 14 5.77 4.51 33.36
CA LEU D 14 5.81 4.28 34.80
C LEU D 14 4.68 3.43 35.33
N PHE D 15 3.55 3.30 34.62
CA PHE D 15 2.37 2.70 35.27
C PHE D 15 2.07 1.32 34.73
N ASP D 16 1.15 0.64 35.42
CA ASP D 16 0.44 -0.52 34.94
C ASP D 16 -0.98 -0.10 34.58
N TYR D 17 -1.66 -0.92 33.77
CA TYR D 17 -2.94 -0.50 33.24
C TYR D 17 -3.94 -1.65 33.40
N SER D 18 -5.15 -1.29 33.84
CA SER D 18 -6.29 -2.18 33.73
C SER D 18 -6.56 -2.54 32.28
N ALA D 19 -7.13 -3.73 32.05
CA ALA D 19 -7.56 -4.13 30.71
C ALA D 19 -8.40 -3.05 30.03
N GLY D 20 -9.27 -2.38 30.81
CA GLY D 20 -10.14 -1.37 30.26
C GLY D 20 -9.37 -0.13 29.81
N GLN D 21 -8.54 0.42 30.70
CA GLN D 21 -7.67 1.52 30.33
C GLN D 21 -6.78 1.12 29.15
N PHE D 22 -6.11 0.00 29.26
CA PHE D 22 -5.22 -0.39 28.22
C PHE D 22 -5.97 -0.53 26.90
N GLU D 23 -7.17 -1.12 26.93
CA GLU D 23 -7.86 -1.37 25.66
C GLU D 23 -8.39 -0.06 25.06
N PHE D 24 -8.86 0.86 25.92
CA PHE D 24 -9.35 2.15 25.49
C PHE D 24 -8.28 2.88 24.65
N ILE D 25 -7.09 3.01 25.23
CA ILE D 25 -6.01 3.66 24.53
C ILE D 25 -5.70 2.94 23.21
N ASP D 26 -5.73 1.60 23.16
CA ASP D 26 -5.49 0.96 21.88
C ASP D 26 -6.63 1.27 20.88
N HIS D 27 -7.86 1.40 21.38
CA HIS D 27 -8.97 1.78 20.52
C HIS D 27 -8.77 3.19 19.96
N LEU D 28 -8.38 4.17 20.78
CA LEU D 28 -8.13 5.50 20.23
C LEU D 28 -7.00 5.50 19.20
N LEU D 29 -5.87 4.91 19.51
CA LEU D 29 -4.77 4.93 18.55
C LEU D 29 -5.20 4.25 17.27
N THR D 30 -5.93 3.15 17.33
CA THR D 30 -6.22 2.45 16.10
C THR D 30 -7.14 3.27 15.19
N MET D 31 -8.05 4.01 15.78
CA MET D 31 -9.01 4.76 15.01
C MET D 31 -8.31 5.93 14.32
N GLY D 32 -7.51 6.67 15.06
CA GLY D 32 -6.65 7.69 14.50
C GLY D 32 -5.94 7.26 13.22
N VAL D 33 -5.33 6.09 13.21
CA VAL D 33 -4.64 5.69 12.00
C VAL D 33 -5.58 5.68 10.81
N GLY D 34 -6.79 5.19 10.98
CA GLY D 34 -7.64 4.94 9.84
C GLY D 34 -8.37 6.17 9.36
N VAL D 35 -8.74 7.06 10.30
CA VAL D 35 -9.25 8.35 9.89
C VAL D 35 -8.23 9.08 9.00
N HIS D 36 -6.96 9.08 9.33
CA HIS D 36 -6.00 9.83 8.53
C HIS D 36 -5.83 9.20 7.17
N PHE D 37 -5.69 7.86 7.08
CA PHE D 37 -5.58 7.26 5.75
C PHE D 37 -6.87 7.40 4.96
N ALA D 38 -8.03 7.44 5.63
CA ALA D 38 -9.26 7.58 4.89
C ALA D 38 -9.38 8.98 4.33
N ALA D 39 -9.24 9.99 5.17
CA ALA D 39 -9.22 11.37 4.69
C ALA D 39 -8.27 11.54 3.50
N LEU D 40 -7.13 10.86 3.48
CA LEU D 40 -6.28 10.93 2.30
C LEU D 40 -7.05 10.60 1.02
N ILE D 41 -7.81 9.51 0.96
CA ILE D 41 -8.47 9.15 -0.30
C ILE D 41 -9.43 10.28 -0.65
N PHE D 42 -10.14 10.83 0.32
CA PHE D 42 -11.06 11.87 -0.02
C PHE D 42 -10.40 13.11 -0.61
N PHE D 43 -9.30 13.56 -0.02
CA PHE D 43 -8.59 14.70 -0.57
C PHE D 43 -8.14 14.44 -2.00
N LEU D 44 -7.77 13.22 -2.33
CA LEU D 44 -7.33 12.96 -3.68
C LEU D 44 -8.52 13.09 -4.64
N VAL D 45 -9.65 12.45 -4.32
CA VAL D 45 -10.80 12.48 -5.22
C VAL D 45 -11.36 13.89 -5.45
N VAL D 46 -11.47 14.73 -4.42
CA VAL D 46 -12.06 16.02 -4.62
C VAL D 46 -11.02 17.08 -5.02
N SER D 47 -9.74 16.72 -5.12
CA SER D 47 -8.79 17.72 -5.54
C SER D 47 -9.13 18.25 -6.94
N GLN D 48 -9.78 17.45 -7.76
CA GLN D 48 -10.05 17.81 -9.14
C GLN D 48 -11.09 18.94 -9.28
N PHE D 49 -11.83 19.23 -8.23
CA PHE D 49 -12.75 20.34 -8.26
C PHE D 49 -12.11 21.62 -7.75
N VAL D 50 -10.81 21.64 -7.52
CA VAL D 50 -10.21 22.85 -7.01
C VAL D 50 -9.45 23.45 -8.16
N ALA D 51 -9.57 24.77 -8.36
CA ALA D 51 -8.76 25.41 -9.38
C ALA D 51 -7.27 25.25 -9.12
N PRO D 52 -6.43 25.08 -10.15
CA PRO D 52 -4.98 24.94 -10.02
C PRO D 52 -4.27 25.95 -9.11
N LYS D 53 -4.70 27.20 -9.16
CA LYS D 53 -4.14 28.23 -8.29
C LYS D 53 -4.27 27.85 -6.80
N TYR D 54 -5.27 27.02 -6.43
CA TYR D 54 -5.42 26.61 -5.03
C TYR D 54 -5.13 25.11 -4.78
N ARG D 55 -4.79 24.34 -5.80
CA ARG D 55 -4.63 22.91 -5.65
C ARG D 55 -3.48 22.50 -4.72
N ILE D 56 -2.51 23.36 -4.54
CA ILE D 56 -1.41 23.10 -3.62
C ILE D 56 -1.98 22.98 -2.19
N ALA D 57 -3.04 23.72 -1.87
CA ALA D 57 -3.59 23.71 -0.53
C ALA D 57 -4.13 22.32 -0.23
N THR D 58 -4.78 21.71 -1.23
CA THR D 58 -5.29 20.36 -1.06
C THR D 58 -4.15 19.34 -1.04
N ALA D 59 -3.12 19.54 -1.86
CA ALA D 59 -2.00 18.62 -1.86
C ALA D 59 -1.31 18.62 -0.50
N LEU D 60 -1.20 19.79 0.14
CA LEU D 60 -0.62 19.87 1.46
C LEU D 60 -1.42 19.03 2.47
N SER D 61 -2.74 18.98 2.38
CA SER D 61 -3.46 18.07 3.25
C SER D 61 -3.05 16.60 3.00
N CYS D 62 -2.87 16.19 1.78
CA CYS D 62 -2.42 14.83 1.52
C CYS D 62 -1.08 14.56 2.21
N ILE D 63 -0.13 15.48 2.13
CA ILE D 63 1.11 15.28 2.87
C ILE D 63 0.82 15.00 4.35
N VAL D 64 0.08 15.90 4.99
CA VAL D 64 -0.16 15.79 6.42
C VAL D 64 -0.90 14.48 6.71
N MET D 65 -1.90 14.09 5.92
CA MET D 65 -2.60 12.87 6.27
C MET D 65 -1.62 11.68 6.26
N VAL D 66 -0.71 11.57 5.28
CA VAL D 66 0.15 10.40 5.20
C VAL D 66 1.15 10.37 6.35
N SER D 67 1.80 11.50 6.56
CA SER D 67 2.78 11.63 7.63
C SER D 67 2.17 11.29 9.01
N ALA D 68 1.12 11.99 9.40
CA ALA D 68 0.42 11.70 10.64
C ALA D 68 -0.11 10.26 10.69
N GLY D 69 -0.70 9.79 9.63
CA GLY D 69 -1.16 8.41 9.66
C GLY D 69 -0.05 7.42 10.02
N LEU D 70 1.11 7.53 9.37
CA LEU D 70 2.18 6.61 9.61
C LEU D 70 2.77 6.71 11.03
N ILE D 71 2.80 7.88 11.64
CA ILE D 71 3.25 7.99 13.02
C ILE D 71 2.23 7.28 13.90
N LEU D 72 0.94 7.61 13.75
CA LEU D 72 -0.03 6.93 14.59
C LEU D 72 0.14 5.43 14.44
N ASN D 73 0.48 4.96 13.26
CA ASN D 73 0.50 3.54 13.09
C ASN D 73 1.65 2.96 13.90
N SER D 74 2.78 3.64 13.92
CA SER D 74 3.90 3.29 14.81
C SER D 74 3.51 3.31 16.28
N GLN D 75 2.96 4.43 16.79
CA GLN D 75 2.58 4.49 18.17
C GLN D 75 1.73 3.27 18.49
N ALA D 76 0.84 2.90 17.57
CA ALA D 76 -0.15 1.91 17.97
C ALA D 76 0.50 0.54 18.06
N VAL D 77 1.43 0.24 17.17
CA VAL D 77 2.20 -0.99 17.29
C VAL D 77 3.10 -1.02 18.54
N MET D 78 3.75 0.07 18.84
CA MET D 78 4.60 0.14 20.00
C MET D 78 3.77 -0.13 21.26
N TRP D 79 2.53 0.37 21.33
CA TRP D 79 1.75 0.24 22.55
C TRP D 79 1.46 -1.23 22.85
N THR D 80 1.09 -1.95 21.83
CA THR D 80 0.78 -3.34 22.00
C THR D 80 2.05 -4.17 22.24
N ASP D 81 3.20 -3.71 21.74
CA ASP D 81 4.47 -4.43 21.87
C ASP D 81 5.14 -4.15 23.21
N ALA D 82 4.92 -2.99 23.77
CA ALA D 82 5.63 -2.63 24.99
C ALA D 82 5.00 -3.31 26.20
N TYR D 83 3.72 -3.69 26.12
CA TYR D 83 3.05 -4.20 27.29
C TYR D 83 2.51 -5.61 27.07
N ALA D 84 2.42 -6.37 28.19
CA ALA D 84 1.81 -7.69 28.20
C ALA D 84 0.88 -7.81 29.36
N TYR D 85 -0.16 -8.65 29.19
CA TYR D 85 -1.14 -8.87 30.24
C TYR D 85 -0.61 -9.97 31.15
N VAL D 86 -0.38 -9.63 32.42
CA VAL D 86 0.34 -10.53 33.31
C VAL D 86 -0.14 -10.26 34.72
N ASP D 87 -0.90 -11.22 35.27
CA ASP D 87 -1.50 -11.13 36.60
C ASP D 87 -2.55 -10.02 36.62
N GLY D 88 -3.46 -10.07 35.64
CA GLY D 88 -4.63 -9.20 35.63
C GLY D 88 -4.31 -7.71 35.46
N SER D 89 -3.12 -7.38 34.92
CA SER D 89 -2.86 -6.03 34.48
C SER D 89 -1.84 -6.04 33.35
N TYR D 90 -1.85 -4.94 32.60
CA TYR D 90 -0.87 -4.76 31.53
C TYR D 90 0.36 -4.14 32.17
N GLN D 91 1.52 -4.71 31.90
CA GLN D 91 2.77 -4.22 32.46
C GLN D 91 3.86 -4.17 31.39
N LEU D 92 4.77 -3.23 31.56
CA LEU D 92 5.85 -3.00 30.62
C LEU D 92 6.75 -4.21 30.50
N GLN D 93 7.37 -4.37 29.32
CA GLN D 93 8.16 -5.54 28.97
C GLN D 93 9.21 -5.27 27.89
N ASP D 94 10.46 -4.94 28.23
CA ASP D 94 11.59 -5.05 27.29
C ASP D 94 11.68 -3.98 26.20
N LEU D 95 10.63 -3.18 26.02
CA LEU D 95 10.63 -2.00 25.17
C LEU D 95 9.99 -0.87 26.00
N THR D 96 10.17 0.38 25.62
CA THR D 96 9.54 1.49 26.35
C THR D 96 8.62 2.24 25.39
N PHE D 97 7.70 3.02 25.95
CA PHE D 97 6.75 3.78 25.16
C PHE D 97 6.97 5.27 25.40
N SER D 98 7.01 6.07 24.33
CA SER D 98 7.15 7.52 24.42
C SER D 98 6.20 8.22 23.43
N ASN D 99 6.03 9.52 23.64
CA ASN D 99 5.27 10.37 22.76
C ASN D 99 6.16 11.20 21.83
N GLY D 100 7.46 11.17 22.04
CA GLY D 100 8.36 11.94 21.23
C GLY D 100 8.18 11.70 19.73
N TYR D 101 7.63 10.56 19.33
CA TYR D 101 7.27 10.35 17.95
C TYR D 101 6.46 11.52 17.38
N ARG D 102 5.45 11.96 18.13
CA ARG D 102 4.64 13.07 17.67
C ARG D 102 5.49 14.33 17.55
N TYR D 103 6.22 14.65 18.59
CA TYR D 103 6.96 15.90 18.61
C TYR D 103 7.80 16.02 17.34
N VAL D 104 8.59 15.00 17.05
CA VAL D 104 9.50 15.14 15.92
C VAL D 104 8.71 15.24 14.62
N ASN D 105 7.58 14.55 14.52
CA ASN D 105 6.75 14.67 13.34
C ASN D 105 6.16 16.07 13.09
N TRP D 106 5.72 16.80 14.13
CA TRP D 106 5.35 18.21 13.98
C TRP D 106 6.38 19.08 13.26
N MET D 107 7.67 18.75 13.32
CA MET D 107 8.62 19.53 12.54
C MET D 107 8.26 19.59 11.06
N ALA D 108 7.56 18.60 10.55
CA ALA D 108 7.15 18.57 9.13
C ALA D 108 5.69 19.00 8.94
N THR D 109 4.80 18.56 9.83
CA THR D 109 3.41 18.78 9.56
C THR D 109 2.96 20.20 9.91
N ILE D 110 3.51 20.84 10.94
CA ILE D 110 3.00 22.17 11.30
C ILE D 110 3.25 23.17 10.15
N PRO D 111 4.44 23.21 9.53
CA PRO D 111 4.63 23.99 8.32
C PRO D 111 3.54 23.77 7.28
N CYS D 112 3.24 22.51 6.96
CA CYS D 112 2.20 22.21 5.97
C CYS D 112 0.87 22.83 6.37
N LEU D 113 0.43 22.62 7.61
CA LEU D 113 -0.82 23.21 8.03
C LEU D 113 -0.80 24.72 7.84
N LEU D 114 0.33 25.39 8.14
CA LEU D 114 0.32 26.86 8.11
C LEU D 114 0.33 27.34 6.66
N LEU D 115 1.09 26.66 5.82
CA LEU D 115 1.14 27.06 4.42
C LEU D 115 -0.21 26.92 3.77
N GLN D 116 -0.98 25.88 4.06
CA GLN D 116 -2.25 25.76 3.37
C GLN D 116 -3.22 26.89 3.73
N LEU D 117 -3.14 27.47 4.93
CA LEU D 117 -3.97 28.63 5.25
C LEU D 117 -3.54 29.87 4.47
N LEU D 118 -2.23 30.14 4.37
CA LEU D 118 -1.77 31.26 3.60
C LEU D 118 -2.27 31.20 2.16
N ILE D 119 -2.25 30.02 1.54
CA ILE D 119 -2.61 29.90 0.14
C ILE D 119 -4.09 30.31 -0.06
N VAL D 120 -4.99 29.86 0.79
CA VAL D 120 -6.38 30.21 0.56
C VAL D 120 -6.68 31.63 1.01
N LEU D 121 -5.84 32.23 1.87
CA LEU D 121 -6.00 33.64 2.22
C LEU D 121 -5.57 34.51 1.04
N ASN D 122 -5.06 33.88 0.00
CA ASN D 122 -4.69 34.58 -1.21
C ASN D 122 -3.45 35.45 -1.08
N LEU D 123 -2.55 35.17 -0.12
CA LEU D 123 -1.28 35.87 -0.13
C LEU D 123 -0.50 35.41 -1.36
N LYS D 124 0.37 36.30 -1.87
CA LYS D 124 1.17 36.02 -3.04
C LYS D 124 2.58 36.61 -2.91
N GLY D 125 3.52 35.97 -3.61
CA GLY D 125 4.88 36.47 -3.78
C GLY D 125 5.59 36.77 -2.46
N LYS D 126 6.26 37.93 -2.43
CA LYS D 126 7.08 38.33 -1.31
C LYS D 126 6.34 38.09 0.00
N GLU D 127 5.07 38.48 0.05
CA GLU D 127 4.30 38.41 1.29
C GLU D 127 4.10 36.95 1.66
N LEU D 128 3.84 36.12 0.66
CA LEU D 128 3.75 34.69 0.89
C LEU D 128 5.07 34.19 1.48
N PHE D 129 6.16 34.36 0.72
CA PHE D 129 7.43 33.78 1.12
C PHE D 129 7.89 34.33 2.46
N SER D 130 7.60 35.60 2.75
CA SER D 130 8.09 36.19 3.99
C SER D 130 7.34 35.60 5.18
N THR D 131 6.00 35.61 5.11
CA THR D 131 5.20 35.09 6.21
C THR D 131 5.51 33.61 6.42
N ALA D 132 5.64 32.85 5.33
CA ALA D 132 6.01 31.44 5.40
C ALA D 132 7.26 31.28 6.25
N THR D 133 8.36 31.96 5.87
CA THR D 133 9.59 31.89 6.65
C THR D 133 9.40 32.20 8.15
N TRP D 134 8.71 33.28 8.51
CA TRP D 134 8.63 33.59 9.92
C TRP D 134 7.80 32.55 10.66
N LEU D 135 6.71 32.06 10.05
CA LEU D 135 5.85 31.08 10.69
C LEU D 135 6.60 29.76 10.87
N ILE D 136 7.35 29.33 9.85
CA ILE D 136 8.09 28.11 9.98
C ILE D 136 9.12 28.19 11.10
N LEU D 137 9.95 29.24 11.16
CA LEU D 137 10.93 29.35 12.24
C LEU D 137 10.24 29.48 13.59
N ALA D 138 9.17 30.26 13.69
CA ALA D 138 8.54 30.26 15.00
C ALA D 138 8.18 28.83 15.38
N ALA D 139 7.60 28.05 14.42
CA ALA D 139 7.08 26.71 14.74
C ALA D 139 8.21 25.77 15.16
N TRP D 140 9.28 25.71 14.36
CA TRP D 140 10.42 24.92 14.77
C TRP D 140 10.87 25.32 16.19
N GLY D 141 10.81 26.61 16.51
CA GLY D 141 11.16 27.07 17.82
C GLY D 141 10.28 26.46 18.92
N MET D 142 8.99 26.59 18.75
CA MET D 142 8.03 25.98 19.65
C MET D 142 8.25 24.46 19.84
N ILE D 143 8.63 23.77 18.75
CA ILE D 143 8.58 22.30 18.77
C ILE D 143 9.83 21.80 19.46
N ILE D 144 11.00 22.34 19.03
CA ILE D 144 12.26 21.94 19.61
C ILE D 144 12.29 22.19 21.11
N THR D 145 11.84 23.34 21.57
CA THR D 145 11.87 23.59 23.00
C THR D 145 10.84 22.73 23.71
N GLY D 146 9.70 22.43 23.08
CA GLY D 146 8.78 21.47 23.69
C GLY D 146 9.40 20.07 23.85
N TYR D 147 10.20 19.63 22.85
CA TYR D 147 10.70 18.28 22.86
C TYR D 147 11.64 18.12 24.06
N VAL D 148 12.55 19.09 24.21
CA VAL D 148 13.47 19.15 25.33
C VAL D 148 12.70 19.18 26.65
N GLY D 149 11.83 20.16 26.84
CA GLY D 149 10.93 20.11 27.99
C GLY D 149 10.47 18.70 28.35
N GLN D 150 9.88 17.92 27.41
CA GLN D 150 9.10 16.74 27.79
C GLN D 150 10.04 15.60 28.21
N LEU D 151 11.35 15.76 27.93
CA LEU D 151 12.41 14.94 28.49
C LEU D 151 12.54 15.07 30.02
N TYR D 152 11.83 15.98 30.67
CA TYR D 152 11.91 16.09 32.12
C TYR D 152 10.60 15.72 32.80
N GLU D 153 9.73 14.96 32.14
CA GLU D 153 8.39 14.86 32.70
C GLU D 153 8.39 13.92 33.90
N VAL D 154 9.38 13.02 33.95
CA VAL D 154 9.49 12.06 35.04
C VAL D 154 10.40 12.65 36.12
N ASP D 155 11.57 13.16 35.71
CA ASP D 155 12.57 13.65 36.63
C ASP D 155 12.19 15.02 37.20
N ASP D 156 12.20 16.09 36.38
CA ASP D 156 12.31 17.44 36.91
C ASP D 156 11.20 18.40 36.44
N ILE D 157 10.02 18.31 37.08
CA ILE D 157 8.86 19.11 36.67
C ILE D 157 9.15 20.61 36.61
N ALA D 158 10.12 21.08 37.40
CA ALA D 158 10.57 22.45 37.26
C ALA D 158 11.01 22.71 35.82
N GLN D 159 11.96 21.89 35.34
CA GLN D 159 12.51 22.01 33.99
C GLN D 159 11.40 21.89 32.95
N LEU D 160 10.47 20.94 33.15
CA LEU D 160 9.31 20.84 32.29
C LEU D 160 8.69 22.23 32.09
N MET D 161 8.30 22.89 33.18
CA MET D 161 7.63 24.18 33.10
C MET D 161 8.57 25.27 32.55
N ILE D 162 9.86 25.14 32.70
CA ILE D 162 10.68 26.24 32.21
C ILE D 162 10.61 26.19 30.71
N TRP D 163 10.94 25.01 30.15
CA TRP D 163 10.98 24.88 28.69
C TRP D 163 9.57 25.04 28.12
N GLY D 164 8.57 24.63 28.90
CA GLY D 164 7.19 24.92 28.59
C GLY D 164 6.98 26.38 28.21
N ALA D 165 7.55 27.27 29.04
CA ALA D 165 7.25 28.69 29.00
C ALA D 165 7.87 29.30 27.76
N VAL D 166 9.13 28.90 27.52
CA VAL D 166 9.79 29.28 26.27
C VAL D 166 8.98 28.76 25.08
N SER D 167 8.58 27.48 25.09
CA SER D 167 7.83 26.94 23.98
C SER D 167 6.63 27.84 23.71
N THR D 168 5.85 28.12 24.78
CA THR D 168 4.67 28.96 24.65
C THR D 168 4.97 30.38 24.15
N ALA D 169 6.17 30.92 24.39
CA ALA D 169 6.52 32.19 23.79
C ALA D 169 6.30 32.09 22.29
N PHE D 170 7.06 31.19 21.64
CA PHE D 170 6.97 30.98 20.19
C PHE D 170 5.53 30.69 19.72
N PHE D 171 4.76 29.94 20.51
CA PHE D 171 3.38 29.76 20.19
C PHE D 171 2.71 31.10 19.94
N VAL D 172 2.85 32.02 20.89
CA VAL D 172 2.09 33.27 20.88
C VAL D 172 2.44 34.11 19.66
N VAL D 173 3.74 34.21 19.36
CA VAL D 173 4.15 34.87 18.14
C VAL D 173 3.42 34.27 16.94
N MET D 174 3.45 32.93 16.86
CA MET D 174 2.88 32.26 15.71
C MET D 174 1.38 32.56 15.65
N ASN D 175 0.66 32.45 16.77
CA ASN D 175 -0.77 32.72 16.71
C ASN D 175 -1.02 34.17 16.32
N TRP D 176 -0.10 35.05 16.70
CA TRP D 176 -0.29 36.48 16.47
C TRP D 176 -0.25 36.74 14.96
N ILE D 177 0.90 36.50 14.34
CA ILE D 177 1.00 36.49 12.89
C ILE D 177 -0.20 35.84 12.15
N VAL D 178 -0.64 34.67 12.58
CA VAL D 178 -1.71 34.04 11.83
C VAL D 178 -2.95 34.93 11.90
N GLY D 179 -3.33 35.36 13.10
CA GLY D 179 -4.55 36.15 13.24
C GLY D 179 -4.44 37.49 12.49
N THR D 180 -3.28 38.15 12.57
CA THR D 180 -3.07 39.35 11.80
C THR D 180 -3.49 39.08 10.35
N LYS D 181 -2.83 38.10 9.70
CA LYS D 181 -3.05 37.84 8.29
C LYS D 181 -4.53 37.53 8.05
N ILE D 182 -5.14 36.77 8.94
CA ILE D 182 -6.49 36.33 8.67
C ILE D 182 -7.39 37.55 8.61
N PHE D 183 -7.31 38.39 9.63
CA PHE D 183 -8.30 39.42 9.85
C PHE D 183 -8.04 40.58 8.88
N LYS D 184 -6.78 40.76 8.49
CA LYS D 184 -6.42 41.67 7.43
C LYS D 184 -6.88 41.22 6.03
N ASN D 185 -7.00 39.91 5.77
CA ASN D 185 -7.26 39.45 4.41
C ASN D 185 -8.66 38.83 4.25
N ARG D 186 -9.44 38.80 5.32
CA ARG D 186 -10.76 38.19 5.30
C ARG D 186 -11.64 38.86 4.25
N ALA D 187 -11.38 40.12 3.92
CA ALA D 187 -12.31 40.92 3.13
C ALA D 187 -12.15 40.63 1.65
N THR D 188 -10.93 40.28 1.24
CA THR D 188 -10.59 39.89 -0.11
C THR D 188 -11.08 38.47 -0.46
N MET D 189 -11.67 37.75 0.49
CA MET D 189 -12.05 36.37 0.27
C MET D 189 -13.30 36.31 -0.61
N LEU D 190 -13.30 35.37 -1.56
CA LEU D 190 -14.36 35.20 -2.54
C LEU D 190 -15.41 34.19 -2.06
N GLY D 191 -16.55 34.17 -2.74
CA GLY D 191 -17.56 33.13 -2.60
C GLY D 191 -18.21 33.07 -1.22
N GLY D 192 -18.09 34.14 -0.43
CA GLY D 192 -18.66 34.17 0.90
C GLY D 192 -17.87 33.31 1.90
N THR D 193 -16.54 33.32 1.78
CA THR D 193 -15.71 32.44 2.58
C THR D 193 -15.08 33.22 3.73
N ASP D 194 -15.30 34.54 3.76
CA ASP D 194 -14.97 35.41 4.89
C ASP D 194 -15.62 34.89 6.18
N SER D 195 -16.90 34.46 6.10
CA SER D 195 -17.54 33.76 7.21
C SER D 195 -16.76 32.50 7.55
N THR D 196 -16.47 31.68 6.54
CA THR D 196 -15.90 30.37 6.79
C THR D 196 -14.51 30.52 7.38
N ILE D 197 -13.74 31.48 6.89
CA ILE D 197 -12.36 31.55 7.35
C ILE D 197 -12.32 31.85 8.83
N THR D 198 -13.37 32.45 9.37
CA THR D 198 -13.36 32.87 10.76
C THR D 198 -13.57 31.64 11.63
N LYS D 199 -14.57 30.82 11.26
CA LYS D 199 -14.72 29.51 11.86
C LYS D 199 -13.39 28.73 11.83
N VAL D 200 -12.69 28.70 10.71
CA VAL D 200 -11.42 28.01 10.70
C VAL D 200 -10.51 28.53 11.81
N PHE D 201 -10.30 29.83 11.90
CA PHE D 201 -9.44 30.40 12.93
C PHE D 201 -9.86 29.99 14.33
N TRP D 202 -11.17 29.90 14.57
CA TRP D 202 -11.58 29.41 15.87
C TRP D 202 -11.14 27.96 16.04
N LEU D 203 -11.54 27.08 15.11
CA LEU D 203 -11.17 25.68 15.16
C LEU D 203 -9.71 25.56 15.52
N MET D 204 -8.86 26.32 14.82
CA MET D 204 -7.43 26.28 15.07
C MET D 204 -7.13 26.57 16.55
N MET D 205 -7.73 27.63 17.09
CA MET D 205 -7.43 28.04 18.46
C MET D 205 -7.77 26.93 19.44
N PHE D 206 -9.00 26.39 19.38
CA PHE D 206 -9.35 25.24 20.19
C PHE D 206 -8.37 24.08 19.96
N ALA D 207 -8.34 23.53 18.75
CA ALA D 207 -7.57 22.34 18.54
C ALA D 207 -6.12 22.56 18.96
N TRP D 208 -5.51 23.69 18.59
CA TRP D 208 -4.08 23.78 18.82
C TRP D 208 -3.77 23.91 20.30
N THR D 209 -4.76 24.26 21.11
CA THR D 209 -4.53 24.47 22.53
C THR D 209 -4.48 23.16 23.29
N LEU D 210 -5.27 22.18 22.88
CA LEU D 210 -5.21 20.87 23.49
C LEU D 210 -3.77 20.37 23.63
N TYR D 211 -2.89 20.70 22.68
CA TYR D 211 -1.58 20.12 22.77
C TYR D 211 -0.87 20.56 24.06
N PRO D 212 -0.69 21.87 24.34
CA PRO D 212 -0.08 22.28 25.61
C PRO D 212 -0.77 21.79 26.87
N ILE D 213 -2.10 21.63 26.85
CA ILE D 213 -2.72 20.91 27.95
C ILE D 213 -2.16 19.50 28.10
N ALA D 214 -2.23 18.68 27.03
CA ALA D 214 -1.64 17.34 27.10
C ALA D 214 -0.20 17.40 27.63
N TYR D 215 0.56 18.43 27.27
CA TYR D 215 1.95 18.51 27.72
C TYR D 215 2.04 18.68 29.22
N LEU D 216 1.02 19.28 29.85
CA LEU D 216 1.05 19.49 31.29
C LEU D 216 0.46 18.37 32.15
N VAL D 217 -0.22 17.39 31.60
CA VAL D 217 -0.77 16.34 32.43
C VAL D 217 0.24 15.82 33.47
N PRO D 218 1.49 15.50 33.15
CA PRO D 218 2.43 15.05 34.18
C PRO D 218 2.39 15.91 35.44
N ALA D 219 2.24 17.23 35.26
CA ALA D 219 2.27 18.19 36.34
C ALA D 219 0.98 18.17 37.20
N PHE D 220 -0.19 17.98 36.61
CA PHE D 220 -1.43 17.90 37.36
C PHE D 220 -2.15 16.55 37.36
N MET D 221 -1.62 15.47 36.73
CA MET D 221 -2.23 14.13 36.89
C MET D 221 -1.25 12.99 36.60
N ASN D 222 -0.27 12.78 37.49
CA ASN D 222 0.78 11.80 37.27
C ASN D 222 0.26 10.42 37.69
N ASN D 223 -0.56 9.81 36.83
CA ASN D 223 -1.06 8.46 37.03
C ASN D 223 -1.76 7.97 35.77
N ALA D 224 -2.16 6.69 35.80
CA ALA D 224 -2.66 6.00 34.63
C ALA D 224 -3.93 6.63 34.07
N ASP D 225 -4.71 7.27 34.92
CA ASP D 225 -5.84 8.05 34.39
C ASP D 225 -5.34 9.30 33.65
N GLY D 226 -4.30 9.95 34.16
CA GLY D 226 -3.66 10.99 33.39
C GLY D 226 -3.25 10.46 32.03
N VAL D 227 -2.60 9.30 32.03
CA VAL D 227 -2.11 8.75 30.79
C VAL D 227 -3.29 8.54 29.84
N VAL D 228 -4.42 8.09 30.38
CA VAL D 228 -5.54 7.87 29.48
C VAL D 228 -6.01 9.21 28.90
N LEU D 229 -6.03 10.23 29.74
CA LEU D 229 -6.47 11.55 29.31
C LEU D 229 -5.55 12.12 28.24
N ARG D 230 -4.26 12.12 28.48
CA ARG D 230 -3.37 12.62 27.47
C ARG D 230 -3.61 11.90 26.13
N GLN D 231 -3.70 10.58 26.09
CA GLN D 231 -3.91 9.95 24.80
C GLN D 231 -5.24 10.37 24.17
N LEU D 232 -6.30 10.55 24.97
CA LEU D 232 -7.55 11.04 24.41
C LEU D 232 -7.41 12.47 23.87
N LEU D 233 -6.75 13.36 24.60
CA LEU D 233 -6.56 14.73 24.12
C LEU D 233 -5.80 14.72 22.78
N PHE D 234 -4.68 13.99 22.70
CA PHE D 234 -3.96 13.89 21.45
C PHE D 234 -4.89 13.40 20.34
N THR D 235 -5.81 12.48 20.63
CA THR D 235 -6.59 11.94 19.54
C THR D 235 -7.53 13.01 18.99
N ILE D 236 -8.28 13.66 19.86
CA ILE D 236 -9.16 14.71 19.42
C ILE D 236 -8.35 15.82 18.74
N ALA D 237 -7.26 16.28 19.35
CA ALA D 237 -6.49 17.35 18.72
C ALA D 237 -5.99 16.95 17.33
N ASP D 238 -5.63 15.69 17.09
CA ASP D 238 -5.16 15.31 15.74
C ASP D 238 -6.30 15.32 14.73
N ILE D 239 -7.47 14.83 15.12
CA ILE D 239 -8.58 14.81 14.21
C ILE D 239 -9.07 16.23 13.91
N SER D 240 -9.11 17.09 14.92
CA SER D 240 -9.50 18.48 14.71
C SER D 240 -8.44 19.27 13.93
N SER D 241 -7.19 19.23 14.36
CA SER D 241 -6.20 20.09 13.77
C SER D 241 -5.77 19.64 12.38
N LYS D 242 -6.05 18.41 11.97
CA LYS D 242 -5.52 17.95 10.69
C LYS D 242 -6.66 17.57 9.75
N VAL D 243 -7.57 16.72 10.18
CA VAL D 243 -8.60 16.22 9.29
C VAL D 243 -9.70 17.25 9.11
N ILE D 244 -10.31 17.70 10.20
CA ILE D 244 -11.42 18.63 10.07
C ILE D 244 -10.93 19.97 9.55
N TYR D 245 -9.79 20.45 10.01
CA TYR D 245 -9.25 21.66 9.39
C TYR D 245 -8.95 21.48 7.91
N GLY D 246 -8.40 20.34 7.52
CA GLY D 246 -8.24 20.07 6.10
C GLY D 246 -9.56 20.11 5.31
N LEU D 247 -10.65 19.55 5.85
CA LEU D 247 -11.93 19.60 5.16
C LEU D 247 -12.42 21.04 5.04
N MET D 248 -12.23 21.86 6.05
CA MET D 248 -12.60 23.25 5.92
C MET D 248 -11.76 24.03 4.91
N ILE D 249 -10.44 23.89 4.92
CA ILE D 249 -9.63 24.53 3.90
C ILE D 249 -10.06 24.09 2.50
N THR D 250 -10.34 22.82 2.28
CA THR D 250 -10.67 22.39 0.95
C THR D 250 -12.02 22.97 0.52
N TYR D 251 -12.96 23.03 1.43
CA TYR D 251 -14.25 23.63 1.12
C TYR D 251 -14.08 25.12 0.82
N ILE D 252 -13.31 25.85 1.62
CA ILE D 252 -12.99 27.20 1.22
C ILE D 252 -12.36 27.28 -0.18
N ALA D 253 -11.44 26.41 -0.51
CA ALA D 253 -10.83 26.44 -1.83
C ALA D 253 -11.82 26.16 -2.97
N ILE D 254 -12.83 25.31 -2.76
CA ILE D 254 -13.78 25.01 -3.82
C ILE D 254 -14.71 26.21 -4.00
N GLN D 255 -15.18 26.79 -2.89
CA GLN D 255 -15.96 28.00 -2.95
C GLN D 255 -15.25 29.11 -3.73
N GLN D 256 -14.04 29.47 -3.38
CA GLN D 256 -13.32 30.49 -4.11
C GLN D 256 -13.00 30.07 -5.55
N SER D 257 -12.81 28.78 -5.82
CA SER D 257 -12.52 28.37 -7.19
C SER D 257 -13.74 28.70 -8.07
N ALA D 258 -14.92 28.49 -7.51
CA ALA D 258 -16.12 28.58 -8.29
C ALA D 258 -16.37 30.06 -8.57
N ALA D 259 -16.22 30.87 -7.53
CA ALA D 259 -16.34 32.32 -7.65
C ALA D 259 -15.43 32.87 -8.75
N ALA D 260 -14.22 32.35 -8.85
CA ALA D 260 -13.30 32.72 -9.91
C ALA D 260 -13.67 32.09 -11.27
N GLY D 261 -14.75 31.33 -11.32
CA GLY D 261 -15.19 30.79 -12.60
C GLY D 261 -14.45 29.54 -13.07
N TYR D 262 -14.10 28.64 -12.14
CA TYR D 262 -13.62 27.32 -12.50
C TYR D 262 -14.81 26.40 -12.61
N VAL D 263 -14.97 25.76 -13.76
CA VAL D 263 -16.24 25.12 -14.05
C VAL D 263 -16.44 23.89 -13.18
N PRO D 264 -15.46 22.96 -13.15
CA PRO D 264 -15.52 21.81 -12.25
C PRO D 264 -15.97 22.19 -10.83
N ALA D 265 -15.43 23.29 -10.31
CA ALA D 265 -15.91 23.75 -9.02
C ALA D 265 -17.38 24.12 -9.05
N GLN D 266 -17.80 24.85 -10.11
CA GLN D 266 -19.19 25.30 -10.23
C GLN D 266 -20.11 24.09 -10.33
N GLN D 267 -19.75 23.13 -11.18
CA GLN D 267 -20.48 21.84 -11.23
C GLN D 267 -20.51 21.14 -9.86
N ALA D 268 -19.36 20.99 -9.22
CA ALA D 268 -19.30 20.33 -7.92
C ALA D 268 -20.29 20.95 -6.95
N LEU D 269 -20.63 22.22 -7.13
CA LEU D 269 -21.58 22.85 -6.20
C LEU D 269 -22.98 22.93 -6.78
N GLY D 270 -23.19 22.50 -8.04
CA GLY D 270 -24.46 22.70 -8.74
C GLY D 270 -24.36 23.85 -9.74
N MET E 8 32.03 -7.74 14.48
CA MET E 8 31.26 -6.48 14.30
C MET E 8 31.92 -5.53 13.30
N LYS E 9 31.09 -4.74 12.64
CA LYS E 9 31.54 -3.91 11.53
C LYS E 9 31.19 -2.45 11.78
N ASN E 10 30.08 -2.20 12.46
CA ASN E 10 29.61 -0.85 12.70
C ASN E 10 29.68 -0.59 14.20
N ILE E 11 30.03 0.64 14.57
CA ILE E 11 30.06 1.03 15.97
C ILE E 11 28.66 1.15 16.59
N GLU E 12 27.58 1.18 15.80
CA GLU E 12 26.26 1.17 16.42
C GLU E 12 26.15 -0.07 17.28
N SER E 13 26.64 -1.20 16.77
CA SER E 13 26.54 -2.49 17.45
C SER E 13 27.47 -2.61 18.66
N LEU E 14 28.37 -1.64 18.90
CA LEU E 14 29.27 -1.77 20.05
C LEU E 14 28.69 -1.21 21.35
N PHE E 15 27.69 -0.34 21.33
CA PHE E 15 27.34 0.39 22.55
C PHE E 15 26.01 -0.07 23.13
N ASP E 16 25.77 0.42 24.35
CA ASP E 16 24.47 0.39 24.99
C ASP E 16 23.92 1.81 24.95
N TYR E 17 22.59 1.95 25.14
CA TYR E 17 21.98 3.24 24.98
C TYR E 17 21.03 3.47 26.15
N SER E 18 21.04 4.70 26.65
CA SER E 18 19.98 5.18 27.53
C SER E 18 18.64 5.17 26.80
N ALA E 19 17.54 5.00 27.53
CA ALA E 19 16.20 5.17 26.98
C ALA E 19 16.05 6.45 26.15
N GLY E 20 16.67 7.54 26.59
CA GLY E 20 16.55 8.80 25.88
C GLY E 20 17.28 8.77 24.55
N GLN E 21 18.57 8.39 24.58
CA GLN E 21 19.31 8.19 23.35
C GLN E 21 18.61 7.19 22.42
N PHE E 22 18.26 6.03 22.96
CA PHE E 22 17.64 5.03 22.14
C PHE E 22 16.35 5.59 21.54
N GLU E 23 15.54 6.31 22.33
CA GLU E 23 14.24 6.70 21.83
C GLU E 23 14.40 7.85 20.81
N PHE E 24 15.36 8.73 21.00
CA PHE E 24 15.64 9.81 20.07
C PHE E 24 15.90 9.24 18.68
N ILE E 25 16.84 8.31 18.60
CA ILE E 25 17.13 7.68 17.34
C ILE E 25 15.88 7.01 16.73
N ASP E 26 15.05 6.36 17.53
CA ASP E 26 13.83 5.81 16.98
C ASP E 26 12.90 6.90 16.46
N HIS E 27 12.86 8.04 17.14
CA HIS E 27 12.06 9.19 16.69
C HIS E 27 12.57 9.73 15.36
N LEU E 28 13.88 9.91 15.21
CA LEU E 28 14.38 10.36 13.93
C LEU E 28 14.08 9.35 12.81
N LEU E 29 14.40 8.08 12.98
CA LEU E 29 14.19 7.16 11.89
C LEU E 29 12.69 7.11 11.54
N THR E 30 11.80 7.15 12.51
CA THR E 30 10.39 7.01 12.16
C THR E 30 9.90 8.21 11.36
N MET E 31 10.43 9.38 11.65
CA MET E 31 9.95 10.58 10.99
C MET E 31 10.38 10.59 9.54
N GLY E 32 11.67 10.30 9.33
CA GLY E 32 12.20 10.09 7.99
C GLY E 32 11.28 9.26 7.11
N VAL E 33 10.79 8.14 7.59
CA VAL E 33 10.00 7.29 6.73
C VAL E 33 8.78 8.04 6.24
N GLY E 34 8.13 8.80 7.10
CA GLY E 34 6.85 9.38 6.70
C GLY E 34 7.00 10.63 5.82
N VAL E 35 8.04 11.43 6.08
CA VAL E 35 8.32 12.55 5.20
C VAL E 35 8.53 12.05 3.77
N HIS E 36 9.29 10.97 3.56
CA HIS E 36 9.52 10.51 2.20
C HIS E 36 8.25 9.97 1.57
N PHE E 37 7.47 9.15 2.26
CA PHE E 37 6.21 8.70 1.64
C PHE E 37 5.23 9.85 1.44
N ALA E 38 5.25 10.87 2.31
CA ALA E 38 4.33 11.97 2.13
C ALA E 38 4.72 12.79 0.89
N ALA E 39 5.96 13.22 0.82
CA ALA E 39 6.45 13.90 -0.36
C ALA E 39 6.10 13.14 -1.65
N LEU E 40 6.13 11.82 -1.64
CA LEU E 40 5.69 11.10 -2.83
C LEU E 40 4.30 11.55 -3.28
N ILE E 41 3.32 11.60 -2.39
CA ILE E 41 1.97 11.95 -2.83
C ILE E 41 1.99 13.34 -3.43
N PHE E 42 2.73 14.26 -2.80
CA PHE E 42 2.72 15.61 -3.32
C PHE E 42 3.30 15.70 -4.72
N PHE E 43 4.44 15.02 -5.00
CA PHE E 43 5.01 15.03 -6.33
C PHE E 43 4.01 14.48 -7.34
N LEU E 44 3.19 13.51 -6.97
CA LEU E 44 2.28 12.95 -7.94
C LEU E 44 1.21 13.99 -8.27
N VAL E 45 0.60 14.60 -7.27
CA VAL E 45 -0.45 15.59 -7.50
C VAL E 45 0.01 16.82 -8.31
N VAL E 46 1.20 17.36 -8.08
CA VAL E 46 1.60 18.55 -8.81
C VAL E 46 2.33 18.21 -10.10
N SER E 47 2.56 16.93 -10.40
CA SER E 47 3.22 16.61 -11.65
C SER E 47 2.42 17.13 -12.85
N GLN E 48 1.10 17.25 -12.69
CA GLN E 48 0.24 17.65 -13.78
C GLN E 48 0.43 19.11 -14.23
N PHE E 49 1.07 19.92 -13.42
CA PHE E 49 1.35 21.28 -13.80
C PHE E 49 2.74 21.40 -14.41
N VAL E 50 3.42 20.32 -14.70
CA VAL E 50 4.72 20.47 -15.30
C VAL E 50 4.57 20.11 -16.77
N ALA E 51 5.15 20.88 -17.67
CA ALA E 51 5.14 20.53 -19.09
C ALA E 51 5.86 19.21 -19.34
N PRO E 52 5.35 18.36 -20.27
CA PRO E 52 5.92 17.04 -20.57
C PRO E 52 7.43 16.99 -20.76
N LYS E 53 7.99 18.02 -21.40
CA LYS E 53 9.43 18.09 -21.61
C LYS E 53 10.19 18.07 -20.28
N TYR E 54 9.57 18.45 -19.16
CA TYR E 54 10.24 18.43 -17.86
C TYR E 54 9.62 17.45 -16.87
N ARG E 55 8.57 16.72 -17.25
CA ARG E 55 7.90 15.83 -16.32
C ARG E 55 8.77 14.66 -15.85
N ILE E 56 9.80 14.31 -16.58
CA ILE E 56 10.70 13.25 -16.16
C ILE E 56 11.40 13.70 -14.87
N ALA E 57 11.69 14.98 -14.73
CA ALA E 57 12.39 15.49 -13.56
C ALA E 57 11.56 15.20 -12.32
N THR E 58 10.24 15.40 -12.43
CA THR E 58 9.35 15.15 -11.32
C THR E 58 9.19 13.65 -11.11
N ALA E 59 9.16 12.86 -12.17
CA ALA E 59 9.03 11.41 -12.01
C ALA E 59 10.23 10.87 -11.24
N LEU E 60 11.44 11.38 -11.56
CA LEU E 60 12.62 11.00 -10.83
C LEU E 60 12.49 11.29 -9.32
N SER E 61 11.87 12.37 -8.91
CA SER E 61 11.67 12.58 -7.49
C SER E 61 10.81 11.47 -6.88
N CYS E 62 9.74 11.06 -7.58
CA CYS E 62 8.93 9.98 -7.05
C CYS E 62 9.78 8.69 -6.87
N ILE E 63 10.65 8.36 -7.82
CA ILE E 63 11.51 7.22 -7.63
C ILE E 63 12.28 7.36 -6.30
N VAL E 64 12.99 8.46 -6.15
CA VAL E 64 13.83 8.64 -4.98
C VAL E 64 12.97 8.61 -3.71
N MET E 65 11.79 9.21 -3.69
CA MET E 65 11.02 9.14 -2.47
C MET E 65 10.70 7.70 -2.07
N VAL E 66 10.30 6.85 -2.99
CA VAL E 66 9.87 5.50 -2.65
C VAL E 66 11.07 4.67 -2.19
N SER E 67 12.14 4.73 -2.97
CA SER E 67 13.34 3.99 -2.65
C SER E 67 13.89 4.35 -1.27
N ALA E 68 14.17 5.62 -1.03
CA ALA E 68 14.65 6.07 0.26
C ALA E 68 13.61 5.81 1.36
N GLY E 69 12.36 6.07 1.11
CA GLY E 69 11.38 5.73 2.13
C GLY E 69 11.47 4.27 2.59
N LEU E 70 11.52 3.31 1.66
CA LEU E 70 11.56 1.90 2.02
C LEU E 70 12.83 1.52 2.77
N ILE E 71 13.97 2.13 2.46
CA ILE E 71 15.19 1.84 3.21
C ILE E 71 14.98 2.34 4.63
N LEU E 72 14.59 3.58 4.79
CA LEU E 72 14.40 4.08 6.13
C LEU E 72 13.48 3.15 6.88
N ASN E 73 12.48 2.60 6.21
CA ASN E 73 11.51 1.83 6.98
C ASN E 73 12.17 0.54 7.50
N SER E 74 13.05 -0.04 6.72
CA SER E 74 13.87 -1.15 7.14
C SER E 74 14.79 -0.77 8.29
N GLN E 75 15.59 0.28 8.16
CA GLN E 75 16.46 0.67 9.25
C GLN E 75 15.63 0.79 10.52
N ALA E 76 14.43 1.33 10.40
CA ALA E 76 13.69 1.65 11.60
C ALA E 76 13.24 0.38 12.31
N VAL E 77 12.82 -0.60 11.54
CA VAL E 77 12.46 -1.90 12.10
C VAL E 77 13.66 -2.62 12.70
N MET E 78 14.79 -2.58 11.99
CA MET E 78 15.99 -3.22 12.45
C MET E 78 16.40 -2.64 13.80
N TRP E 79 16.24 -1.34 14.01
CA TRP E 79 16.71 -0.71 15.23
C TRP E 79 15.97 -1.23 16.44
N THR E 80 14.67 -1.35 16.28
CA THR E 80 13.88 -1.79 17.41
C THR E 80 14.06 -3.31 17.61
N ASP E 81 14.40 -4.05 16.55
CA ASP E 81 14.57 -5.50 16.61
C ASP E 81 15.94 -5.90 17.13
N ALA E 82 16.95 -5.08 16.90
CA ALA E 82 18.28 -5.44 17.34
C ALA E 82 18.47 -5.22 18.84
N TYR E 83 17.67 -4.37 19.48
CA TYR E 83 17.96 -4.03 20.88
C TYR E 83 16.75 -4.26 21.78
N ALA E 84 17.04 -4.54 23.06
CA ALA E 84 16.00 -4.69 24.08
C ALA E 84 16.41 -3.96 25.32
N TYR E 85 15.40 -3.51 26.06
CA TYR E 85 15.63 -2.78 27.30
C TYR E 85 15.81 -3.80 28.44
N VAL E 86 16.98 -3.81 29.06
CA VAL E 86 17.35 -4.89 29.97
C VAL E 86 18.32 -4.30 30.98
N ASP E 87 17.84 -4.17 32.23
CA ASP E 87 18.59 -3.59 33.33
C ASP E 87 18.83 -2.10 33.06
N GLY E 88 17.76 -1.38 32.72
CA GLY E 88 17.81 0.08 32.59
C GLY E 88 18.71 0.59 31.46
N SER E 89 18.99 -0.25 30.45
CA SER E 89 19.60 0.25 29.23
C SER E 89 19.19 -0.64 28.06
N TYR E 90 19.32 -0.08 26.86
CA TYR E 90 19.07 -0.83 25.65
C TYR E 90 20.35 -1.54 25.30
N GLN E 91 20.28 -2.85 25.04
CA GLN E 91 21.45 -3.63 24.68
C GLN E 91 21.16 -4.55 23.50
N LEU E 92 22.20 -4.86 22.74
CA LEU E 92 22.08 -5.66 21.55
C LEU E 92 21.61 -7.07 21.89
N GLN E 93 20.91 -7.71 20.93
CA GLN E 93 20.26 -8.99 21.14
C GLN E 93 20.09 -9.82 19.88
N ASP E 94 21.04 -10.68 19.48
CA ASP E 94 20.77 -11.76 18.51
C ASP E 94 20.65 -11.33 17.05
N LEU E 95 20.58 -10.03 16.79
CA LEU E 95 20.65 -9.44 15.46
C LEU E 95 21.65 -8.29 15.57
N THR E 96 22.20 -7.81 14.45
CA THR E 96 23.11 -6.67 14.48
C THR E 96 22.49 -5.51 13.67
N PHE E 97 23.03 -4.31 13.86
CA PHE E 97 22.55 -3.12 13.19
C PHE E 97 23.69 -2.54 12.36
N SER E 98 23.43 -2.20 11.08
CA SER E 98 24.40 -1.55 10.23
C SER E 98 23.78 -0.40 9.44
N ASN E 99 24.65 0.44 8.84
CA ASN E 99 24.21 1.52 7.98
C ASN E 99 24.38 1.15 6.51
N GLY E 100 25.03 0.04 6.21
CA GLY E 100 25.31 -0.28 4.82
C GLY E 100 24.07 -0.32 3.96
N TYR E 101 22.87 -0.48 4.56
CA TYR E 101 21.64 -0.31 3.83
C TYR E 101 21.64 0.97 3.02
N ARG E 102 22.03 2.09 3.64
CA ARG E 102 22.03 3.37 2.96
C ARG E 102 22.97 3.32 1.78
N TYR E 103 24.19 2.85 2.05
CA TYR E 103 25.21 2.92 1.03
C TYR E 103 24.70 2.25 -0.23
N VAL E 104 24.19 1.03 -0.09
CA VAL E 104 23.81 0.28 -1.28
C VAL E 104 22.66 0.98 -1.98
N ASN E 105 21.76 1.58 -1.24
CA ASN E 105 20.67 2.30 -1.86
C ASN E 105 21.09 3.55 -2.66
N TRP E 106 22.08 4.33 -2.22
CA TRP E 106 22.67 5.37 -3.05
C TRP E 106 23.05 4.91 -4.47
N MET E 107 23.41 3.64 -4.68
CA MET E 107 23.75 3.23 -6.03
C MET E 107 22.61 3.53 -7.01
N ALA E 108 21.37 3.56 -6.51
CA ALA E 108 20.22 3.87 -7.35
C ALA E 108 19.78 5.35 -7.23
N THR E 109 19.78 5.90 -6.02
CA THR E 109 19.17 7.22 -5.87
C THR E 109 20.09 8.35 -6.29
N ILE E 110 21.42 8.25 -6.14
CA ILE E 110 22.28 9.36 -6.52
C ILE E 110 22.17 9.66 -8.02
N PRO E 111 22.22 8.66 -8.91
CA PRO E 111 21.90 8.88 -10.32
C PRO E 111 20.60 9.67 -10.52
N CYS E 112 19.50 9.25 -9.88
CA CYS E 112 18.23 9.94 -10.01
C CYS E 112 18.34 11.41 -9.62
N LEU E 113 18.94 11.71 -8.48
CA LEU E 113 19.11 13.10 -8.11
C LEU E 113 19.87 13.87 -9.17
N LEU E 114 20.90 13.27 -9.77
CA LEU E 114 21.76 14.05 -10.68
C LEU E 114 21.05 14.24 -12.02
N LEU E 115 20.35 13.21 -12.47
CA LEU E 115 19.65 13.33 -13.73
C LEU E 115 18.55 14.40 -13.63
N GLN E 116 17.84 14.51 -12.52
CA GLN E 116 16.78 15.52 -12.50
C GLN E 116 17.34 16.95 -12.56
N LEU E 117 18.56 17.21 -12.11
CA LEU E 117 19.16 18.52 -12.28
C LEU E 117 19.52 18.80 -13.75
N LEU E 118 20.13 17.84 -14.44
CA LEU E 118 20.45 18.05 -15.84
C LEU E 118 19.18 18.36 -16.65
N ILE E 119 18.06 17.68 -16.38
CA ILE E 119 16.85 17.90 -17.15
C ILE E 119 16.38 19.35 -17.03
N VAL E 120 16.36 19.91 -15.82
CA VAL E 120 15.84 21.26 -15.72
C VAL E 120 16.89 22.28 -16.16
N LEU E 121 18.18 21.91 -16.23
CA LEU E 121 19.19 22.80 -16.78
C LEU E 121 19.03 22.87 -18.29
N ASN E 122 18.10 22.08 -18.82
CA ASN E 122 17.80 22.10 -20.24
C ASN E 122 18.89 21.46 -21.11
N LEU E 123 19.72 20.56 -20.56
CA LEU E 123 20.64 19.83 -21.43
C LEU E 123 19.79 18.92 -22.31
N LYS E 124 20.32 18.62 -23.51
CA LYS E 124 19.64 17.75 -24.45
C LYS E 124 20.64 16.87 -25.21
N GLY E 125 20.14 15.71 -25.65
CA GLY E 125 20.85 14.81 -26.54
C GLY E 125 22.25 14.43 -26.06
N LYS E 126 23.21 14.49 -26.99
CA LYS E 126 24.57 14.05 -26.77
C LYS E 126 25.07 14.57 -25.43
N GLU E 127 24.83 15.86 -25.17
CA GLU E 127 25.39 16.50 -23.99
C GLU E 127 24.72 15.91 -22.76
N LEU E 128 23.40 15.67 -22.86
CA LEU E 128 22.69 15.02 -21.78
C LEU E 128 23.32 13.65 -21.54
N PHE E 129 23.29 12.77 -22.55
CA PHE E 129 23.70 11.39 -22.35
C PHE E 129 25.16 11.32 -21.91
N SER E 130 26.02 12.24 -22.39
CA SER E 130 27.43 12.16 -22.04
C SER E 130 27.61 12.50 -20.57
N THR E 131 27.07 13.65 -20.15
CA THR E 131 27.22 14.09 -18.77
C THR E 131 26.59 13.05 -17.84
N ALA E 132 25.42 12.53 -18.20
CA ALA E 132 24.76 11.49 -17.41
C ALA E 132 25.73 10.34 -17.14
N THR E 133 26.29 9.76 -18.21
CA THR E 133 27.28 8.70 -18.05
C THR E 133 28.45 9.05 -17.12
N TRP E 134 29.09 10.21 -17.29
CA TRP E 134 30.23 10.50 -16.44
C TRP E 134 29.81 10.65 -14.99
N LEU E 135 28.66 11.30 -14.74
CA LEU E 135 28.20 11.54 -13.38
C LEU E 135 27.86 10.21 -12.70
N ILE E 136 27.17 9.34 -13.43
CA ILE E 136 26.82 8.05 -12.84
C ILE E 136 28.07 7.26 -12.48
N LEU E 137 29.05 7.10 -13.39
CA LEU E 137 30.26 6.36 -13.04
C LEU E 137 31.03 7.06 -11.91
N ALA E 138 31.17 8.36 -11.95
CA ALA E 138 31.84 8.94 -10.80
C ALA E 138 31.09 8.52 -9.52
N ALA E 139 29.74 8.57 -9.52
CA ALA E 139 28.98 8.33 -8.29
C ALA E 139 29.12 6.88 -7.82
N TRP E 140 28.94 5.92 -8.72
CA TRP E 140 29.22 4.55 -8.37
C TRP E 140 30.61 4.41 -7.77
N GLY E 141 31.58 5.14 -8.30
CA GLY E 141 32.93 5.13 -7.77
C GLY E 141 32.97 5.57 -6.32
N MET E 142 32.40 6.75 -6.06
CA MET E 142 32.32 7.28 -4.70
C MET E 142 31.64 6.29 -3.74
N ILE E 143 30.61 5.58 -4.19
CA ILE E 143 29.74 4.85 -3.28
C ILE E 143 30.41 3.52 -2.95
N ILE E 144 30.86 2.81 -3.98
CA ILE E 144 31.53 1.52 -3.77
C ILE E 144 32.76 1.67 -2.89
N THR E 145 33.60 2.70 -3.09
CA THR E 145 34.75 2.84 -2.24
C THR E 145 34.32 3.27 -0.85
N GLY E 146 33.26 4.06 -0.72
CA GLY E 146 32.74 4.37 0.61
C GLY E 146 32.30 3.11 1.37
N TYR E 147 31.65 2.18 0.66
CA TYR E 147 31.05 1.05 1.33
C TYR E 147 32.16 0.19 1.93
N VAL E 148 33.18 -0.10 1.12
CA VAL E 148 34.37 -0.80 1.57
C VAL E 148 35.02 -0.09 2.76
N GLY E 149 35.40 1.17 2.60
CA GLY E 149 35.82 1.95 3.75
C GLY E 149 35.05 1.61 5.03
N GLN E 150 33.71 1.69 5.03
CA GLN E 150 32.96 1.75 6.30
C GLN E 150 32.95 0.37 6.97
N LEU E 151 33.37 -0.67 6.21
CA LEU E 151 33.68 -1.98 6.78
C LEU E 151 34.89 -1.98 7.72
N TYR E 152 35.63 -0.87 7.88
CA TYR E 152 36.74 -0.85 8.81
C TYR E 152 36.49 0.09 9.99
N GLU E 153 35.25 0.43 10.28
CA GLU E 153 35.06 1.51 11.22
C GLU E 153 35.37 1.04 12.65
N VAL E 154 35.25 -0.28 12.88
CA VAL E 154 35.49 -0.86 14.19
C VAL E 154 36.94 -1.30 14.28
N ASP E 155 37.41 -2.02 13.26
CA ASP E 155 38.75 -2.61 13.25
C ASP E 155 39.82 -1.55 12.96
N ASP E 156 39.87 -1.02 11.73
CA ASP E 156 41.08 -0.37 11.24
C ASP E 156 40.86 1.06 10.73
N ILE E 157 40.79 2.04 11.64
CA ILE E 157 40.51 3.43 11.28
C ILE E 157 41.47 3.97 10.22
N ALA E 158 42.68 3.42 10.14
CA ALA E 158 43.58 3.77 9.06
C ALA E 158 42.89 3.48 7.73
N GLN E 159 42.45 2.23 7.55
CA GLN E 159 41.79 1.77 6.33
C GLN E 159 40.54 2.62 6.05
N LEU E 160 39.75 2.91 7.09
CA LEU E 160 38.64 3.83 6.94
C LEU E 160 39.08 5.08 6.18
N MET E 161 40.09 5.79 6.68
CA MET E 161 40.53 7.03 6.09
C MET E 161 41.16 6.80 4.70
N ILE E 162 41.71 5.63 4.44
CA ILE E 162 42.34 5.50 3.15
C ILE E 162 41.25 5.48 2.11
N TRP E 163 40.27 4.57 2.30
CA TRP E 163 39.20 4.44 1.34
C TRP E 163 38.34 5.71 1.33
N GLY E 164 38.23 6.36 2.49
CA GLY E 164 37.67 7.69 2.58
C GLY E 164 38.19 8.61 1.48
N ALA E 165 39.53 8.61 1.33
CA ALA E 165 40.23 9.60 0.53
C ALA E 165 39.96 9.34 -0.94
N VAL E 166 40.05 8.08 -1.32
CA VAL E 166 39.63 7.67 -2.65
C VAL E 166 38.17 8.06 -2.90
N SER E 167 37.27 7.73 -1.96
CA SER E 167 35.87 8.06 -2.17
C SER E 167 35.75 9.56 -2.47
N THR E 168 36.38 10.39 -1.60
CA THR E 168 36.33 11.83 -1.78
C THR E 168 36.94 12.31 -3.11
N ALA E 169 37.89 11.57 -3.70
CA ALA E 169 38.35 11.93 -5.02
C ALA E 169 37.16 12.02 -5.95
N PHE E 170 36.46 10.90 -6.13
CA PHE E 170 35.27 10.83 -6.99
C PHE E 170 34.24 11.92 -6.63
N PHE E 171 34.04 12.19 -5.35
CA PHE E 171 33.17 13.27 -4.97
C PHE E 171 33.56 14.55 -5.72
N VAL E 172 34.84 14.91 -5.66
CA VAL E 172 35.28 16.21 -6.14
C VAL E 172 35.07 16.33 -7.64
N VAL E 173 35.45 15.29 -8.38
CA VAL E 173 35.11 15.24 -9.80
C VAL E 173 33.62 15.50 -10.02
N MET E 174 32.77 14.80 -9.28
CA MET E 174 31.34 14.88 -9.48
C MET E 174 30.90 16.31 -9.16
N ASN E 175 31.36 16.89 -8.04
CA ASN E 175 30.92 18.25 -7.72
C ASN E 175 31.38 19.20 -8.81
N TRP E 176 32.52 18.90 -9.41
CA TRP E 176 33.12 19.79 -10.38
C TRP E 176 32.24 19.86 -11.60
N ILE E 177 32.11 18.74 -12.32
CA ILE E 177 31.12 18.61 -13.38
C ILE E 177 29.75 19.27 -13.07
N VAL E 178 29.18 19.04 -11.91
CA VAL E 178 27.87 19.60 -11.68
C VAL E 178 27.97 21.13 -11.74
N GLY E 179 28.91 21.71 -11.02
CA GLY E 179 29.01 23.16 -10.95
C GLY E 179 29.32 23.75 -12.35
N THR E 180 30.21 23.10 -13.10
CA THR E 180 30.47 23.52 -14.46
C THR E 180 29.13 23.70 -15.16
N LYS E 181 28.35 22.63 -15.27
CA LYS E 181 27.12 22.64 -16.03
C LYS E 181 26.19 23.71 -15.49
N ILE E 182 26.13 23.89 -14.18
CA ILE E 182 25.15 24.80 -13.64
C ILE E 182 25.47 26.21 -14.10
N PHE E 183 26.74 26.59 -13.94
CA PHE E 183 27.14 27.98 -14.08
C PHE E 183 27.24 28.32 -15.58
N LYS E 184 27.54 27.31 -16.39
CA LYS E 184 27.49 27.44 -17.84
C LYS E 184 26.06 27.55 -18.39
N ASN E 185 25.04 26.97 -17.72
CA ASN E 185 23.69 26.93 -18.30
C ASN E 185 22.70 27.85 -17.58
N ARG E 186 23.14 28.53 -16.53
CA ARG E 186 22.26 29.34 -15.72
C ARG E 186 21.55 30.42 -16.53
N ALA E 187 22.17 30.84 -17.64
CA ALA E 187 21.72 32.03 -18.34
C ALA E 187 20.54 31.72 -19.27
N THR E 188 20.54 30.48 -19.78
CA THR E 188 19.48 29.95 -20.63
C THR E 188 18.21 29.63 -19.82
N MET E 189 18.22 29.77 -18.50
CA MET E 189 17.10 29.35 -17.69
C MET E 189 15.94 30.32 -17.84
N LEU E 190 14.72 29.77 -17.93
CA LEU E 190 13.50 30.54 -18.15
C LEU E 190 12.82 30.92 -16.85
N GLY E 191 11.90 31.89 -16.96
CA GLY E 191 11.00 32.27 -15.88
C GLY E 191 11.69 32.82 -14.62
N GLY E 192 12.94 33.27 -14.77
CA GLY E 192 13.68 33.82 -13.65
C GLY E 192 14.15 32.75 -12.67
N THR E 193 14.60 31.61 -13.21
CA THR E 193 14.96 30.48 -12.38
C THR E 193 16.48 30.40 -12.25
N ASP E 194 17.20 31.28 -12.95
CA ASP E 194 18.63 31.49 -12.79
C ASP E 194 18.98 31.81 -11.33
N SER E 195 18.17 32.65 -10.67
CA SER E 195 18.30 32.86 -9.24
C SER E 195 18.09 31.53 -8.51
N THR E 196 17.00 30.83 -8.83
CA THR E 196 16.62 29.67 -8.04
C THR E 196 17.68 28.58 -8.22
N ILE E 197 18.20 28.41 -9.43
CA ILE E 197 19.08 27.29 -9.64
C ILE E 197 20.33 27.44 -8.78
N THR E 198 20.67 28.68 -8.42
CA THR E 198 21.90 28.92 -7.69
C THR E 198 21.69 28.49 -6.23
N LYS E 199 20.57 28.90 -5.64
CA LYS E 199 20.14 28.37 -4.36
C LYS E 199 20.17 26.83 -4.34
N VAL E 200 19.65 26.19 -5.36
CA VAL E 200 19.73 24.74 -5.40
C VAL E 200 21.18 24.30 -5.22
N PHE E 201 22.09 24.81 -6.05
CA PHE E 201 23.49 24.40 -5.95
C PHE E 201 24.08 24.58 -4.55
N TRP E 202 23.67 25.65 -3.87
CA TRP E 202 24.12 25.79 -2.50
C TRP E 202 23.56 24.68 -1.64
N LEU E 203 22.23 24.53 -1.63
CA LEU E 203 21.56 23.48 -0.87
C LEU E 203 22.31 22.17 -1.05
N MET E 204 22.60 21.84 -2.30
CA MET E 204 23.31 20.61 -2.60
C MET E 204 24.63 20.54 -1.83
N MET E 205 25.42 21.61 -1.88
CA MET E 205 26.75 21.61 -1.28
C MET E 205 26.63 21.32 0.21
N PHE E 206 25.80 22.08 0.93
CA PHE E 206 25.56 21.80 2.33
C PHE E 206 25.08 20.35 2.52
N ALA E 207 23.92 20.01 2.00
CA ALA E 207 23.35 18.72 2.33
C ALA E 207 24.33 17.60 1.95
N TRP E 208 24.98 17.67 0.77
CA TRP E 208 25.77 16.52 0.37
C TRP E 208 26.99 16.35 1.25
N THR E 209 27.38 17.40 1.97
CA THR E 209 28.61 17.34 2.74
C THR E 209 28.38 16.60 4.06
N LEU E 210 27.20 16.78 4.66
CA LEU E 210 26.88 16.07 5.89
C LEU E 210 27.24 14.56 5.75
N TYR E 211 27.11 13.97 4.58
CA TYR E 211 27.32 12.54 4.51
C TYR E 211 28.76 12.21 4.91
N PRO E 212 29.80 12.72 4.23
CA PRO E 212 31.17 12.41 4.64
C PRO E 212 31.52 12.80 6.09
N ILE E 213 30.90 13.86 6.63
CA ILE E 213 31.03 14.05 8.07
C ILE E 213 30.51 12.84 8.84
N ALA E 214 29.25 12.44 8.65
CA ALA E 214 28.74 11.21 9.26
C ALA E 214 29.69 10.04 9.09
N TYR E 215 30.35 9.94 7.93
CA TYR E 215 31.26 8.82 7.72
C TYR E 215 32.46 8.87 8.65
N LEU E 216 32.85 10.06 9.09
CA LEU E 216 34.00 10.18 9.98
C LEU E 216 33.70 10.11 11.47
N VAL E 217 32.46 10.18 11.92
CA VAL E 217 32.22 10.12 13.36
C VAL E 217 33.01 9.02 14.06
N PRO E 218 33.09 7.76 13.58
CA PRO E 218 33.91 6.77 14.27
C PRO E 218 35.29 7.29 14.63
N ALA E 219 35.89 8.09 13.75
CA ALA E 219 37.24 8.62 13.92
C ALA E 219 37.34 9.71 15.00
N PHE E 220 36.35 10.59 15.11
CA PHE E 220 36.36 11.64 16.12
C PHE E 220 35.27 11.54 17.20
N MET E 221 34.39 10.51 17.21
CA MET E 221 33.49 10.32 18.38
C MET E 221 33.00 8.89 18.54
N ASN E 222 33.89 7.98 18.94
CA ASN E 222 33.57 6.56 19.02
C ASN E 222 32.84 6.27 20.34
N ASN E 223 31.56 6.62 20.39
CA ASN E 223 30.70 6.35 21.53
C ASN E 223 29.25 6.66 21.17
N ALA E 224 28.34 6.34 22.09
CA ALA E 224 26.91 6.37 21.86
C ALA E 224 26.42 7.76 21.51
N ASP E 225 27.09 8.81 22.00
CA ASP E 225 26.74 10.15 21.56
C ASP E 225 27.17 10.36 20.10
N GLY E 226 28.31 9.84 19.70
CA GLY E 226 28.64 9.83 18.28
C GLY E 226 27.52 9.15 17.49
N VAL E 227 27.08 8.00 17.97
CA VAL E 227 26.07 7.25 17.26
C VAL E 227 24.83 8.12 17.14
N VAL E 228 24.50 8.85 18.19
CA VAL E 228 23.31 9.67 18.10
C VAL E 228 23.49 10.75 17.04
N LEU E 229 24.67 11.33 17.00
CA LEU E 229 24.98 12.40 16.06
C LEU E 229 24.93 11.88 14.63
N ARG E 230 25.61 10.77 14.35
CA ARG E 230 25.53 10.24 13.02
C ARG E 230 24.06 10.05 12.58
N GLN E 231 23.20 9.46 13.39
CA GLN E 231 21.84 9.25 12.95
C GLN E 231 21.13 10.59 12.71
N LEU E 232 21.39 11.59 13.54
CA LEU E 232 20.80 12.90 13.28
C LEU E 232 21.31 13.52 11.97
N LEU E 233 22.61 13.45 11.71
CA LEU E 233 23.17 13.97 10.46
C LEU E 233 22.52 13.30 9.27
N PHE E 234 22.46 11.95 9.26
CA PHE E 234 21.80 11.26 8.17
C PHE E 234 20.37 11.77 8.02
N THR E 235 19.66 12.05 9.10
CA THR E 235 18.28 12.43 8.94
C THR E 235 18.16 13.78 8.25
N ILE E 236 18.86 14.77 8.75
CA ILE E 236 18.85 16.08 8.09
C ILE E 236 19.35 15.98 6.66
N ALA E 237 20.48 15.30 6.42
CA ALA E 237 20.97 15.19 5.06
C ALA E 237 19.94 14.54 4.12
N ASP E 238 19.17 13.54 4.59
CA ASP E 238 18.20 12.91 3.70
C ASP E 238 17.06 13.87 3.39
N ILE E 239 16.53 14.56 4.40
CA ILE E 239 15.44 15.48 4.15
C ILE E 239 15.88 16.67 3.26
N SER E 240 17.08 17.19 3.46
CA SER E 240 17.63 18.23 2.59
C SER E 240 17.96 17.73 1.19
N SER E 241 18.70 16.65 1.07
CA SER E 241 19.21 16.26 -0.24
C SER E 241 18.11 15.62 -1.11
N LYS E 242 16.98 15.20 -0.54
CA LYS E 242 16.03 14.46 -1.36
C LYS E 242 14.69 15.19 -1.40
N VAL E 243 14.13 15.49 -0.24
CA VAL E 243 12.81 16.10 -0.21
C VAL E 243 12.88 17.59 -0.56
N ILE E 244 13.70 18.36 0.13
CA ILE E 244 13.74 19.79 -0.14
C ILE E 244 14.33 20.05 -1.51
N TYR E 245 15.39 19.35 -1.88
CA TYR E 245 15.87 19.51 -3.26
C TYR E 245 14.83 19.12 -4.30
N GLY E 246 14.08 18.06 -4.06
CA GLY E 246 13.02 17.72 -4.97
C GLY E 246 11.96 18.83 -5.09
N LEU E 247 11.58 19.47 -3.99
CA LEU E 247 10.65 20.58 -4.06
C LEU E 247 11.22 21.76 -4.85
N MET E 248 12.50 22.04 -4.71
CA MET E 248 13.10 23.09 -5.51
C MET E 248 13.17 22.75 -6.99
N ILE E 249 13.61 21.55 -7.36
CA ILE E 249 13.59 21.15 -8.76
C ILE E 249 12.17 21.25 -9.35
N THR E 250 11.16 20.80 -8.63
CA THR E 250 9.83 20.84 -9.18
C THR E 250 9.38 22.29 -9.40
N TYR E 251 9.66 23.15 -8.44
CA TYR E 251 9.29 24.54 -8.57
C TYR E 251 10.04 25.19 -9.75
N ILE E 252 11.33 24.96 -9.90
CA ILE E 252 11.98 25.39 -11.10
C ILE E 252 11.31 24.85 -12.37
N ALA E 253 10.92 23.58 -12.40
CA ALA E 253 10.30 23.04 -13.60
C ALA E 253 8.93 23.70 -13.91
N ILE E 254 8.16 24.06 -12.90
CA ILE E 254 6.88 24.69 -13.13
C ILE E 254 7.08 26.12 -13.64
N GLN E 255 8.02 26.85 -13.06
CA GLN E 255 8.36 28.18 -13.54
C GLN E 255 8.74 28.16 -15.03
N GLN E 256 9.69 27.32 -15.41
CA GLN E 256 10.05 27.21 -16.81
C GLN E 256 8.93 26.69 -17.69
N SER E 257 8.04 25.84 -17.17
CA SER E 257 6.94 25.35 -17.97
C SER E 257 6.05 26.51 -18.37
N ALA E 258 5.85 27.41 -17.43
CA ALA E 258 4.87 28.48 -17.63
C ALA E 258 5.44 29.47 -18.64
N ALA E 259 6.73 29.78 -18.47
CA ALA E 259 7.45 30.64 -19.40
C ALA E 259 7.35 30.11 -20.83
N ALA E 260 7.44 28.79 -21.00
CA ALA E 260 7.30 28.17 -22.30
C ALA E 260 5.83 28.11 -22.76
N GLY E 261 4.91 28.63 -21.96
CA GLY E 261 3.52 28.68 -22.36
C GLY E 261 2.75 27.39 -22.21
N TYR E 262 3.02 26.63 -21.13
CA TYR E 262 2.16 25.51 -20.78
C TYR E 262 1.08 26.04 -19.84
N VAL E 263 -0.17 25.83 -20.21
CA VAL E 263 -1.23 26.58 -19.58
C VAL E 263 -1.42 26.12 -18.15
N PRO E 264 -1.57 24.79 -17.90
CA PRO E 264 -1.67 24.29 -16.53
C PRO E 264 -0.64 24.90 -15.60
N ALA E 265 0.61 25.03 -16.08
CA ALA E 265 1.61 25.72 -15.28
C ALA E 265 1.21 27.16 -15.03
N GLN E 266 0.76 27.88 -16.09
CA GLN E 266 0.41 29.28 -15.99
C GLN E 266 -0.75 29.46 -15.00
N GLN E 267 -1.80 28.64 -15.16
CA GLN E 267 -2.88 28.62 -14.18
C GLN E 267 -2.37 28.35 -12.75
N ALA E 268 -1.55 27.29 -12.57
CA ALA E 268 -1.07 26.94 -11.25
C ALA E 268 -0.39 28.14 -10.60
N LEU E 269 0.15 29.07 -11.40
CA LEU E 269 0.81 30.23 -10.81
C LEU E 269 -0.08 31.48 -10.81
N GLY E 270 -1.29 31.41 -11.38
CA GLY E 270 -2.12 32.58 -11.59
C GLY E 270 -2.06 33.05 -13.05
#